data_1KH1
#
_entry.id   1KH1
#
_cell.length_a   228.41
_cell.length_b   228.41
_cell.length_c   161.53
_cell.angle_alpha   90
_cell.angle_beta   90
_cell.angle_gamma   120
#
_symmetry.space_group_name_H-M   'H 3'
#
loop_
_entity.id
_entity.type
_entity.pdbx_description
1 polymer 'Argininosuccinate Synthetase'
2 non-polymer 'SULFATE ION'
3 water water
#
_entity_poly.entity_id   1
_entity_poly.type   'polypeptide(L)'
_entity_poly.pdbx_seq_one_letter_code
;MKIVLAYSGGLDTSIILKWLKETYRAEVIAFTADIGQGEEVEEAREKALRTGASKAIALDLKEEFVRDFVFPMMRAGAVY
EGYYLLGTSIARPLIAKHLVRIAEEEGAEAIAHGATGKGNDQVRFELTAYALKPDIKVIAPWREWSFQGRKEMIAYAEAH
GIPVPVTQEKPYSMDANLLHISYEGGVLEDPWAEPPKGMFRMTQDPEEAPDAPEYVEVEFFEGDPVAVNGERLSPAALLQ
RLNEIGGRHGVGRVDIVENRFVGMKSRGVYETPGGTILYHARRAVESLTLDREVLHQRDMLSPKYAELVYYGFWYAPERE
ALQAYFDHVARSVTGVARLKLYKGNVYVVGRKAPKSLYRQDLVSFDEAGGYDQKDAEGFIKIQALRLRVRALVEREGHGA
;
_entity_poly.pdbx_strand_id   A,B,C,D
#
# COMPACT_ATOMS: atom_id res chain seq x y z
N MET A 1 -8.40 21.54 -43.74
CA MET A 1 -8.25 20.93 -42.39
C MET A 1 -9.22 19.77 -42.18
N LYS A 2 -8.72 18.66 -41.65
CA LYS A 2 -9.55 17.48 -41.39
C LYS A 2 -9.67 17.21 -39.89
N ILE A 3 -10.80 16.64 -39.50
CA ILE A 3 -11.05 16.33 -38.11
C ILE A 3 -11.76 14.98 -38.03
N VAL A 4 -11.20 14.05 -37.27
CA VAL A 4 -11.83 12.75 -37.10
C VAL A 4 -12.73 12.87 -35.88
N LEU A 5 -13.99 12.50 -36.04
CA LEU A 5 -14.98 12.60 -34.98
C LEU A 5 -15.59 11.28 -34.53
N ALA A 6 -15.67 11.09 -33.21
CA ALA A 6 -16.29 9.89 -32.67
C ALA A 6 -17.78 10.17 -32.88
N TYR A 7 -18.36 9.49 -33.88
CA TYR A 7 -19.76 9.68 -34.25
C TYR A 7 -20.61 8.47 -33.85
N SER A 8 -21.69 8.73 -33.14
CA SER A 8 -22.57 7.65 -32.70
C SER A 8 -23.89 7.61 -33.45
N GLY A 9 -24.14 8.64 -34.25
CA GLY A 9 -25.38 8.71 -35.01
C GLY A 9 -26.47 9.47 -34.28
N GLY A 10 -26.26 9.72 -32.99
CA GLY A 10 -27.26 10.42 -32.18
C GLY A 10 -27.47 11.87 -32.59
N LEU A 11 -28.31 12.57 -31.82
CA LEU A 11 -28.62 13.97 -32.09
C LEU A 11 -27.44 14.90 -31.84
N ASP A 12 -26.75 14.70 -30.72
CA ASP A 12 -25.63 15.56 -30.37
C ASP A 12 -24.39 15.38 -31.24
N THR A 13 -23.96 14.14 -31.48
CA THR A 13 -22.79 13.99 -32.34
C THR A 13 -23.10 14.43 -33.76
N SER A 14 -24.38 14.43 -34.13
CA SER A 14 -24.79 14.86 -35.46
C SER A 14 -24.71 16.38 -35.52
N ILE A 15 -25.20 17.01 -34.46
CA ILE A 15 -25.16 18.47 -34.33
C ILE A 15 -23.70 18.90 -34.33
N ILE A 16 -22.87 18.11 -33.65
CA ILE A 16 -21.44 18.38 -33.54
C ILE A 16 -20.76 18.28 -34.88
N LEU A 17 -21.18 17.32 -35.70
CA LEU A 17 -20.58 17.16 -37.01
C LEU A 17 -20.83 18.43 -37.83
N LYS A 18 -22.04 18.98 -37.74
CA LYS A 18 -22.36 20.20 -38.47
C LYS A 18 -21.56 21.37 -37.91
N TRP A 19 -21.55 21.47 -36.59
CA TRP A 19 -20.82 22.52 -35.89
C TRP A 19 -19.34 22.57 -36.28
N LEU A 20 -18.70 21.40 -36.36
CA LEU A 20 -17.28 21.33 -36.71
C LEU A 20 -17.02 21.85 -38.12
N LYS A 21 -17.85 21.44 -39.08
CA LYS A 21 -17.69 21.86 -40.47
C LYS A 21 -17.75 23.37 -40.56
N GLU A 22 -18.76 23.94 -39.91
CA GLU A 22 -18.97 25.38 -39.92
C GLU A 22 -17.91 26.14 -39.11
N THR A 23 -17.74 25.75 -37.85
CA THR A 23 -16.79 26.42 -36.97
C THR A 23 -15.33 26.33 -37.41
N TYR A 24 -14.91 25.17 -37.88
CA TYR A 24 -13.52 25.05 -38.30
C TYR A 24 -13.36 24.96 -39.81
N ARG A 25 -14.47 25.11 -40.53
CA ARG A 25 -14.45 25.03 -41.98
C ARG A 25 -13.60 23.82 -42.31
N ALA A 26 -13.93 22.71 -41.65
CA ALA A 26 -13.18 21.49 -41.83
C ALA A 26 -13.92 20.34 -42.45
N GLU A 27 -13.15 19.45 -43.04
CA GLU A 27 -13.68 18.25 -43.64
C GLU A 27 -13.74 17.25 -42.47
N VAL A 28 -14.94 16.76 -42.14
CA VAL A 28 -15.11 15.84 -41.02
C VAL A 28 -15.24 14.36 -41.38
N ILE A 29 -14.31 13.57 -40.86
CA ILE A 29 -14.30 12.13 -41.06
C ILE A 29 -14.97 11.49 -39.84
N ALA A 30 -16.12 10.87 -40.04
CA ALA A 30 -16.86 10.25 -38.96
C ALA A 30 -16.39 8.84 -38.66
N PHE A 31 -16.35 8.50 -37.38
CA PHE A 31 -15.93 7.17 -36.97
C PHE A 31 -16.92 6.61 -35.96
N THR A 32 -17.47 5.44 -36.30
CA THR A 32 -18.41 4.77 -35.42
C THR A 32 -17.84 3.39 -35.22
N ALA A 33 -17.85 2.93 -33.97
CA ALA A 33 -17.32 1.60 -33.68
C ALA A 33 -18.35 0.73 -32.99
N ASP A 34 -18.39 -0.53 -33.39
CA ASP A 34 -19.32 -1.45 -32.77
C ASP A 34 -18.56 -2.19 -31.67
N ILE A 35 -18.88 -1.86 -30.41
CA ILE A 35 -18.25 -2.50 -29.26
C ILE A 35 -19.33 -3.19 -28.42
N GLY A 36 -20.47 -3.48 -29.07
CA GLY A 36 -21.55 -4.16 -28.37
C GLY A 36 -22.69 -3.27 -27.92
N GLN A 37 -22.88 -2.12 -28.54
CA GLN A 37 -23.97 -1.21 -28.15
C GLN A 37 -25.34 -1.77 -28.55
N GLY A 38 -25.37 -2.71 -29.49
CA GLY A 38 -26.64 -3.24 -29.92
C GLY A 38 -27.32 -2.36 -30.97
N GLU A 39 -26.52 -1.58 -31.69
CA GLU A 39 -27.02 -0.69 -32.75
C GLU A 39 -26.42 -1.18 -34.06
N GLU A 40 -26.99 -0.76 -35.19
CA GLU A 40 -26.44 -1.17 -36.48
C GLU A 40 -25.49 -0.05 -36.91
N VAL A 41 -24.23 -0.19 -36.51
CA VAL A 41 -23.22 0.79 -36.81
C VAL A 41 -23.23 1.31 -38.25
N GLU A 42 -23.65 0.47 -39.20
CA GLU A 42 -23.71 0.89 -40.60
C GLU A 42 -24.74 2.00 -40.84
N GLU A 43 -25.77 2.06 -40.00
CA GLU A 43 -26.78 3.10 -40.16
C GLU A 43 -26.25 4.45 -39.67
N ALA A 44 -25.33 4.40 -38.72
CA ALA A 44 -24.73 5.62 -38.19
C ALA A 44 -23.76 6.11 -39.26
N ARG A 45 -23.05 5.16 -39.86
CA ARG A 45 -22.08 5.48 -40.90
C ARG A 45 -22.78 6.19 -42.07
N GLU A 46 -23.91 5.63 -42.51
CA GLU A 46 -24.65 6.21 -43.62
C GLU A 46 -25.23 7.58 -43.22
N LYS A 47 -25.77 7.66 -42.01
CA LYS A 47 -26.32 8.92 -41.53
C LYS A 47 -25.24 10.03 -41.47
N ALA A 48 -23.99 9.65 -41.17
CA ALA A 48 -22.90 10.63 -41.09
C ALA A 48 -22.67 11.24 -42.46
N LEU A 49 -22.73 10.41 -43.49
CA LEU A 49 -22.55 10.89 -44.86
C LEU A 49 -23.71 11.85 -45.17
N ARG A 50 -24.91 11.51 -44.74
CA ARG A 50 -26.07 12.36 -44.97
C ARG A 50 -25.89 13.70 -44.27
N THR A 51 -25.41 13.66 -43.03
CA THR A 51 -25.21 14.86 -42.23
C THR A 51 -24.08 15.76 -42.72
N GLY A 52 -23.22 15.25 -43.59
CA GLY A 52 -22.15 16.08 -44.11
C GLY A 52 -20.75 15.54 -44.00
N ALA A 53 -20.60 14.34 -43.44
CA ALA A 53 -19.27 13.75 -43.30
C ALA A 53 -18.61 13.59 -44.66
N SER A 54 -17.34 13.96 -44.74
CA SER A 54 -16.61 13.83 -45.99
C SER A 54 -16.20 12.38 -46.14
N LYS A 55 -16.44 11.62 -45.08
CA LYS A 55 -16.10 10.20 -45.07
C LYS A 55 -16.63 9.61 -43.78
N ALA A 56 -16.96 8.34 -43.81
CA ALA A 56 -17.49 7.68 -42.63
C ALA A 56 -16.89 6.29 -42.54
N ILE A 57 -16.43 5.94 -41.36
CA ILE A 57 -15.83 4.64 -41.13
C ILE A 57 -16.63 3.98 -40.02
N ALA A 58 -16.85 2.69 -40.18
CA ALA A 58 -17.58 1.92 -39.19
C ALA A 58 -16.80 0.62 -39.01
N LEU A 59 -16.34 0.37 -37.79
CA LEU A 59 -15.57 -0.84 -37.51
C LEU A 59 -16.18 -1.70 -36.42
N ASP A 60 -15.98 -3.00 -36.54
CA ASP A 60 -16.47 -3.96 -35.57
C ASP A 60 -15.27 -4.19 -34.63
N LEU A 61 -15.30 -3.55 -33.46
CA LEU A 61 -14.17 -3.70 -32.55
C LEU A 61 -14.52 -4.51 -31.29
N LYS A 62 -15.55 -5.34 -31.38
CA LYS A 62 -15.96 -6.15 -30.24
C LYS A 62 -14.90 -7.12 -29.74
N GLU A 63 -14.17 -7.76 -30.65
CA GLU A 63 -13.13 -8.69 -30.25
C GLU A 63 -11.94 -7.95 -29.64
N GLU A 64 -11.50 -6.87 -30.29
CA GLU A 64 -10.37 -6.11 -29.78
C GLU A 64 -10.67 -5.56 -28.39
N PHE A 65 -11.88 -5.08 -28.21
CA PHE A 65 -12.34 -4.52 -26.94
C PHE A 65 -12.20 -5.54 -25.81
N VAL A 66 -12.81 -6.71 -25.98
CA VAL A 66 -12.77 -7.73 -24.96
C VAL A 66 -11.39 -8.30 -24.69
N ARG A 67 -10.64 -8.63 -25.73
CA ARG A 67 -9.33 -9.21 -25.57
C ARG A 67 -8.20 -8.28 -25.16
N ASP A 68 -8.25 -7.03 -25.62
CA ASP A 68 -7.20 -6.08 -25.31
C ASP A 68 -7.50 -5.05 -24.25
N PHE A 69 -8.74 -5.00 -23.77
CA PHE A 69 -9.07 -4.01 -22.74
C PHE A 69 -9.82 -4.64 -21.57
N VAL A 70 -10.97 -5.23 -21.87
CA VAL A 70 -11.77 -5.87 -20.84
C VAL A 70 -11.03 -6.99 -20.10
N PHE A 71 -10.45 -7.93 -20.84
CA PHE A 71 -9.73 -9.06 -20.25
C PHE A 71 -8.52 -8.69 -19.39
N PRO A 72 -7.63 -7.82 -19.89
CA PRO A 72 -6.46 -7.42 -19.11
C PRO A 72 -6.88 -6.77 -17.79
N MET A 73 -7.97 -5.99 -17.86
CA MET A 73 -8.50 -5.30 -16.68
C MET A 73 -9.09 -6.28 -15.69
N MET A 74 -9.64 -7.37 -16.19
CA MET A 74 -10.25 -8.36 -15.31
C MET A 74 -9.21 -9.18 -14.60
N ARG A 75 -8.06 -9.38 -15.24
CA ARG A 75 -6.97 -10.14 -14.62
C ARG A 75 -6.55 -9.44 -13.34
N ALA A 76 -6.77 -8.12 -13.30
CA ALA A 76 -6.40 -7.34 -12.14
C ALA A 76 -7.44 -7.38 -11.03
N GLY A 77 -8.61 -7.99 -11.30
CA GLY A 77 -9.66 -8.07 -10.31
C GLY A 77 -10.12 -6.69 -9.86
N ALA A 78 -10.03 -5.73 -10.78
CA ALA A 78 -10.36 -4.33 -10.53
C ALA A 78 -11.83 -4.00 -10.31
N VAL A 79 -12.10 -3.31 -9.20
CA VAL A 79 -13.45 -2.88 -8.85
C VAL A 79 -13.31 -1.47 -8.31
N TYR A 80 -14.04 -0.52 -8.89
CA TYR A 80 -13.95 0.85 -8.43
C TYR A 80 -14.94 1.09 -7.29
N GLU A 81 -14.42 1.61 -6.18
CA GLU A 81 -15.18 1.92 -4.99
C GLU A 81 -16.18 0.85 -4.58
N GLY A 82 -15.66 -0.37 -4.41
CA GLY A 82 -16.49 -1.48 -3.96
C GLY A 82 -17.48 -2.12 -4.92
N TYR A 83 -17.93 -1.43 -5.97
CA TYR A 83 -18.91 -2.06 -6.85
C TYR A 83 -18.81 -1.86 -8.35
N TYR A 84 -18.27 -0.73 -8.78
CA TYR A 84 -18.19 -0.44 -10.21
C TYR A 84 -17.19 -1.27 -10.99
N LEU A 85 -17.68 -2.02 -11.97
CA LEU A 85 -16.81 -2.86 -12.78
C LEU A 85 -16.19 -2.17 -14.00
N LEU A 86 -16.33 -0.85 -14.05
CA LEU A 86 -15.69 -0.04 -15.09
C LEU A 86 -16.06 -0.23 -16.56
N GLY A 87 -17.35 -0.45 -16.85
CA GLY A 87 -17.77 -0.65 -18.22
C GLY A 87 -17.48 0.51 -19.17
N THR A 88 -17.75 1.74 -18.73
CA THR A 88 -17.52 2.93 -19.57
C THR A 88 -16.02 3.24 -19.70
N SER A 89 -15.32 3.14 -18.57
CA SER A 89 -13.90 3.43 -18.48
C SER A 89 -12.97 2.64 -19.42
N ILE A 90 -13.12 1.32 -19.51
CA ILE A 90 -12.25 0.54 -20.39
C ILE A 90 -12.59 0.63 -21.87
N ALA A 91 -13.72 1.23 -22.20
CA ALA A 91 -14.11 1.35 -23.60
C ALA A 91 -13.49 2.57 -24.28
N ARG A 92 -13.48 3.70 -23.58
CA ARG A 92 -12.93 4.94 -24.14
C ARG A 92 -11.52 4.87 -24.71
N PRO A 93 -10.57 4.22 -23.99
CA PRO A 93 -9.20 4.14 -24.51
C PRO A 93 -9.18 3.55 -25.93
N LEU A 94 -10.02 2.55 -26.15
CA LEU A 94 -10.13 1.86 -27.44
C LEU A 94 -10.63 2.81 -28.55
N ILE A 95 -11.67 3.58 -28.27
CA ILE A 95 -12.21 4.52 -29.24
C ILE A 95 -11.17 5.58 -29.58
N ALA A 96 -10.67 6.28 -28.56
CA ALA A 96 -9.65 7.31 -28.76
C ALA A 96 -8.46 6.74 -29.52
N LYS A 97 -8.13 5.49 -29.25
CA LYS A 97 -7.01 4.84 -29.92
C LYS A 97 -7.21 4.86 -31.44
N HIS A 98 -8.39 4.44 -31.87
CA HIS A 98 -8.70 4.41 -33.29
C HIS A 98 -8.84 5.81 -33.89
N LEU A 99 -9.37 6.77 -33.10
CA LEU A 99 -9.52 8.14 -33.60
C LEU A 99 -8.16 8.66 -34.01
N VAL A 100 -7.17 8.42 -33.16
CA VAL A 100 -5.81 8.86 -33.42
C VAL A 100 -5.22 8.12 -34.62
N ARG A 101 -5.45 6.82 -34.69
CA ARG A 101 -4.95 6.00 -35.79
C ARG A 101 -5.52 6.49 -37.13
N ILE A 102 -6.84 6.59 -37.20
CA ILE A 102 -7.52 7.06 -38.41
C ILE A 102 -7.05 8.46 -38.78
N ALA A 103 -6.86 9.30 -37.78
CA ALA A 103 -6.41 10.67 -38.01
C ALA A 103 -5.04 10.68 -38.67
N GLU A 104 -4.19 9.72 -38.30
CA GLU A 104 -2.86 9.60 -38.87
C GLU A 104 -2.94 9.19 -40.33
N GLU A 105 -3.77 8.19 -40.61
CA GLU A 105 -3.96 7.68 -41.96
C GLU A 105 -4.58 8.70 -42.90
N GLU A 106 -5.56 9.46 -42.39
CA GLU A 106 -6.29 10.46 -43.17
C GLU A 106 -5.61 11.82 -43.23
N GLY A 107 -4.46 11.95 -42.57
CA GLY A 107 -3.77 13.22 -42.58
C GLY A 107 -4.57 14.31 -41.87
N ALA A 108 -5.33 13.93 -40.84
CA ALA A 108 -6.13 14.89 -40.08
C ALA A 108 -5.29 15.38 -38.91
N GLU A 109 -5.37 16.67 -38.63
CA GLU A 109 -4.59 17.23 -37.52
C GLU A 109 -5.33 17.19 -36.19
N ALA A 110 -6.65 17.00 -36.26
CA ALA A 110 -7.43 16.98 -35.04
C ALA A 110 -8.50 15.87 -35.00
N ILE A 111 -8.95 15.56 -33.80
CA ILE A 111 -10.01 14.57 -33.59
C ILE A 111 -10.98 15.29 -32.69
N ALA A 112 -12.19 14.76 -32.57
CA ALA A 112 -13.19 15.38 -31.71
C ALA A 112 -14.06 14.30 -31.10
N HIS A 113 -14.66 14.61 -29.95
CA HIS A 113 -15.53 13.66 -29.27
C HIS A 113 -16.70 14.45 -28.73
N GLY A 114 -17.75 13.76 -28.31
CA GLY A 114 -18.91 14.45 -27.80
C GLY A 114 -19.12 14.39 -26.29
N ALA A 115 -18.04 14.20 -25.53
CA ALA A 115 -18.17 14.13 -24.07
C ALA A 115 -18.42 15.53 -23.53
N THR A 116 -19.26 15.67 -22.50
CA THR A 116 -19.55 16.99 -21.94
C THR A 116 -18.37 17.60 -21.19
N GLY A 117 -18.48 18.90 -20.90
CA GLY A 117 -17.41 19.60 -20.20
C GLY A 117 -17.21 19.34 -18.71
N LYS A 118 -18.20 18.78 -18.03
CA LYS A 118 -18.06 18.52 -16.59
C LYS A 118 -17.90 17.05 -16.24
N GLY A 119 -17.91 16.19 -17.24
CA GLY A 119 -17.79 14.77 -16.99
C GLY A 119 -16.38 14.27 -16.99
N ASN A 120 -16.26 12.94 -16.95
CA ASN A 120 -14.98 12.26 -16.94
C ASN A 120 -14.55 11.72 -18.31
N ASP A 121 -15.52 11.41 -19.16
CA ASP A 121 -15.19 10.85 -20.48
C ASP A 121 -14.24 11.73 -21.27
N GLN A 122 -14.43 13.04 -21.16
CA GLN A 122 -13.56 13.96 -21.88
C GLN A 122 -12.12 13.69 -21.46
N VAL A 123 -11.92 13.38 -20.18
CA VAL A 123 -10.58 13.09 -19.67
C VAL A 123 -10.08 11.77 -20.25
N ARG A 124 -10.90 10.73 -20.17
CA ARG A 124 -10.50 9.42 -20.70
C ARG A 124 -10.13 9.52 -22.18
N PHE A 125 -10.99 10.20 -22.95
CA PHE A 125 -10.75 10.39 -24.38
C PHE A 125 -9.41 11.06 -24.63
N GLU A 126 -9.24 12.22 -24.01
CA GLU A 126 -8.04 13.01 -24.21
C GLU A 126 -6.76 12.48 -23.58
N LEU A 127 -6.85 11.84 -22.41
CA LEU A 127 -5.65 11.29 -21.82
C LEU A 127 -5.03 10.25 -22.75
N THR A 128 -5.83 9.34 -23.31
CA THR A 128 -5.22 8.36 -24.21
C THR A 128 -4.86 8.94 -25.55
N ALA A 129 -5.60 9.98 -25.97
CA ALA A 129 -5.32 10.65 -27.24
C ALA A 129 -3.95 11.32 -27.18
N TYR A 130 -3.71 12.10 -26.13
CA TYR A 130 -2.43 12.77 -25.98
C TYR A 130 -1.27 11.82 -25.71
N ALA A 131 -1.54 10.70 -25.05
CA ALA A 131 -0.52 9.72 -24.74
C ALA A 131 -0.04 8.95 -25.96
N LEU A 132 -0.94 8.68 -26.90
CA LEU A 132 -0.59 7.95 -28.11
C LEU A 132 -0.01 8.86 -29.18
N LYS A 133 -0.48 10.10 -29.23
CA LYS A 133 -0.01 11.08 -30.22
C LYS A 133 0.03 12.46 -29.58
N PRO A 134 1.17 12.82 -28.95
CA PRO A 134 1.32 14.12 -28.28
C PRO A 134 1.08 15.37 -29.13
N ASP A 135 1.20 15.26 -30.46
CA ASP A 135 0.99 16.41 -31.36
C ASP A 135 -0.45 16.58 -31.80
N ILE A 136 -1.32 15.64 -31.46
CA ILE A 136 -2.73 15.72 -31.86
C ILE A 136 -3.44 16.91 -31.20
N LYS A 137 -4.39 17.49 -31.92
CA LYS A 137 -5.19 18.59 -31.42
C LYS A 137 -6.54 17.95 -31.13
N VAL A 138 -7.16 18.33 -30.02
CA VAL A 138 -8.44 17.75 -29.67
C VAL A 138 -9.48 18.83 -29.63
N ILE A 139 -10.67 18.55 -30.16
CA ILE A 139 -11.75 19.52 -30.14
C ILE A 139 -12.91 18.91 -29.38
N ALA A 140 -13.27 19.56 -28.28
CA ALA A 140 -14.38 19.11 -27.46
C ALA A 140 -15.44 20.20 -27.52
N PRO A 141 -16.32 20.12 -28.51
CA PRO A 141 -17.39 21.08 -28.73
C PRO A 141 -18.14 21.50 -27.46
N TRP A 142 -18.43 20.56 -26.58
CA TRP A 142 -19.16 20.90 -25.37
C TRP A 142 -18.46 21.97 -24.55
N ARG A 143 -17.13 22.05 -24.67
CA ARG A 143 -16.36 23.04 -23.93
C ARG A 143 -16.14 24.32 -24.75
N GLU A 144 -16.35 24.26 -26.05
CA GLU A 144 -16.11 25.42 -26.90
C GLU A 144 -17.30 26.17 -27.50
N TRP A 145 -18.46 25.54 -27.60
CA TRP A 145 -19.59 26.24 -28.18
C TRP A 145 -20.42 27.06 -27.19
N SER A 146 -21.34 27.85 -27.73
CA SER A 146 -22.14 28.76 -26.92
C SER A 146 -23.54 28.30 -26.50
N PHE A 147 -24.10 27.31 -27.19
CA PHE A 147 -25.44 26.82 -26.89
C PHE A 147 -25.90 27.08 -25.48
N GLN A 148 -26.91 27.93 -25.34
CA GLN A 148 -27.43 28.27 -24.02
C GLN A 148 -28.41 27.23 -23.48
N GLY A 149 -28.73 26.21 -24.27
CA GLY A 149 -29.65 25.20 -23.79
C GLY A 149 -30.15 24.17 -24.81
N ARG A 150 -30.94 23.22 -24.31
CA ARG A 150 -31.50 22.15 -25.14
C ARG A 150 -32.32 22.75 -26.29
N LYS A 151 -33.36 23.51 -25.94
CA LYS A 151 -34.23 24.14 -26.93
C LYS A 151 -33.44 24.75 -28.07
N GLU A 152 -32.33 25.40 -27.70
CA GLU A 152 -31.47 26.07 -28.66
C GLU A 152 -30.72 25.08 -29.54
N MET A 153 -30.26 23.97 -28.95
CA MET A 153 -29.56 22.95 -29.71
C MET A 153 -30.52 22.27 -30.69
N ILE A 154 -31.75 22.06 -30.23
CA ILE A 154 -32.78 21.43 -31.06
C ILE A 154 -33.10 22.32 -32.27
N ALA A 155 -33.23 23.62 -32.03
CA ALA A 155 -33.52 24.55 -33.11
C ALA A 155 -32.34 24.56 -34.07
N TYR A 156 -31.13 24.42 -33.53
CA TYR A 156 -29.94 24.40 -34.38
C TYR A 156 -29.99 23.18 -35.27
N ALA A 157 -30.37 22.05 -34.69
CA ALA A 157 -30.46 20.79 -35.43
C ALA A 157 -31.51 20.87 -36.53
N GLU A 158 -32.69 21.36 -36.19
CA GLU A 158 -33.76 21.47 -37.17
C GLU A 158 -33.28 22.33 -38.33
N ALA A 159 -32.78 23.51 -38.01
CA ALA A 159 -32.26 24.43 -39.03
C ALA A 159 -31.27 23.74 -39.95
N HIS A 160 -30.56 22.72 -39.45
CA HIS A 160 -29.57 22.03 -40.29
C HIS A 160 -30.07 20.73 -40.91
N GLY A 161 -31.35 20.45 -40.72
CA GLY A 161 -31.90 19.24 -41.29
C GLY A 161 -31.58 17.97 -40.52
N ILE A 162 -31.20 18.12 -39.25
CA ILE A 162 -30.91 16.93 -38.46
C ILE A 162 -32.21 16.49 -37.80
N PRO A 163 -32.55 15.20 -37.92
CA PRO A 163 -33.79 14.77 -37.29
C PRO A 163 -33.73 14.80 -35.76
N VAL A 164 -34.74 15.41 -35.16
CA VAL A 164 -34.85 15.52 -33.71
C VAL A 164 -35.89 14.49 -33.26
N PRO A 165 -35.55 13.64 -32.27
CA PRO A 165 -36.56 12.65 -31.84
C PRO A 165 -37.76 13.32 -31.15
N PRO A 171 -36.15 8.80 -19.78
CA PRO A 171 -35.68 10.05 -19.12
C PRO A 171 -34.38 9.89 -18.33
N TYR A 172 -33.29 9.59 -19.05
CA TYR A 172 -31.97 9.43 -18.46
C TYR A 172 -30.91 9.08 -19.50
N SER A 173 -29.68 9.54 -19.24
CA SER A 173 -28.53 9.29 -20.12
C SER A 173 -28.10 7.83 -20.03
N MET A 174 -27.43 7.35 -21.08
CA MET A 174 -26.98 5.96 -21.13
C MET A 174 -25.70 5.74 -21.92
N ASP A 175 -25.10 4.56 -21.72
CA ASP A 175 -23.86 4.18 -22.40
C ASP A 175 -23.79 2.65 -22.36
N ALA A 176 -23.66 2.03 -23.53
CA ALA A 176 -23.63 0.58 -23.60
C ALA A 176 -22.54 -0.03 -24.47
N ASN A 177 -22.13 -1.23 -24.11
CA ASN A 177 -21.12 -1.98 -24.83
C ASN A 177 -21.19 -3.43 -24.31
N LEU A 178 -20.40 -4.32 -24.88
CA LEU A 178 -20.41 -5.72 -24.46
C LEU A 178 -20.27 -5.96 -22.97
N LEU A 179 -19.58 -5.07 -22.26
CA LEU A 179 -19.39 -5.23 -20.81
C LEU A 179 -20.58 -4.79 -19.97
N HIS A 180 -21.21 -3.67 -20.32
CA HIS A 180 -22.33 -3.22 -19.51
C HIS A 180 -23.16 -2.12 -20.17
N ILE A 181 -24.17 -1.68 -19.43
CA ILE A 181 -25.01 -0.56 -19.84
C ILE A 181 -25.04 0.33 -18.61
N SER A 182 -24.84 1.62 -18.83
CA SER A 182 -24.81 2.61 -17.75
C SER A 182 -25.98 3.59 -17.83
N TYR A 183 -26.50 3.96 -16.66
CA TYR A 183 -27.63 4.90 -16.58
C TYR A 183 -27.40 5.97 -15.53
N GLU A 184 -27.68 7.21 -15.89
CA GLU A 184 -27.57 8.33 -14.97
C GLU A 184 -28.40 9.51 -15.42
N GLY A 185 -28.62 10.45 -14.51
CA GLY A 185 -29.41 11.63 -14.82
C GLY A 185 -30.89 11.40 -14.58
N GLY A 186 -31.68 12.41 -14.90
CA GLY A 186 -33.12 12.30 -14.72
C GLY A 186 -33.50 11.96 -13.30
N VAL A 187 -34.36 10.96 -13.15
CA VAL A 187 -34.84 10.50 -11.85
C VAL A 187 -33.71 9.97 -10.98
N LEU A 188 -32.65 9.50 -11.64
CA LEU A 188 -31.50 8.93 -10.95
C LEU A 188 -30.64 9.91 -10.16
N GLU A 189 -30.78 11.20 -10.43
CA GLU A 189 -29.95 12.18 -9.74
C GLU A 189 -30.25 12.36 -8.24
N ASP A 190 -31.34 11.77 -7.76
CA ASP A 190 -31.69 11.82 -6.34
C ASP A 190 -31.24 10.49 -5.75
N PRO A 191 -30.10 10.47 -5.04
CA PRO A 191 -29.58 9.24 -4.44
C PRO A 191 -30.51 8.53 -3.49
N TRP A 192 -31.62 9.15 -3.13
CA TRP A 192 -32.57 8.51 -2.24
C TRP A 192 -33.74 7.88 -3.01
N ALA A 193 -33.72 8.02 -4.33
CA ALA A 193 -34.80 7.47 -5.16
C ALA A 193 -34.37 6.21 -5.91
N GLU A 194 -35.07 5.12 -5.66
CA GLU A 194 -34.75 3.86 -6.33
C GLU A 194 -34.97 3.98 -7.83
N PRO A 195 -34.10 3.36 -8.65
CA PRO A 195 -34.23 3.43 -10.11
C PRO A 195 -35.63 3.01 -10.55
N PRO A 196 -36.21 3.73 -11.52
CA PRO A 196 -37.55 3.35 -11.96
C PRO A 196 -37.67 1.96 -12.58
N LYS A 197 -38.82 1.36 -12.33
CA LYS A 197 -39.21 0.06 -12.84
C LYS A 197 -39.21 0.13 -14.37
N GLY A 198 -38.45 -0.76 -15.02
CA GLY A 198 -38.44 -0.75 -16.48
C GLY A 198 -37.27 -0.06 -17.13
N MET A 199 -36.41 0.57 -16.34
CA MET A 199 -35.24 1.25 -16.87
C MET A 199 -34.23 0.26 -17.43
N PHE A 200 -34.07 -0.85 -16.72
CA PHE A 200 -33.10 -1.88 -17.12
C PHE A 200 -33.36 -2.52 -18.48
N ARG A 201 -32.30 -2.64 -19.29
CA ARG A 201 -32.39 -3.20 -20.63
C ARG A 201 -31.61 -4.49 -20.86
N MET A 202 -30.39 -4.55 -20.33
CA MET A 202 -29.55 -5.72 -20.53
C MET A 202 -29.86 -6.88 -19.60
N THR A 203 -30.54 -6.62 -18.50
CA THR A 203 -30.85 -7.70 -17.57
C THR A 203 -32.32 -7.78 -17.20
N GLN A 204 -32.78 -9.00 -17.00
CA GLN A 204 -34.15 -9.27 -16.64
C GLN A 204 -34.36 -8.84 -15.19
N ASP A 205 -35.56 -8.39 -14.87
CA ASP A 205 -35.89 -7.98 -13.51
C ASP A 205 -35.80 -9.25 -12.66
N PRO A 206 -35.02 -9.22 -11.56
CA PRO A 206 -34.88 -10.39 -10.69
C PRO A 206 -36.23 -10.94 -10.22
N GLU A 207 -37.25 -10.08 -10.20
CA GLU A 207 -38.57 -10.50 -9.78
C GLU A 207 -39.25 -11.25 -10.91
N GLU A 208 -38.69 -11.17 -12.12
CA GLU A 208 -39.25 -11.84 -13.29
C GLU A 208 -38.29 -12.90 -13.78
N ALA A 209 -37.26 -13.18 -13.01
CA ALA A 209 -36.28 -14.18 -13.41
C ALA A 209 -36.87 -15.58 -13.27
N PRO A 210 -36.29 -16.55 -13.96
CA PRO A 210 -36.74 -17.94 -13.93
C PRO A 210 -36.89 -18.49 -12.52
N ASP A 211 -37.89 -19.35 -12.32
CA ASP A 211 -38.13 -19.94 -11.01
C ASP A 211 -37.11 -21.01 -10.64
N ALA A 212 -36.36 -21.51 -11.63
CA ALA A 212 -35.34 -22.51 -11.35
C ALA A 212 -33.95 -21.92 -11.52
N PRO A 213 -33.02 -22.31 -10.65
CA PRO A 213 -31.66 -21.79 -10.76
C PRO A 213 -30.95 -22.46 -11.94
N GLU A 214 -29.96 -21.77 -12.50
CA GLU A 214 -29.21 -22.30 -13.63
C GLU A 214 -27.72 -22.36 -13.29
N TYR A 215 -27.10 -23.50 -13.57
CA TYR A 215 -25.69 -23.68 -13.31
C TYR A 215 -24.90 -23.32 -14.56
N VAL A 216 -23.71 -22.77 -14.36
CA VAL A 216 -22.83 -22.36 -15.45
C VAL A 216 -21.41 -22.71 -15.06
N GLU A 217 -20.61 -23.11 -16.05
CA GLU A 217 -19.23 -23.42 -15.81
C GLU A 217 -18.39 -22.51 -16.68
N VAL A 218 -17.35 -21.93 -16.10
CA VAL A 218 -16.46 -21.07 -16.84
C VAL A 218 -15.04 -21.58 -16.66
N GLU A 219 -14.35 -21.82 -17.77
CA GLU A 219 -12.99 -22.30 -17.73
C GLU A 219 -12.02 -21.16 -17.97
N PHE A 220 -10.92 -21.15 -17.21
CA PHE A 220 -9.88 -20.13 -17.36
C PHE A 220 -8.60 -20.85 -17.73
N PHE A 221 -7.81 -20.25 -18.61
CA PHE A 221 -6.56 -20.88 -18.98
C PHE A 221 -5.75 -19.61 -18.90
N GLU A 222 -4.75 -19.57 -18.02
CA GLU A 222 -3.95 -18.35 -17.97
C GLU A 222 -4.33 -16.92 -17.65
N GLY A 223 -5.41 -16.81 -16.89
CA GLY A 223 -5.93 -15.52 -16.48
C GLY A 223 -7.16 -15.12 -17.27
N ASP A 224 -7.34 -15.74 -18.43
CA ASP A 224 -8.49 -15.41 -19.28
C ASP A 224 -9.51 -16.53 -19.45
N PRO A 225 -10.80 -16.18 -19.42
CA PRO A 225 -11.83 -17.19 -19.61
C PRO A 225 -11.77 -17.66 -21.07
N VAL A 226 -11.72 -18.96 -21.27
CA VAL A 226 -11.62 -19.53 -22.61
C VAL A 226 -12.83 -20.36 -23.02
N ALA A 227 -13.72 -20.67 -22.08
CA ALA A 227 -14.87 -21.49 -22.41
C ALA A 227 -16.03 -21.34 -21.44
N VAL A 228 -17.22 -21.69 -21.91
CA VAL A 228 -18.43 -21.63 -21.10
C VAL A 228 -19.21 -22.93 -21.29
N ASN A 229 -19.49 -23.60 -20.19
CA ASN A 229 -20.21 -24.86 -20.20
C ASN A 229 -19.56 -25.83 -21.16
N GLY A 230 -18.24 -25.86 -21.18
CA GLY A 230 -17.51 -26.77 -22.02
C GLY A 230 -17.30 -26.37 -23.47
N GLU A 231 -17.85 -25.23 -23.87
CA GLU A 231 -17.67 -24.80 -25.25
C GLU A 231 -16.65 -23.67 -25.36
N ARG A 232 -15.59 -23.90 -26.14
CA ARG A 232 -14.58 -22.88 -26.32
C ARG A 232 -15.19 -21.72 -27.09
N LEU A 233 -14.90 -20.50 -26.63
CA LEU A 233 -15.44 -19.30 -27.26
C LEU A 233 -14.42 -18.17 -27.28
N SER A 234 -14.43 -17.40 -28.37
CA SER A 234 -13.53 -16.27 -28.52
C SER A 234 -13.91 -15.25 -27.45
N PRO A 235 -12.99 -14.35 -27.09
CA PRO A 235 -13.25 -13.31 -26.07
C PRO A 235 -14.61 -12.59 -26.15
N ALA A 236 -14.93 -12.01 -27.32
CA ALA A 236 -16.20 -11.30 -27.46
C ALA A 236 -17.38 -12.27 -27.42
N ALA A 237 -17.21 -13.43 -28.05
CA ALA A 237 -18.26 -14.43 -28.07
C ALA A 237 -18.56 -14.92 -26.66
N LEU A 238 -17.51 -15.07 -25.85
CA LEU A 238 -17.66 -15.55 -24.48
C LEU A 238 -18.38 -14.55 -23.56
N LEU A 239 -18.08 -13.26 -23.72
CA LEU A 239 -18.73 -12.22 -22.91
C LEU A 239 -20.20 -12.15 -23.31
N GLN A 240 -20.46 -12.29 -24.60
CA GLN A 240 -21.81 -12.26 -25.12
C GLN A 240 -22.65 -13.38 -24.51
N ARG A 241 -22.09 -14.59 -24.50
CA ARG A 241 -22.76 -15.75 -23.94
C ARG A 241 -23.10 -15.58 -22.46
N LEU A 242 -22.14 -15.11 -21.68
CA LEU A 242 -22.35 -14.93 -20.25
C LEU A 242 -23.34 -13.78 -19.98
N ASN A 243 -23.48 -12.85 -20.92
CA ASN A 243 -24.44 -11.75 -20.73
C ASN A 243 -25.84 -12.34 -20.93
N GLU A 244 -25.96 -13.30 -21.84
CA GLU A 244 -27.23 -13.96 -22.10
C GLU A 244 -27.65 -14.74 -20.87
N ILE A 245 -26.77 -15.63 -20.41
CA ILE A 245 -27.04 -16.47 -19.26
C ILE A 245 -27.23 -15.61 -17.99
N GLY A 246 -26.32 -14.66 -17.79
CA GLY A 246 -26.41 -13.81 -16.62
C GLY A 246 -27.57 -12.84 -16.70
N GLY A 247 -27.78 -12.27 -17.88
CA GLY A 247 -28.86 -11.31 -18.05
C GLY A 247 -30.23 -11.90 -17.79
N ARG A 248 -30.51 -13.08 -18.33
CA ARG A 248 -31.81 -13.70 -18.15
C ARG A 248 -32.18 -13.86 -16.68
N HIS A 249 -31.18 -13.89 -15.80
CA HIS A 249 -31.45 -14.03 -14.38
C HIS A 249 -31.39 -12.71 -13.59
N GLY A 250 -31.10 -11.61 -14.28
CA GLY A 250 -31.04 -10.32 -13.60
C GLY A 250 -29.77 -10.10 -12.78
N VAL A 251 -28.72 -10.81 -13.14
CA VAL A 251 -27.42 -10.71 -12.46
C VAL A 251 -26.61 -9.50 -12.90
N GLY A 252 -25.86 -8.93 -11.96
CA GLY A 252 -24.98 -7.82 -12.28
C GLY A 252 -25.49 -6.40 -12.15
N ARG A 253 -26.47 -6.17 -11.28
CA ARG A 253 -26.99 -4.81 -11.11
C ARG A 253 -26.31 -4.06 -9.97
N VAL A 254 -25.85 -2.85 -10.27
CA VAL A 254 -25.19 -2.00 -9.28
C VAL A 254 -25.81 -0.61 -9.29
N ASP A 255 -25.99 -0.07 -8.09
CA ASP A 255 -26.57 1.25 -7.88
C ASP A 255 -25.63 1.98 -6.91
N ILE A 256 -24.77 2.84 -7.43
CA ILE A 256 -23.82 3.56 -6.59
C ILE A 256 -23.79 5.07 -6.75
N VAL A 257 -23.19 5.73 -5.77
CA VAL A 257 -22.95 7.16 -5.82
C VAL A 257 -21.44 7.09 -5.87
N GLU A 258 -20.87 7.47 -7.01
CA GLU A 258 -19.43 7.40 -7.22
C GLU A 258 -18.72 8.75 -7.19
N ASN A 259 -17.41 8.72 -6.96
CA ASN A 259 -16.61 9.94 -6.93
C ASN A 259 -16.01 10.10 -8.32
N ARG A 260 -16.31 11.22 -8.96
CA ARG A 260 -15.77 11.48 -10.28
C ARG A 260 -14.36 12.05 -10.19
N PHE A 261 -13.63 11.97 -11.30
CA PHE A 261 -12.27 12.48 -11.36
C PHE A 261 -12.33 14.00 -11.43
N VAL A 262 -13.27 14.51 -12.22
CA VAL A 262 -13.42 15.95 -12.39
C VAL A 262 -14.49 16.54 -11.45
N GLY A 263 -15.75 16.18 -11.68
CA GLY A 263 -16.82 16.70 -10.83
C GLY A 263 -16.75 16.24 -9.38
N MET A 264 -17.89 16.25 -8.70
CA MET A 264 -17.94 15.82 -7.30
C MET A 264 -18.43 14.38 -7.27
N LYS A 265 -19.65 14.17 -6.77
CA LYS A 265 -20.20 12.82 -6.73
C LYS A 265 -21.33 12.67 -7.74
N SER A 266 -21.43 11.50 -8.33
CA SER A 266 -22.45 11.22 -9.32
C SER A 266 -23.16 9.91 -8.97
N ARG A 267 -24.47 9.84 -9.22
CA ARG A 267 -25.26 8.65 -8.94
C ARG A 267 -25.44 7.87 -10.24
N GLY A 268 -25.04 6.60 -10.23
CA GLY A 268 -25.16 5.78 -11.41
C GLY A 268 -25.66 4.37 -11.17
N VAL A 269 -26.32 3.81 -12.17
CA VAL A 269 -26.83 2.46 -12.10
C VAL A 269 -26.14 1.68 -13.21
N TYR A 270 -25.69 0.48 -12.91
CA TYR A 270 -24.99 -0.31 -13.90
C TYR A 270 -25.43 -1.76 -13.91
N GLU A 271 -25.42 -2.35 -15.09
CA GLU A 271 -25.74 -3.76 -15.20
C GLU A 271 -24.61 -4.38 -15.98
N THR A 272 -23.97 -5.36 -15.37
CA THR A 272 -22.83 -6.05 -15.95
C THR A 272 -23.03 -7.54 -15.72
N PRO A 273 -24.10 -8.12 -16.31
CA PRO A 273 -24.35 -9.54 -16.11
C PRO A 273 -23.17 -10.47 -16.36
N GLY A 274 -22.61 -10.40 -17.57
CA GLY A 274 -21.48 -11.25 -17.91
C GLY A 274 -20.20 -11.02 -17.12
N GLY A 275 -19.83 -9.77 -16.94
CA GLY A 275 -18.62 -9.45 -16.19
C GLY A 275 -18.74 -9.79 -14.72
N THR A 276 -19.97 -9.75 -14.19
CA THR A 276 -20.20 -10.05 -12.78
C THR A 276 -19.97 -11.54 -12.58
N ILE A 277 -20.43 -12.35 -13.51
CA ILE A 277 -20.23 -13.78 -13.43
C ILE A 277 -18.73 -14.07 -13.51
N LEU A 278 -18.05 -13.44 -14.45
CA LEU A 278 -16.61 -13.64 -14.61
C LEU A 278 -15.84 -13.21 -13.36
N TYR A 279 -16.32 -12.17 -12.70
CA TYR A 279 -15.66 -11.68 -11.48
C TYR A 279 -15.60 -12.79 -10.43
N HIS A 280 -16.74 -13.37 -10.11
CA HIS A 280 -16.80 -14.42 -9.11
C HIS A 280 -16.20 -15.74 -9.63
N ALA A 281 -16.26 -15.97 -10.94
CA ALA A 281 -15.69 -17.20 -11.50
C ALA A 281 -14.16 -17.15 -11.40
N ARG A 282 -13.60 -15.97 -11.66
CA ARG A 282 -12.16 -15.77 -11.58
C ARG A 282 -11.64 -16.02 -10.16
N ARG A 283 -12.26 -15.37 -9.17
CA ARG A 283 -11.84 -15.53 -7.78
C ARG A 283 -12.01 -16.97 -7.29
N ALA A 284 -13.00 -17.69 -7.84
CA ALA A 284 -13.23 -19.07 -7.45
C ALA A 284 -12.06 -19.92 -7.90
N VAL A 285 -11.55 -19.66 -9.10
CA VAL A 285 -10.41 -20.43 -9.60
C VAL A 285 -9.13 -20.02 -8.85
N GLU A 286 -9.00 -18.73 -8.55
CA GLU A 286 -7.83 -18.23 -7.83
C GLU A 286 -7.76 -18.84 -6.44
N SER A 287 -8.92 -19.20 -5.89
CA SER A 287 -8.96 -19.77 -4.55
C SER A 287 -8.24 -21.11 -4.43
N LEU A 288 -7.98 -21.78 -5.56
CA LEU A 288 -7.27 -23.06 -5.55
C LEU A 288 -5.88 -22.94 -6.17
N THR A 289 -5.71 -21.95 -7.04
CA THR A 289 -4.45 -21.80 -7.76
C THR A 289 -3.45 -20.73 -7.32
N LEU A 290 -3.94 -19.69 -6.64
CA LEU A 290 -3.07 -18.63 -6.20
C LEU A 290 -2.56 -18.85 -4.78
N ASP A 291 -1.33 -18.44 -4.53
CA ASP A 291 -0.70 -18.55 -3.22
C ASP A 291 -1.29 -17.47 -2.32
N ARG A 292 -1.49 -17.80 -1.05
CA ARG A 292 -2.06 -16.88 -0.08
C ARG A 292 -1.42 -15.48 -0.06
N GLU A 293 -0.10 -15.41 -0.02
CA GLU A 293 0.57 -14.12 0.03
C GLU A 293 0.46 -13.37 -1.30
N VAL A 294 0.46 -14.11 -2.41
CA VAL A 294 0.31 -13.51 -3.72
C VAL A 294 -1.09 -12.89 -3.80
N LEU A 295 -2.10 -13.67 -3.42
CA LEU A 295 -3.48 -13.19 -3.44
C LEU A 295 -3.68 -11.92 -2.60
N HIS A 296 -3.12 -11.90 -1.39
CA HIS A 296 -3.29 -10.75 -0.51
C HIS A 296 -2.62 -9.49 -1.04
N GLN A 297 -1.44 -9.63 -1.63
CA GLN A 297 -0.74 -8.47 -2.19
C GLN A 297 -1.53 -7.97 -3.40
N ARG A 298 -1.95 -8.90 -4.25
CA ARG A 298 -2.71 -8.60 -5.45
C ARG A 298 -3.98 -7.81 -5.10
N ASP A 299 -4.74 -8.29 -4.12
CA ASP A 299 -5.97 -7.61 -3.75
C ASP A 299 -5.69 -6.21 -3.17
N MET A 300 -4.51 -6.01 -2.60
CA MET A 300 -4.22 -4.69 -2.08
C MET A 300 -3.83 -3.72 -3.18
N LEU A 301 -3.50 -4.24 -4.36
CA LEU A 301 -3.13 -3.38 -5.49
C LEU A 301 -4.29 -3.13 -6.46
N SER A 302 -5.25 -4.05 -6.51
CA SER A 302 -6.41 -3.93 -7.39
C SER A 302 -7.11 -2.58 -7.34
N PRO A 303 -7.43 -2.08 -6.13
CA PRO A 303 -8.10 -0.78 -5.98
C PRO A 303 -7.39 0.36 -6.71
N LYS A 304 -6.07 0.40 -6.61
CA LYS A 304 -5.27 1.42 -7.25
C LYS A 304 -5.40 1.34 -8.77
N TYR A 305 -5.40 0.11 -9.28
CA TYR A 305 -5.55 -0.17 -10.70
C TYR A 305 -6.93 0.26 -11.19
N ALA A 306 -7.96 -0.04 -10.39
CA ALA A 306 -9.33 0.31 -10.74
C ALA A 306 -9.44 1.82 -10.87
N GLU A 307 -8.74 2.51 -9.98
CA GLU A 307 -8.73 3.95 -9.94
C GLU A 307 -8.05 4.50 -11.18
N LEU A 308 -6.98 3.85 -11.62
CA LEU A 308 -6.26 4.29 -12.81
C LEU A 308 -7.17 4.18 -14.04
N VAL A 309 -7.89 3.07 -14.14
CA VAL A 309 -8.79 2.84 -15.25
C VAL A 309 -9.92 3.85 -15.26
N TYR A 310 -10.53 4.02 -14.10
CA TYR A 310 -11.65 4.95 -13.93
C TYR A 310 -11.32 6.38 -14.32
N TYR A 311 -10.10 6.82 -14.00
CA TYR A 311 -9.66 8.18 -14.30
C TYR A 311 -9.28 8.32 -15.76
N GLY A 312 -8.97 7.21 -16.42
CA GLY A 312 -8.60 7.25 -17.82
C GLY A 312 -7.12 7.05 -18.08
N PHE A 313 -6.39 6.59 -17.09
CA PHE A 313 -4.96 6.37 -17.27
C PHE A 313 -4.64 4.97 -17.76
N TRP A 314 -5.24 4.59 -18.89
CA TRP A 314 -5.01 3.27 -19.44
C TRP A 314 -3.68 3.17 -20.15
N TYR A 315 -3.38 4.12 -21.03
CA TYR A 315 -2.10 4.11 -21.73
C TYR A 315 -1.09 4.96 -20.98
N ALA A 316 -1.08 4.79 -19.66
CA ALA A 316 -0.15 5.52 -18.79
C ALA A 316 0.84 4.47 -18.28
N PRO A 317 2.10 4.87 -18.06
CA PRO A 317 3.08 3.89 -17.57
C PRO A 317 2.76 3.19 -16.25
N GLU A 318 2.06 3.86 -15.34
CA GLU A 318 1.71 3.26 -14.05
C GLU A 318 0.79 2.06 -14.20
N ARG A 319 -0.24 2.20 -15.01
CA ARG A 319 -1.18 1.12 -15.21
C ARG A 319 -0.47 -0.04 -15.90
N GLU A 320 0.41 0.27 -16.84
CA GLU A 320 1.14 -0.77 -17.56
C GLU A 320 2.14 -1.48 -16.65
N ALA A 321 2.66 -0.77 -15.64
CA ALA A 321 3.60 -1.34 -14.68
C ALA A 321 2.85 -2.33 -13.82
N LEU A 322 1.72 -1.90 -13.27
CA LEU A 322 0.89 -2.78 -12.45
C LEU A 322 0.43 -3.98 -13.28
N GLN A 323 0.15 -3.75 -14.55
CA GLN A 323 -0.33 -4.80 -15.45
C GLN A 323 0.64 -5.96 -15.51
N ALA A 324 1.93 -5.65 -15.48
CA ALA A 324 2.99 -6.67 -15.54
C ALA A 324 2.88 -7.57 -14.32
N TYR A 325 2.53 -6.98 -13.18
CA TYR A 325 2.37 -7.72 -11.95
C TYR A 325 1.11 -8.58 -12.03
N PHE A 326 -0.02 -7.94 -12.32
CA PHE A 326 -1.30 -8.65 -12.41
C PHE A 326 -1.24 -9.80 -13.41
N ASP A 327 -0.61 -9.55 -14.56
CA ASP A 327 -0.50 -10.58 -15.58
C ASP A 327 0.36 -11.73 -15.07
N HIS A 328 1.45 -11.40 -14.39
CA HIS A 328 2.33 -12.41 -13.83
C HIS A 328 1.51 -13.33 -12.94
N VAL A 329 0.71 -12.74 -12.05
CA VAL A 329 -0.13 -13.51 -11.14
C VAL A 329 -1.19 -14.31 -11.87
N ALA A 330 -1.88 -13.67 -12.80
CA ALA A 330 -2.93 -14.32 -13.58
C ALA A 330 -2.49 -15.58 -14.32
N ARG A 331 -1.21 -15.65 -14.69
CA ARG A 331 -0.69 -16.79 -15.43
C ARG A 331 -1.00 -18.13 -14.77
N SER A 332 -1.19 -18.11 -13.45
CA SER A 332 -1.48 -19.33 -12.70
C SER A 332 -2.96 -19.68 -12.63
N VAL A 333 -3.82 -18.71 -12.98
CA VAL A 333 -5.26 -18.95 -12.92
C VAL A 333 -5.74 -19.83 -14.05
N THR A 334 -5.74 -21.14 -13.79
CA THR A 334 -6.15 -22.17 -14.75
C THR A 334 -7.06 -23.17 -14.05
N GLY A 335 -8.30 -23.28 -14.52
CA GLY A 335 -9.23 -24.20 -13.91
C GLY A 335 -10.65 -23.85 -14.26
N VAL A 336 -11.60 -24.52 -13.61
CA VAL A 336 -13.00 -24.29 -13.91
C VAL A 336 -13.81 -23.87 -12.69
N ALA A 337 -14.62 -22.82 -12.86
CA ALA A 337 -15.48 -22.33 -11.79
C ALA A 337 -16.91 -22.75 -12.11
N ARG A 338 -17.65 -23.23 -11.12
CA ARG A 338 -19.04 -23.62 -11.34
C ARG A 338 -19.94 -22.70 -10.53
N LEU A 339 -20.85 -22.01 -11.22
CA LEU A 339 -21.74 -21.09 -10.55
C LEU A 339 -23.21 -21.44 -10.68
N LYS A 340 -23.99 -20.92 -9.74
CA LYS A 340 -25.42 -21.14 -9.70
C LYS A 340 -26.10 -19.76 -9.74
N LEU A 341 -26.88 -19.50 -10.79
CA LEU A 341 -27.55 -18.22 -10.93
C LEU A 341 -29.01 -18.31 -10.53
N TYR A 342 -29.42 -17.40 -9.64
CA TYR A 342 -30.81 -17.39 -9.19
C TYR A 342 -31.29 -16.00 -8.80
N LYS A 343 -32.34 -15.58 -9.49
CA LYS A 343 -32.98 -14.28 -9.26
C LYS A 343 -32.08 -13.14 -8.80
N GLY A 344 -31.28 -12.63 -9.73
CA GLY A 344 -30.41 -11.52 -9.43
C GLY A 344 -29.06 -11.86 -8.81
N ASN A 345 -28.97 -13.02 -8.17
CA ASN A 345 -27.73 -13.41 -7.51
C ASN A 345 -26.86 -14.43 -8.25
N VAL A 346 -25.57 -14.44 -7.88
CA VAL A 346 -24.60 -15.35 -8.46
C VAL A 346 -23.98 -16.12 -7.29
N TYR A 347 -24.00 -17.45 -7.35
CA TYR A 347 -23.41 -18.24 -6.25
C TYR A 347 -22.34 -19.19 -6.75
N VAL A 348 -21.15 -19.08 -6.18
CA VAL A 348 -20.09 -19.99 -6.52
C VAL A 348 -20.53 -21.28 -5.83
N VAL A 349 -20.49 -22.37 -6.56
CA VAL A 349 -20.96 -23.63 -6.01
C VAL A 349 -19.90 -24.73 -6.14
N GLY A 350 -18.87 -24.43 -6.93
CA GLY A 350 -17.79 -25.39 -7.13
C GLY A 350 -16.61 -24.82 -7.89
N ARG A 351 -15.46 -25.46 -7.75
CA ARG A 351 -14.25 -25.05 -8.45
C ARG A 351 -13.23 -26.17 -8.46
N LYS A 352 -12.49 -26.27 -9.56
CA LYS A 352 -11.47 -27.28 -9.72
C LYS A 352 -10.36 -26.72 -10.59
N ALA A 353 -9.14 -27.21 -10.39
CA ALA A 353 -7.99 -26.76 -11.16
C ALA A 353 -6.98 -27.88 -11.27
N PRO A 354 -6.25 -27.93 -12.40
CA PRO A 354 -5.23 -28.97 -12.62
C PRO A 354 -4.10 -28.89 -11.58
N LYS A 355 -3.70 -27.66 -11.24
CA LYS A 355 -2.62 -27.47 -10.28
C LYS A 355 -3.13 -26.80 -9.02
N SER A 356 -4.21 -27.34 -8.46
CA SER A 356 -4.79 -26.83 -7.23
C SER A 356 -3.83 -27.03 -6.05
N LEU A 357 -3.81 -26.07 -5.12
CA LEU A 357 -2.96 -26.14 -3.94
C LEU A 357 -3.80 -26.65 -2.78
N TYR A 358 -5.04 -27.01 -3.08
CA TYR A 358 -5.98 -27.51 -2.09
C TYR A 358 -5.71 -28.98 -1.79
N ARG A 359 -5.41 -29.27 -0.52
CA ARG A 359 -5.11 -30.61 0.00
C ARG A 359 -4.10 -31.41 -0.81
N GLY A 370 3.06 -32.56 6.71
CA GLY A 370 3.39 -31.12 6.51
C GLY A 370 3.87 -30.51 7.80
N TYR A 371 3.14 -30.78 8.87
CA TYR A 371 3.46 -30.26 10.18
C TYR A 371 2.60 -31.02 11.19
N ASP A 372 3.01 -30.99 12.45
CA ASP A 372 2.26 -31.66 13.51
C ASP A 372 1.87 -30.63 14.56
N GLN A 373 1.15 -31.07 15.59
CA GLN A 373 0.70 -30.18 16.65
C GLN A 373 1.84 -29.45 17.35
N LYS A 374 2.96 -30.14 17.57
CA LYS A 374 4.08 -29.50 18.23
C LYS A 374 4.63 -28.35 17.37
N ASP A 375 4.51 -28.49 16.06
CA ASP A 375 4.99 -27.46 15.13
C ASP A 375 4.13 -26.20 15.27
N ALA A 376 2.83 -26.39 15.50
CA ALA A 376 1.92 -25.26 15.67
C ALA A 376 2.25 -24.44 16.91
N GLU A 377 2.62 -25.12 17.99
CA GLU A 377 2.93 -24.43 19.24
C GLU A 377 4.14 -23.53 19.10
N GLY A 378 5.17 -24.01 18.39
CA GLY A 378 6.36 -23.22 18.18
C GLY A 378 6.04 -22.00 17.33
N PHE A 379 5.18 -22.20 16.34
CA PHE A 379 4.78 -21.11 15.46
C PHE A 379 4.13 -20.04 16.33
N ILE A 380 3.22 -20.49 17.19
CA ILE A 380 2.49 -19.59 18.06
C ILE A 380 3.42 -18.82 18.99
N LYS A 381 4.37 -19.53 19.59
CA LYS A 381 5.31 -18.89 20.51
C LYS A 381 6.11 -17.78 19.83
N ILE A 382 6.66 -18.06 18.66
CA ILE A 382 7.45 -17.07 17.92
C ILE A 382 6.61 -15.84 17.55
N GLN A 383 5.37 -16.08 17.14
CA GLN A 383 4.47 -14.99 16.73
C GLN A 383 4.02 -14.14 17.92
N ALA A 384 3.90 -14.77 19.07
CA ALA A 384 3.45 -14.07 20.27
C ALA A 384 4.55 -13.32 21.01
N LEU A 385 5.79 -13.65 20.70
CA LEU A 385 6.92 -13.04 21.39
C LEU A 385 6.89 -11.51 21.49
N ARG A 386 6.80 -10.80 20.36
CA ARG A 386 6.79 -9.35 20.38
C ARG A 386 5.60 -8.81 21.17
N LEU A 387 4.50 -9.55 21.17
CA LEU A 387 3.30 -9.14 21.89
C LEU A 387 3.53 -9.24 23.40
N ARG A 388 4.16 -10.33 23.83
CA ARG A 388 4.45 -10.52 25.24
C ARG A 388 5.42 -9.46 25.75
N VAL A 389 6.48 -9.22 24.99
CA VAL A 389 7.47 -8.21 25.36
C VAL A 389 6.79 -6.85 25.53
N ARG A 390 5.90 -6.53 24.60
CA ARG A 390 5.18 -5.26 24.66
C ARG A 390 4.33 -5.19 25.94
N ALA A 391 3.66 -6.30 26.24
CA ALA A 391 2.81 -6.38 27.43
C ALA A 391 3.66 -6.23 28.68
N LEU A 392 4.79 -6.93 28.71
CA LEU A 392 5.67 -6.85 29.86
C LEU A 392 6.19 -5.43 30.00
N VAL A 393 6.64 -4.84 28.89
CA VAL A 393 7.17 -3.49 28.96
C VAL A 393 6.15 -2.47 29.43
N GLU A 394 4.87 -2.69 29.19
CA GLU A 394 3.87 -1.75 29.65
C GLU A 394 3.83 -1.96 31.17
N ARG A 395 4.71 -2.86 31.62
CA ARG A 395 4.85 -3.24 33.03
C ARG A 395 3.50 -3.49 33.64
N MET B 1 -3.30 -26.14 41.89
CA MET B 1 -3.27 -25.48 40.56
C MET B 1 -4.68 -25.29 40.01
N LYS B 2 -4.93 -24.11 39.44
CA LYS B 2 -6.23 -23.75 38.86
C LYS B 2 -6.12 -23.49 37.36
N ILE B 3 -7.09 -24.00 36.61
CA ILE B 3 -7.11 -23.84 35.16
C ILE B 3 -8.48 -23.31 34.69
N VAL B 4 -8.48 -22.16 34.04
CA VAL B 4 -9.74 -21.61 33.52
C VAL B 4 -9.95 -22.20 32.14
N LEU B 5 -11.06 -22.91 31.97
CA LEU B 5 -11.36 -23.57 30.71
C LEU B 5 -12.52 -22.94 29.94
N ALA B 6 -12.33 -22.76 28.63
CA ALA B 6 -13.38 -22.24 27.77
C ALA B 6 -14.25 -23.49 27.57
N TYR B 7 -15.31 -23.58 28.35
CA TYR B 7 -16.22 -24.74 28.35
C TYR B 7 -17.53 -24.48 27.61
N SER B 8 -17.86 -25.35 26.66
CA SER B 8 -19.10 -25.17 25.89
C SER B 8 -20.20 -26.16 26.26
N GLY B 9 -19.88 -27.13 27.10
CA GLY B 9 -20.88 -28.12 27.47
C GLY B 9 -20.89 -29.31 26.54
N GLY B 10 -20.10 -29.27 25.48
CA GLY B 10 -20.05 -30.37 24.53
C GLY B 10 -19.24 -31.56 25.03
N LEU B 11 -19.23 -32.64 24.24
CA LEU B 11 -18.49 -33.84 24.61
C LEU B 11 -17.00 -33.57 24.84
N ASP B 12 -16.33 -33.00 23.84
CA ASP B 12 -14.90 -32.73 23.93
C ASP B 12 -14.44 -31.82 25.08
N THR B 13 -15.11 -30.70 25.28
CA THR B 13 -14.70 -29.82 26.38
C THR B 13 -15.00 -30.44 27.74
N SER B 14 -15.97 -31.36 27.79
CA SER B 14 -16.30 -32.06 29.03
C SER B 14 -15.17 -33.05 29.30
N ILE B 15 -14.77 -33.78 28.25
CA ILE B 15 -13.69 -34.74 28.32
C ILE B 15 -12.40 -34.01 28.75
N ILE B 16 -12.18 -32.83 28.17
CA ILE B 16 -11.02 -32.02 28.47
C ILE B 16 -11.03 -31.60 29.94
N LEU B 17 -12.22 -31.31 30.47
CA LEU B 17 -12.35 -30.88 31.85
C LEU B 17 -11.82 -32.00 32.75
N LYS B 18 -12.24 -33.23 32.48
CA LYS B 18 -11.79 -34.39 33.25
C LYS B 18 -10.29 -34.60 33.06
N TRP B 19 -9.85 -34.52 31.80
CA TRP B 19 -8.46 -34.72 31.44
C TRP B 19 -7.54 -33.71 32.14
N LEU B 20 -8.01 -32.47 32.24
CA LEU B 20 -7.23 -31.41 32.88
C LEU B 20 -7.00 -31.67 34.36
N LYS B 21 -8.07 -32.04 35.07
CA LYS B 21 -7.97 -32.29 36.51
C LYS B 21 -6.94 -33.37 36.84
N GLU B 22 -7.02 -34.49 36.13
CA GLU B 22 -6.10 -35.58 36.37
C GLU B 22 -4.71 -35.35 35.83
N THR B 23 -4.60 -34.85 34.60
CA THR B 23 -3.29 -34.62 34.01
C THR B 23 -2.46 -33.60 34.76
N TYR B 24 -3.09 -32.50 35.14
CA TYR B 24 -2.41 -31.43 35.87
C TYR B 24 -2.61 -31.41 37.39
N ARG B 25 -3.41 -32.34 37.90
CA ARG B 25 -3.68 -32.40 39.34
C ARG B 25 -4.16 -31.02 39.81
N ALA B 26 -5.11 -30.46 39.08
CA ALA B 26 -5.62 -29.13 39.39
C ALA B 26 -7.13 -29.07 39.37
N GLU B 27 -7.67 -27.93 39.77
CA GLU B 27 -9.11 -27.73 39.75
C GLU B 27 -9.43 -26.90 38.50
N VAL B 28 -10.60 -27.13 37.92
CA VAL B 28 -10.97 -26.41 36.72
C VAL B 28 -12.12 -25.44 36.93
N ILE B 29 -11.92 -24.22 36.45
CA ILE B 29 -12.94 -23.18 36.52
C ILE B 29 -13.47 -23.14 35.09
N ALA B 30 -14.73 -23.54 34.91
CA ALA B 30 -15.35 -23.58 33.59
C ALA B 30 -15.93 -22.22 33.18
N PHE B 31 -15.66 -21.82 31.94
CA PHE B 31 -16.18 -20.56 31.44
C PHE B 31 -16.99 -20.77 30.17
N THR B 32 -18.25 -20.38 30.22
CA THR B 32 -19.13 -20.49 29.08
C THR B 32 -19.69 -19.11 28.80
N ALA B 33 -19.68 -18.72 27.54
CA ALA B 33 -20.16 -17.40 27.18
C ALA B 33 -21.19 -17.45 26.08
N ASP B 34 -22.20 -16.61 26.21
CA ASP B 34 -23.23 -16.53 25.18
C ASP B 34 -22.90 -15.34 24.30
N ILE B 35 -22.55 -15.64 23.05
CA ILE B 35 -22.25 -14.60 22.07
C ILE B 35 -23.17 -14.78 20.88
N GLY B 36 -24.31 -15.42 21.14
CA GLY B 36 -25.30 -15.66 20.10
C GLY B 36 -25.28 -17.02 19.44
N GLN B 37 -24.85 -18.08 20.14
CA GLN B 37 -24.81 -19.40 19.53
C GLN B 37 -26.17 -20.06 19.62
N GLY B 38 -27.11 -19.38 20.26
CA GLY B 38 -28.45 -19.92 20.38
C GLY B 38 -28.57 -21.10 21.33
N GLU B 39 -27.60 -21.24 22.24
CA GLU B 39 -27.64 -22.33 23.21
C GLU B 39 -27.89 -21.79 24.61
N GLU B 40 -28.47 -22.61 25.49
CA GLU B 40 -28.68 -22.11 26.84
C GLU B 40 -27.41 -22.34 27.64
N VAL B 41 -26.69 -21.24 27.81
CA VAL B 41 -25.42 -21.20 28.51
C VAL B 41 -25.49 -21.63 29.97
N GLU B 42 -26.62 -21.42 30.61
CA GLU B 42 -26.74 -21.81 32.01
C GLU B 42 -26.69 -23.32 32.17
N GLU B 43 -27.13 -24.05 31.15
CA GLU B 43 -27.10 -25.51 31.22
C GLU B 43 -25.67 -26.02 31.08
N ALA B 44 -24.88 -25.37 30.23
CA ALA B 44 -23.49 -25.79 30.07
C ALA B 44 -22.78 -25.56 31.40
N ARG B 45 -23.16 -24.48 32.08
CA ARG B 45 -22.56 -24.13 33.36
C ARG B 45 -22.83 -25.17 34.45
N GLU B 46 -24.05 -25.70 34.47
CA GLU B 46 -24.43 -26.70 35.46
C GLU B 46 -23.83 -28.06 35.10
N LYS B 47 -23.66 -28.33 33.81
CA LYS B 47 -23.07 -29.58 33.38
C LYS B 47 -21.58 -29.58 33.81
N ALA B 48 -20.96 -28.39 33.76
CA ALA B 48 -19.57 -28.25 34.16
C ALA B 48 -19.39 -28.69 35.61
N LEU B 49 -20.27 -28.21 36.50
CA LEU B 49 -20.20 -28.56 37.91
C LEU B 49 -20.39 -30.05 38.05
N ARG B 50 -21.34 -30.58 37.30
CA ARG B 50 -21.65 -32.01 37.29
C ARG B 50 -20.44 -32.82 36.80
N THR B 51 -19.74 -32.27 35.82
CA THR B 51 -18.58 -32.91 35.23
C THR B 51 -17.33 -32.77 36.10
N GLY B 52 -17.39 -31.92 37.12
CA GLY B 52 -16.24 -31.78 37.99
C GLY B 52 -15.59 -30.42 38.19
N ALA B 53 -16.14 -29.37 37.59
CA ALA B 53 -15.55 -28.05 37.76
C ALA B 53 -15.70 -27.63 39.21
N SER B 54 -14.73 -26.89 39.74
CA SER B 54 -14.79 -26.43 41.12
C SER B 54 -15.54 -25.11 41.13
N LYS B 55 -15.78 -24.59 39.94
CA LYS B 55 -16.53 -23.35 39.74
C LYS B 55 -16.86 -23.16 38.27
N ALA B 56 -18.12 -22.94 37.97
CA ALA B 56 -18.58 -22.72 36.59
C ALA B 56 -19.16 -21.30 36.46
N ILE B 57 -18.70 -20.59 35.45
CA ILE B 57 -19.13 -19.21 35.18
C ILE B 57 -19.79 -19.11 33.82
N ALA B 58 -20.94 -18.46 33.76
CA ALA B 58 -21.66 -18.29 32.50
C ALA B 58 -22.03 -16.81 32.35
N LEU B 59 -21.64 -16.20 31.24
CA LEU B 59 -21.94 -14.78 31.03
C LEU B 59 -22.59 -14.48 29.69
N ASP B 60 -23.39 -13.41 29.67
CA ASP B 60 -24.06 -12.97 28.46
C ASP B 60 -23.13 -11.91 27.89
N LEU B 61 -22.43 -12.25 26.82
CA LEU B 61 -21.48 -11.33 26.22
C LEU B 61 -21.91 -10.80 24.87
N LYS B 62 -23.18 -10.94 24.51
CA LYS B 62 -23.67 -10.47 23.22
C LYS B 62 -23.40 -9.00 22.94
N GLU B 63 -23.76 -8.13 23.87
CA GLU B 63 -23.55 -6.70 23.67
C GLU B 63 -22.08 -6.32 23.56
N GLU B 64 -21.23 -6.87 24.42
CA GLU B 64 -19.81 -6.55 24.36
C GLU B 64 -19.21 -7.05 23.05
N PHE B 65 -19.66 -8.23 22.62
CA PHE B 65 -19.18 -8.83 21.38
C PHE B 65 -19.47 -7.92 20.17
N VAL B 66 -20.70 -7.43 20.06
CA VAL B 66 -21.06 -6.56 18.94
C VAL B 66 -20.50 -5.14 19.07
N ARG B 67 -20.63 -4.57 20.27
CA ARG B 67 -20.14 -3.21 20.52
C ARG B 67 -18.62 -3.04 20.44
N ASP B 68 -17.87 -3.98 21.01
CA ASP B 68 -16.41 -3.85 21.04
C ASP B 68 -15.61 -4.66 20.03
N PHE B 69 -16.25 -5.59 19.34
CA PHE B 69 -15.51 -6.39 18.37
C PHE B 69 -16.09 -6.29 16.97
N VAL B 70 -17.34 -6.67 16.81
CA VAL B 70 -17.99 -6.62 15.50
C VAL B 70 -17.99 -5.22 14.92
N PHE B 71 -18.57 -4.27 15.64
CA PHE B 71 -18.63 -2.88 15.18
C PHE B 71 -17.27 -2.28 14.84
N PRO B 72 -16.30 -2.35 15.76
CA PRO B 72 -14.99 -1.77 15.44
C PRO B 72 -14.45 -2.31 14.10
N MET B 73 -14.64 -3.61 13.88
CA MET B 73 -14.17 -4.28 12.67
C MET B 73 -14.92 -3.85 11.40
N MET B 74 -16.23 -3.67 11.51
CA MET B 74 -17.04 -3.28 10.37
C MET B 74 -16.70 -1.87 9.90
N ARG B 75 -16.36 -0.98 10.84
CA ARG B 75 -15.98 0.39 10.49
C ARG B 75 -14.76 0.40 9.59
N ALA B 76 -14.02 -0.70 9.57
CA ALA B 76 -12.83 -0.79 8.75
C ALA B 76 -13.12 -1.36 7.36
N GLY B 77 -14.36 -1.81 7.15
CA GLY B 77 -14.75 -2.39 5.88
C GLY B 77 -14.00 -3.68 5.62
N ALA B 78 -13.74 -4.42 6.69
CA ALA B 78 -12.98 -5.67 6.64
C ALA B 78 -13.64 -6.84 5.93
N VAL B 79 -12.97 -7.32 4.89
CA VAL B 79 -13.45 -8.47 4.13
C VAL B 79 -12.24 -9.33 3.79
N TYR B 80 -12.24 -10.57 4.25
CA TYR B 80 -11.13 -11.48 3.98
C TYR B 80 -11.26 -12.21 2.65
N GLU B 81 -10.29 -11.99 1.78
CA GLU B 81 -10.23 -12.62 0.46
C GLU B 81 -11.52 -12.51 -0.35
N GLY B 82 -12.01 -11.29 -0.49
CA GLY B 82 -13.22 -11.05 -1.27
C GLY B 82 -14.58 -11.31 -0.67
N TYR B 83 -14.73 -12.31 0.18
CA TYR B 83 -16.05 -12.59 0.73
C TYR B 83 -16.21 -12.83 2.22
N TYR B 84 -15.18 -13.32 2.90
CA TYR B 84 -15.31 -13.65 4.31
C TYR B 84 -15.45 -12.47 5.25
N LEU B 85 -16.60 -12.40 5.92
CA LEU B 85 -16.88 -11.32 6.85
C LEU B 85 -16.32 -11.52 8.26
N LEU B 86 -15.48 -12.55 8.42
CA LEU B 86 -14.80 -12.81 9.68
C LEU B 86 -15.63 -13.09 10.92
N GLY B 87 -16.71 -13.86 10.78
CA GLY B 87 -17.54 -14.17 11.92
C GLY B 87 -16.85 -14.97 13.01
N THR B 88 -16.00 -15.93 12.63
CA THR B 88 -15.32 -16.73 13.65
C THR B 88 -14.16 -15.96 14.26
N SER B 89 -13.39 -15.30 13.41
CA SER B 89 -12.22 -14.54 13.86
C SER B 89 -12.43 -13.46 14.92
N ILE B 90 -13.44 -12.58 14.78
CA ILE B 90 -13.62 -11.53 15.79
C ILE B 90 -14.19 -12.00 17.11
N ALA B 91 -14.66 -13.24 17.17
CA ALA B 91 -15.24 -13.76 18.41
C ALA B 91 -14.20 -14.32 19.38
N ARG B 92 -13.13 -14.92 18.86
CA ARG B 92 -12.09 -15.49 19.72
C ARG B 92 -11.43 -14.52 20.71
N PRO B 93 -10.94 -13.37 20.23
CA PRO B 93 -10.30 -12.38 21.11
C PRO B 93 -11.13 -12.06 22.34
N LEU B 94 -12.44 -12.11 22.18
CA LEU B 94 -13.39 -11.80 23.26
C LEU B 94 -13.37 -12.89 24.32
N ILE B 95 -13.39 -14.15 23.87
CA ILE B 95 -13.40 -15.29 24.78
C ILE B 95 -12.07 -15.38 25.53
N ALA B 96 -10.96 -15.30 24.82
CA ALA B 96 -9.64 -15.36 25.44
C ALA B 96 -9.49 -14.22 26.43
N LYS B 97 -10.06 -13.06 26.10
CA LYS B 97 -10.00 -11.91 26.98
C LYS B 97 -10.64 -12.21 28.33
N HIS B 98 -11.75 -12.94 28.33
CA HIS B 98 -12.39 -13.27 29.59
C HIS B 98 -11.68 -14.42 30.32
N LEU B 99 -11.08 -15.36 29.59
CA LEU B 99 -10.35 -16.46 30.21
C LEU B 99 -9.20 -15.89 31.04
N VAL B 100 -8.48 -14.93 30.46
CA VAL B 100 -7.38 -14.30 31.16
C VAL B 100 -7.85 -13.38 32.29
N ARG B 101 -9.07 -12.88 32.19
CA ARG B 101 -9.63 -12.01 33.23
C ARG B 101 -10.03 -12.88 34.42
N ILE B 102 -10.73 -13.96 34.13
CA ILE B 102 -11.18 -14.90 35.16
C ILE B 102 -9.98 -15.56 35.85
N ALA B 103 -8.94 -15.84 35.08
CA ALA B 103 -7.73 -16.44 35.63
C ALA B 103 -7.09 -15.51 36.66
N GLU B 104 -7.03 -14.23 36.35
CA GLU B 104 -6.41 -13.23 37.24
C GLU B 104 -7.23 -13.07 38.52
N GLU B 105 -8.54 -13.11 38.39
CA GLU B 105 -9.40 -12.94 39.55
C GLU B 105 -9.47 -14.18 40.41
N GLU B 106 -9.38 -15.35 39.79
CA GLU B 106 -9.46 -16.61 40.51
C GLU B 106 -8.11 -17.12 40.96
N GLY B 107 -7.05 -16.45 40.54
CA GLY B 107 -5.72 -16.90 40.91
C GLY B 107 -5.32 -18.16 40.16
N ALA B 108 -5.79 -18.28 38.93
CA ALA B 108 -5.46 -19.44 38.09
C ALA B 108 -4.17 -19.09 37.35
N GLU B 109 -3.23 -20.02 37.32
CA GLU B 109 -1.97 -19.77 36.64
C GLU B 109 -2.09 -20.15 35.16
N ALA B 110 -3.20 -20.79 34.81
CA ALA B 110 -3.37 -21.24 33.43
C ALA B 110 -4.80 -21.23 32.89
N ILE B 111 -4.90 -21.22 31.56
CA ILE B 111 -6.19 -21.26 30.89
C ILE B 111 -6.12 -22.37 29.85
N ALA B 112 -7.28 -22.84 29.41
CA ALA B 112 -7.33 -23.91 28.42
C ALA B 112 -8.48 -23.71 27.42
N HIS B 113 -8.28 -24.27 26.22
CA HIS B 113 -9.28 -24.19 25.16
C HIS B 113 -9.32 -25.53 24.41
N GLY B 114 -10.43 -25.80 23.73
CA GLY B 114 -10.56 -27.05 23.00
C GLY B 114 -10.30 -26.98 21.51
N ALA B 115 -9.56 -25.96 21.07
CA ALA B 115 -9.26 -25.82 19.63
C ALA B 115 -8.33 -26.96 19.20
N THR B 116 -8.47 -27.43 17.97
CA THR B 116 -7.61 -28.52 17.52
C THR B 116 -6.16 -28.10 17.36
N GLY B 117 -5.26 -29.08 17.46
CA GLY B 117 -3.84 -28.82 17.34
C GLY B 117 -3.35 -28.54 15.94
N LYS B 118 -4.22 -28.64 14.95
CA LYS B 118 -3.79 -28.39 13.58
C LYS B 118 -4.52 -27.20 12.93
N GLY B 119 -5.35 -26.49 13.69
CA GLY B 119 -6.11 -25.40 13.11
C GLY B 119 -5.69 -23.97 13.37
N ASN B 120 -6.51 -23.03 12.92
CA ASN B 120 -6.25 -21.59 13.10
C ASN B 120 -6.80 -21.04 14.40
N ASP B 121 -7.85 -21.67 14.90
CA ASP B 121 -8.47 -21.21 16.13
C ASP B 121 -7.53 -21.16 17.34
N GLN B 122 -6.65 -22.16 17.45
CA GLN B 122 -5.69 -22.22 18.54
C GLN B 122 -4.87 -20.93 18.58
N VAL B 123 -4.41 -20.50 17.41
CA VAL B 123 -3.61 -19.30 17.30
C VAL B 123 -4.37 -18.07 17.75
N ARG B 124 -5.67 -18.02 17.44
CA ARG B 124 -6.48 -16.88 17.82
C ARG B 124 -6.60 -16.78 19.34
N PHE B 125 -6.89 -17.90 19.98
CA PHE B 125 -7.01 -17.95 21.43
C PHE B 125 -5.71 -17.53 22.13
N GLU B 126 -4.62 -18.16 21.74
CA GLU B 126 -3.34 -17.89 22.35
C GLU B 126 -2.69 -16.55 22.06
N LEU B 127 -2.81 -16.03 20.86
CA LEU B 127 -2.20 -14.72 20.58
C LEU B 127 -2.81 -13.63 21.47
N THR B 128 -4.12 -13.64 21.66
CA THR B 128 -4.69 -12.60 22.51
C THR B 128 -4.39 -12.89 23.98
N ALA B 129 -4.37 -14.17 24.36
CA ALA B 129 -4.06 -14.53 25.75
C ALA B 129 -2.69 -13.98 26.13
N TYR B 130 -1.66 -14.34 25.37
CA TYR B 130 -0.31 -13.89 25.63
C TYR B 130 -0.18 -12.37 25.56
N ALA B 131 -0.92 -11.75 24.65
CA ALA B 131 -0.87 -10.29 24.50
C ALA B 131 -1.46 -9.57 25.70
N LEU B 132 -2.43 -10.18 26.36
CA LEU B 132 -3.09 -9.57 27.52
C LEU B 132 -2.45 -9.94 28.86
N LYS B 133 -1.88 -11.15 28.93
CA LYS B 133 -1.22 -11.62 30.15
C LYS B 133 -0.03 -12.44 29.65
N PRO B 134 1.12 -11.77 29.46
CA PRO B 134 2.33 -12.44 28.97
C PRO B 134 2.85 -13.65 29.74
N ASP B 135 2.51 -13.71 31.03
CA ASP B 135 2.96 -14.81 31.86
C ASP B 135 1.95 -15.95 31.97
N ILE B 136 0.80 -15.82 31.32
CA ILE B 136 -0.22 -16.87 31.41
C ILE B 136 0.28 -18.18 30.85
N LYS B 137 -0.17 -19.28 31.44
CA LYS B 137 0.20 -20.59 30.95
C LYS B 137 -1.00 -21.02 30.13
N VAL B 138 -0.76 -21.45 28.89
CA VAL B 138 -1.85 -21.90 28.04
C VAL B 138 -1.74 -23.40 27.81
N ILE B 139 -2.80 -24.13 28.10
CA ILE B 139 -2.82 -25.56 27.90
C ILE B 139 -3.76 -25.93 26.77
N ALA B 140 -3.22 -26.55 25.73
CA ALA B 140 -4.01 -26.96 24.59
C ALA B 140 -4.04 -28.49 24.57
N PRO B 141 -5.06 -29.09 25.21
CA PRO B 141 -5.19 -30.55 25.26
C PRO B 141 -5.01 -31.26 23.92
N TRP B 142 -5.61 -30.72 22.85
CA TRP B 142 -5.49 -31.36 21.54
C TRP B 142 -4.05 -31.45 21.05
N ARG B 143 -3.19 -30.54 21.50
CA ARG B 143 -1.79 -30.61 21.10
C ARG B 143 -0.98 -31.48 22.08
N GLU B 144 -1.52 -31.69 23.28
CA GLU B 144 -0.81 -32.42 24.33
C GLU B 144 -1.19 -33.84 24.67
N TRP B 145 -2.48 -34.16 24.65
CA TRP B 145 -2.90 -35.50 25.03
C TRP B 145 -2.49 -36.64 24.12
N SER B 146 -2.86 -37.85 24.51
CA SER B 146 -2.49 -39.01 23.74
C SER B 146 -3.63 -39.80 23.14
N PHE B 147 -4.85 -39.26 23.18
CA PHE B 147 -5.99 -39.95 22.57
C PHE B 147 -5.58 -40.14 21.11
N GLN B 148 -5.77 -41.35 20.60
CA GLN B 148 -5.39 -41.62 19.22
C GLN B 148 -6.59 -41.79 18.28
N GLY B 149 -7.79 -41.76 18.84
CA GLY B 149 -8.96 -41.93 18.01
C GLY B 149 -10.25 -41.47 18.66
N ARG B 150 -11.28 -41.32 17.83
CA ARG B 150 -12.60 -40.89 18.26
C ARG B 150 -13.21 -41.93 19.20
N LYS B 151 -13.03 -43.19 18.84
CA LYS B 151 -13.55 -44.31 19.61
C LYS B 151 -13.03 -44.30 21.05
N GLU B 152 -11.71 -44.18 21.19
CA GLU B 152 -11.06 -44.18 22.50
C GLU B 152 -11.61 -43.05 23.35
N MET B 153 -11.86 -41.90 22.73
CA MET B 153 -12.41 -40.75 23.44
C MET B 153 -13.82 -41.03 23.98
N ILE B 154 -14.61 -41.81 23.25
CA ILE B 154 -15.95 -42.14 23.72
C ILE B 154 -15.87 -43.04 24.94
N ALA B 155 -14.98 -44.05 24.89
CA ALA B 155 -14.80 -44.96 26.01
C ALA B 155 -14.36 -44.20 27.27
N TYR B 156 -13.46 -43.24 27.08
CA TYR B 156 -12.97 -42.41 28.17
C TYR B 156 -14.15 -41.63 28.76
N ALA B 157 -14.95 -41.02 27.89
CA ALA B 157 -16.10 -40.25 28.34
C ALA B 157 -17.12 -41.13 29.07
N GLU B 158 -17.42 -42.29 28.50
CA GLU B 158 -18.36 -43.20 29.14
C GLU B 158 -17.77 -43.64 30.48
N ALA B 159 -16.47 -43.91 30.49
CA ALA B 159 -15.82 -44.32 31.72
C ALA B 159 -15.98 -43.26 32.81
N HIS B 160 -15.93 -41.99 32.43
CA HIS B 160 -16.04 -40.91 33.41
C HIS B 160 -17.45 -40.37 33.65
N GLY B 161 -18.46 -41.11 33.18
CA GLY B 161 -19.84 -40.68 33.38
C GLY B 161 -20.30 -39.49 32.55
N ILE B 162 -19.58 -39.18 31.48
CA ILE B 162 -19.97 -38.05 30.62
C ILE B 162 -20.91 -38.55 29.52
N PRO B 163 -22.13 -37.97 29.44
CA PRO B 163 -23.07 -38.40 28.40
C PRO B 163 -22.48 -38.28 27.00
N VAL B 164 -22.86 -39.19 26.11
CA VAL B 164 -22.36 -39.16 24.75
C VAL B 164 -23.51 -39.10 23.74
N PRO B 165 -23.39 -38.20 22.74
CA PRO B 165 -24.30 -37.91 21.63
C PRO B 165 -25.25 -39.01 21.16
N PRO B 171 -22.50 -34.25 8.92
CA PRO B 171 -21.65 -34.46 7.73
C PRO B 171 -20.72 -33.27 7.56
N TYR B 172 -20.70 -32.41 8.58
CA TYR B 172 -19.87 -31.20 8.59
C TYR B 172 -19.92 -30.59 9.99
N SER B 173 -18.93 -29.74 10.32
CA SER B 173 -18.93 -29.11 11.64
C SER B 173 -19.26 -27.63 11.48
N MET B 174 -19.95 -27.08 12.48
CA MET B 174 -20.37 -25.68 12.43
C MET B 174 -19.85 -24.86 13.60
N ASP B 175 -20.11 -23.56 13.53
CA ASP B 175 -19.73 -22.65 14.58
C ASP B 175 -20.65 -21.43 14.44
N ALA B 176 -21.29 -21.04 15.54
CA ALA B 176 -22.24 -19.94 15.50
C ALA B 176 -22.11 -18.88 16.59
N ASN B 177 -22.50 -17.66 16.22
CA ASN B 177 -22.51 -16.50 17.11
C ASN B 177 -23.43 -15.49 16.43
N LEU B 178 -23.63 -14.34 17.06
CA LEU B 178 -24.50 -13.29 16.51
C LEU B 178 -24.17 -12.82 15.08
N LEU B 179 -22.92 -12.92 14.67
CA LEU B 179 -22.56 -12.46 13.33
C LEU B 179 -22.81 -13.49 12.24
N HIS B 180 -22.55 -14.76 12.51
CA HIS B 180 -22.75 -15.79 11.48
C HIS B 180 -22.74 -17.23 11.98
N ILE B 181 -22.72 -18.14 11.03
CA ILE B 181 -22.64 -19.57 11.29
C ILE B 181 -21.78 -20.10 10.16
N SER B 182 -20.66 -20.74 10.50
CA SER B 182 -19.77 -21.28 9.48
C SER B 182 -19.94 -22.79 9.38
N TYR B 183 -19.65 -23.34 8.22
CA TYR B 183 -19.75 -24.77 7.98
C TYR B 183 -18.49 -25.24 7.25
N GLU B 184 -17.96 -26.39 7.67
CA GLU B 184 -16.80 -26.96 7.01
C GLU B 184 -16.65 -28.44 7.31
N GLY B 185 -15.76 -29.09 6.56
CA GLY B 185 -15.53 -30.52 6.75
C GLY B 185 -16.56 -31.42 6.10
N GLY B 186 -16.34 -32.73 6.25
CA GLY B 186 -17.26 -33.70 5.69
C GLY B 186 -17.48 -33.53 4.21
N VAL B 187 -18.73 -33.58 3.79
CA VAL B 187 -19.08 -33.42 2.39
C VAL B 187 -18.59 -32.08 1.81
N LEU B 188 -18.36 -31.11 2.70
CA LEU B 188 -17.89 -29.78 2.31
C LEU B 188 -16.41 -29.74 1.92
N GLU B 189 -15.68 -30.83 2.13
CA GLU B 189 -14.26 -30.83 1.79
C GLU B 189 -13.98 -30.94 0.30
N ASP B 190 -14.97 -31.36 -0.48
CA ASP B 190 -14.80 -31.45 -1.93
C ASP B 190 -15.22 -30.09 -2.50
N PRO B 191 -14.24 -29.25 -2.87
CA PRO B 191 -14.50 -27.92 -3.44
C PRO B 191 -15.34 -27.88 -4.70
N TRP B 192 -15.54 -29.04 -5.33
CA TRP B 192 -16.32 -29.10 -6.55
C TRP B 192 -17.77 -29.49 -6.25
N ALA B 193 -18.02 -29.89 -5.01
CA ALA B 193 -19.35 -30.32 -4.59
C ALA B 193 -20.15 -29.18 -3.98
N GLU B 194 -21.37 -28.99 -4.45
CA GLU B 194 -22.22 -27.94 -3.90
C GLU B 194 -22.70 -28.38 -2.51
N PRO B 195 -22.82 -27.42 -1.57
CA PRO B 195 -23.28 -27.75 -0.21
C PRO B 195 -24.59 -28.53 -0.22
N PRO B 196 -24.75 -29.46 0.73
CA PRO B 196 -25.96 -30.28 0.81
C PRO B 196 -27.22 -29.46 1.06
N LYS B 197 -28.35 -29.97 0.59
CA LYS B 197 -29.62 -29.28 0.73
C LYS B 197 -29.98 -29.17 2.20
N GLY B 198 -30.64 -28.08 2.57
CA GLY B 198 -31.06 -27.88 3.94
C GLY B 198 -29.94 -27.77 4.96
N MET B 199 -28.74 -27.42 4.53
CA MET B 199 -27.64 -27.30 5.48
C MET B 199 -27.75 -26.01 6.30
N PHE B 200 -28.15 -24.93 5.64
CA PHE B 200 -28.26 -23.64 6.29
C PHE B 200 -29.27 -23.56 7.42
N ARG B 201 -28.93 -22.81 8.46
CA ARG B 201 -29.78 -22.71 9.61
C ARG B 201 -30.18 -21.27 9.92
N MET B 202 -29.27 -20.35 9.70
CA MET B 202 -29.55 -18.96 10.01
C MET B 202 -30.32 -18.22 8.92
N THR B 203 -30.27 -18.72 7.70
CA THR B 203 -30.96 -18.06 6.61
C THR B 203 -31.86 -19.00 5.84
N GLN B 204 -33.03 -18.51 5.43
CA GLN B 204 -33.95 -19.34 4.67
C GLN B 204 -33.38 -19.50 3.27
N ASP B 205 -33.69 -20.62 2.61
CA ASP B 205 -33.19 -20.82 1.25
C ASP B 205 -33.86 -19.78 0.35
N PRO B 206 -33.09 -19.16 -0.55
CA PRO B 206 -33.66 -18.16 -1.45
C PRO B 206 -34.90 -18.67 -2.20
N GLU B 207 -34.92 -19.97 -2.52
CA GLU B 207 -36.06 -20.56 -3.22
C GLU B 207 -37.32 -20.51 -2.36
N GLU B 208 -37.16 -20.44 -1.06
CA GLU B 208 -38.30 -20.39 -0.14
C GLU B 208 -38.53 -19.00 0.40
N ALA B 209 -37.75 -18.04 -0.05
CA ALA B 209 -37.88 -16.66 0.43
C ALA B 209 -39.14 -16.01 -0.08
N PRO B 210 -39.64 -14.99 0.64
CA PRO B 210 -40.86 -14.27 0.25
C PRO B 210 -40.84 -13.79 -1.21
N ASP B 211 -42.01 -13.80 -1.84
CA ASP B 211 -42.11 -13.34 -3.23
C ASP B 211 -42.10 -11.83 -3.25
N ALA B 212 -42.36 -11.24 -2.09
CA ALA B 212 -42.38 -9.79 -1.94
C ALA B 212 -41.08 -9.25 -1.33
N PRO B 213 -40.42 -8.32 -2.03
CA PRO B 213 -39.19 -7.76 -1.50
C PRO B 213 -39.46 -6.88 -0.29
N GLU B 214 -38.50 -6.79 0.62
CA GLU B 214 -38.66 -5.98 1.81
C GLU B 214 -37.62 -4.89 1.79
N TYR B 215 -38.06 -3.67 2.10
CA TYR B 215 -37.16 -2.54 2.15
C TYR B 215 -36.66 -2.39 3.58
N VAL B 216 -35.38 -2.04 3.73
CA VAL B 216 -34.82 -1.84 5.07
C VAL B 216 -34.02 -0.55 5.09
N GLU B 217 -34.15 0.19 6.18
CA GLU B 217 -33.39 1.41 6.32
C GLU B 217 -32.53 1.27 7.57
N VAL B 218 -31.24 1.56 7.41
CA VAL B 218 -30.30 1.46 8.51
C VAL B 218 -29.65 2.82 8.73
N GLU B 219 -29.81 3.34 9.93
CA GLU B 219 -29.22 4.64 10.27
C GLU B 219 -27.82 4.44 10.90
N PHE B 220 -26.86 5.21 10.40
CA PHE B 220 -25.50 5.17 10.94
C PHE B 220 -25.21 6.51 11.61
N PHE B 221 -24.72 6.49 12.86
CA PHE B 221 -24.42 7.76 13.50
C PHE B 221 -22.96 7.51 13.86
N GLU B 222 -22.02 8.17 13.22
CA GLU B 222 -20.63 7.94 13.60
C GLU B 222 -19.81 6.70 13.31
N GLY B 223 -20.16 6.02 12.22
CA GLY B 223 -19.48 4.81 11.84
C GLY B 223 -20.18 3.56 12.34
N ASP B 224 -21.11 3.70 13.28
CA ASP B 224 -21.83 2.53 13.81
C ASP B 224 -23.34 2.56 13.56
N PRO B 225 -23.94 1.41 13.25
CA PRO B 225 -25.39 1.42 13.03
C PRO B 225 -26.12 1.65 14.36
N VAL B 226 -27.08 2.56 14.37
CA VAL B 226 -27.83 2.88 15.59
C VAL B 226 -29.34 2.68 15.47
N ALA B 227 -29.84 2.47 14.26
CA ALA B 227 -31.27 2.27 14.09
C ALA B 227 -31.65 1.48 12.84
N VAL B 228 -32.71 0.69 12.97
CA VAL B 228 -33.24 -0.11 11.87
C VAL B 228 -34.70 0.32 11.69
N ASN B 229 -35.03 0.82 10.51
CA ASN B 229 -36.38 1.27 10.20
C ASN B 229 -36.93 2.27 11.22
N GLY B 230 -36.08 3.22 11.62
CA GLY B 230 -36.49 4.23 12.58
C GLY B 230 -36.41 3.84 14.04
N GLU B 231 -36.29 2.55 14.33
CA GLU B 231 -36.24 2.12 15.73
C GLU B 231 -34.80 2.01 16.25
N ARG B 232 -34.49 2.80 17.29
CA ARG B 232 -33.17 2.80 17.90
C ARG B 232 -32.95 1.45 18.57
N LEU B 233 -31.80 0.83 18.33
CA LEU B 233 -31.50 -0.47 18.94
C LEU B 233 -30.05 -0.57 19.38
N SER B 234 -29.84 -1.21 20.53
CA SER B 234 -28.51 -1.42 21.07
C SER B 234 -27.73 -2.30 20.08
N PRO B 235 -26.39 -2.25 20.09
CA PRO B 235 -25.59 -3.06 19.17
C PRO B 235 -26.00 -4.52 18.98
N ALA B 236 -26.18 -5.26 20.06
CA ALA B 236 -26.58 -6.67 19.92
C ALA B 236 -28.02 -6.78 19.43
N ALA B 237 -28.89 -5.90 19.91
CA ALA B 237 -30.28 -5.91 19.50
C ALA B 237 -30.41 -5.57 18.00
N LEU B 238 -29.56 -4.68 17.52
CA LEU B 238 -29.59 -4.29 16.11
C LEU B 238 -29.09 -5.39 15.16
N LEU B 239 -28.08 -6.15 15.57
CA LEU B 239 -27.55 -7.22 14.73
C LEU B 239 -28.56 -8.35 14.66
N GLN B 240 -29.21 -8.60 15.79
CA GLN B 240 -30.24 -9.64 15.89
C GLN B 240 -31.38 -9.29 14.93
N ARG B 241 -31.82 -8.04 14.96
CA ARG B 241 -32.90 -7.56 14.10
C ARG B 241 -32.61 -7.77 12.63
N LEU B 242 -31.41 -7.39 12.19
CA LEU B 242 -31.03 -7.55 10.80
C LEU B 242 -30.79 -8.99 10.41
N ASN B 243 -30.55 -9.87 11.38
CA ASN B 243 -30.38 -11.29 11.07
C ASN B 243 -31.76 -11.86 10.77
N GLU B 244 -32.76 -11.38 11.51
CA GLU B 244 -34.14 -11.82 11.32
C GLU B 244 -34.64 -11.37 9.95
N ILE B 245 -34.47 -10.08 9.65
CA ILE B 245 -34.93 -9.52 8.38
C ILE B 245 -34.21 -10.13 7.18
N GLY B 246 -32.89 -10.03 7.14
CA GLY B 246 -32.15 -10.57 6.03
C GLY B 246 -32.24 -12.09 5.95
N GLY B 247 -32.29 -12.74 7.11
CA GLY B 247 -32.39 -14.19 7.14
C GLY B 247 -33.65 -14.70 6.47
N ARG B 248 -34.76 -14.01 6.72
CA ARG B 248 -36.03 -14.42 6.14
C ARG B 248 -35.93 -14.42 4.63
N HIS B 249 -35.04 -13.58 4.09
CA HIS B 249 -34.87 -13.50 2.64
C HIS B 249 -33.69 -14.30 2.11
N GLY B 250 -33.03 -15.05 3.00
CA GLY B 250 -31.88 -15.87 2.58
C GLY B 250 -30.62 -15.10 2.20
N VAL B 251 -30.50 -13.89 2.73
CA VAL B 251 -29.36 -13.02 2.45
C VAL B 251 -28.08 -13.40 3.18
N GLY B 252 -26.94 -13.16 2.55
CA GLY B 252 -25.65 -13.41 3.18
C GLY B 252 -24.96 -14.76 3.12
N ARG B 253 -25.14 -15.50 2.03
CA ARG B 253 -24.51 -16.80 1.90
C ARG B 253 -23.24 -16.67 1.06
N VAL B 254 -22.17 -17.25 1.56
CA VAL B 254 -20.87 -17.23 0.90
C VAL B 254 -20.34 -18.67 0.90
N ASP B 255 -19.67 -19.04 -0.18
CA ASP B 255 -19.09 -20.37 -0.33
C ASP B 255 -17.67 -20.14 -0.87
N ILE B 256 -16.67 -20.29 -0.02
CA ILE B 256 -15.30 -20.06 -0.44
C ILE B 256 -14.22 -21.03 0.04
N VAL B 257 -13.13 -21.07 -0.71
CA VAL B 257 -11.99 -21.86 -0.33
C VAL B 257 -11.06 -20.73 0.13
N GLU B 258 -10.80 -20.68 1.42
CA GLU B 258 -9.96 -19.62 1.97
C GLU B 258 -8.56 -20.12 2.33
N ASN B 259 -7.62 -19.18 2.44
CA ASN B 259 -6.25 -19.52 2.81
C ASN B 259 -6.12 -19.42 4.33
N ARG B 260 -5.63 -20.49 4.96
CA ARG B 260 -5.45 -20.52 6.40
C ARG B 260 -4.11 -19.94 6.85
N PHE B 261 -4.05 -19.53 8.11
CA PHE B 261 -2.81 -18.98 8.69
C PHE B 261 -1.89 -20.19 8.97
N VAL B 262 -2.46 -21.24 9.55
CA VAL B 262 -1.74 -22.47 9.86
C VAL B 262 -2.36 -23.57 9.00
N GLY B 263 -1.59 -24.05 8.03
CA GLY B 263 -2.09 -25.07 7.13
C GLY B 263 -2.26 -24.47 5.73
N MET B 264 -2.91 -25.18 4.83
CA MET B 264 -3.09 -24.65 3.49
C MET B 264 -4.44 -23.95 3.26
N LYS B 265 -5.32 -24.61 2.52
CA LYS B 265 -6.62 -24.05 2.21
C LYS B 265 -7.73 -24.90 2.77
N SER B 266 -8.87 -24.27 3.03
CA SER B 266 -10.02 -24.99 3.53
C SER B 266 -11.28 -24.42 2.89
N ARG B 267 -12.23 -25.30 2.59
CA ARG B 267 -13.49 -24.91 1.97
C ARG B 267 -14.50 -24.62 3.07
N GLY B 268 -14.94 -23.36 3.14
CA GLY B 268 -15.89 -22.98 4.17
C GLY B 268 -17.14 -22.32 3.61
N VAL B 269 -18.26 -22.50 4.30
CA VAL B 269 -19.51 -21.91 3.87
C VAL B 269 -20.01 -21.06 5.02
N TYR B 270 -20.35 -19.81 4.72
CA TYR B 270 -20.82 -18.89 5.74
C TYR B 270 -22.12 -18.19 5.42
N GLU B 271 -22.92 -17.97 6.45
CA GLU B 271 -24.17 -17.24 6.30
C GLU B 271 -24.10 -16.10 7.31
N THR B 272 -24.11 -14.88 6.79
CA THR B 272 -24.01 -13.68 7.61
C THR B 272 -25.07 -12.69 7.15
N PRO B 273 -26.36 -12.99 7.40
CA PRO B 273 -27.44 -12.10 6.98
C PRO B 273 -27.34 -10.65 7.47
N GLY B 274 -27.30 -10.44 8.78
CA GLY B 274 -27.23 -9.10 9.32
C GLY B 274 -25.97 -8.35 8.94
N GLY B 275 -24.83 -9.04 9.01
CA GLY B 275 -23.57 -8.41 8.68
C GLY B 275 -23.47 -8.02 7.22
N THR B 276 -24.10 -8.81 6.35
CA THR B 276 -24.06 -8.53 4.93
C THR B 276 -24.86 -7.27 4.60
N ILE B 277 -25.98 -7.07 5.29
CA ILE B 277 -26.79 -5.90 5.08
C ILE B 277 -26.00 -4.70 5.58
N LEU B 278 -25.42 -4.82 6.77
CA LEU B 278 -24.63 -3.73 7.34
C LEU B 278 -23.48 -3.35 6.42
N TYR B 279 -22.85 -4.34 5.80
CA TYR B 279 -21.74 -4.08 4.89
C TYR B 279 -22.13 -3.08 3.80
N HIS B 280 -23.16 -3.39 3.01
CA HIS B 280 -23.61 -2.52 1.92
C HIS B 280 -24.21 -1.21 2.43
N ALA B 281 -24.96 -1.29 3.53
CA ALA B 281 -25.56 -0.11 4.14
C ALA B 281 -24.48 0.89 4.51
N ARG B 282 -23.40 0.39 5.10
CA ARG B 282 -22.28 1.24 5.50
C ARG B 282 -21.67 1.92 4.27
N ARG B 283 -21.38 1.16 3.23
CA ARG B 283 -20.80 1.74 2.03
C ARG B 283 -21.75 2.73 1.38
N ALA B 284 -23.05 2.49 1.52
CA ALA B 284 -24.05 3.37 0.95
C ALA B 284 -23.98 4.75 1.61
N VAL B 285 -23.81 4.77 2.93
CA VAL B 285 -23.72 6.03 3.65
C VAL B 285 -22.37 6.69 3.39
N GLU B 286 -21.32 5.88 3.22
CA GLU B 286 -20.00 6.43 2.96
C GLU B 286 -19.94 7.05 1.59
N SER B 287 -20.76 6.55 0.66
CA SER B 287 -20.76 7.08 -0.69
C SER B 287 -21.16 8.56 -0.72
N LEU B 288 -21.81 9.03 0.33
CA LEU B 288 -22.23 10.43 0.41
C LEU B 288 -21.46 11.25 1.45
N THR B 289 -20.90 10.56 2.44
CA THR B 289 -20.19 11.24 3.53
C THR B 289 -18.67 11.28 3.47
N LEU B 290 -18.05 10.31 2.80
CA LEU B 290 -16.59 10.27 2.72
C LEU B 290 -15.98 10.96 1.51
N ASP B 291 -14.84 11.59 1.71
CA ASP B 291 -14.13 12.24 0.63
C ASP B 291 -13.54 11.16 -0.27
N ARG B 292 -13.45 11.45 -1.56
CA ARG B 292 -12.93 10.49 -2.53
C ARG B 292 -11.56 9.93 -2.15
N GLU B 293 -10.58 10.81 -1.96
CA GLU B 293 -9.24 10.35 -1.63
C GLU B 293 -9.19 9.56 -0.32
N VAL B 294 -10.02 9.94 0.65
CA VAL B 294 -10.07 9.23 1.91
C VAL B 294 -10.62 7.81 1.68
N LEU B 295 -11.69 7.71 0.90
CA LEU B 295 -12.29 6.40 0.61
C LEU B 295 -11.32 5.47 -0.10
N HIS B 296 -10.60 6.01 -1.08
CA HIS B 296 -9.67 5.19 -1.82
C HIS B 296 -8.53 4.67 -0.94
N GLN B 297 -8.03 5.52 -0.04
CA GLN B 297 -6.95 5.13 0.87
C GLN B 297 -7.44 4.04 1.80
N ARG B 298 -8.59 4.29 2.41
CA ARG B 298 -9.21 3.36 3.35
C ARG B 298 -9.38 1.96 2.74
N ASP B 299 -9.95 1.89 1.54
CA ASP B 299 -10.16 0.59 0.90
C ASP B 299 -8.85 -0.13 0.63
N MET B 300 -7.78 0.62 0.43
CA MET B 300 -6.50 -0.04 0.20
C MET B 300 -5.87 -0.60 1.48
N LEU B 301 -6.36 -0.16 2.64
CA LEU B 301 -5.85 -0.65 3.92
C LEU B 301 -6.75 -1.74 4.51
N SER B 302 -8.02 -1.78 4.09
CA SER B 302 -8.98 -2.77 4.57
C SER B 302 -8.53 -4.22 4.46
N PRO B 303 -7.93 -4.62 3.32
CA PRO B 303 -7.47 -5.99 3.16
C PRO B 303 -6.47 -6.37 4.23
N LYS B 304 -5.53 -5.46 4.52
CA LYS B 304 -4.51 -5.70 5.52
C LYS B 304 -5.16 -5.90 6.87
N TYR B 305 -6.11 -5.04 7.20
CA TYR B 305 -6.81 -5.15 8.47
C TYR B 305 -7.51 -6.51 8.53
N ALA B 306 -8.13 -6.90 7.43
CA ALA B 306 -8.85 -8.17 7.35
C ALA B 306 -7.97 -9.38 7.70
N GLU B 307 -6.75 -9.42 7.18
CA GLU B 307 -5.89 -10.56 7.50
C GLU B 307 -5.39 -10.51 8.93
N LEU B 308 -5.28 -9.32 9.52
CA LEU B 308 -4.85 -9.22 10.91
C LEU B 308 -5.92 -9.89 11.76
N VAL B 309 -7.17 -9.53 11.52
CA VAL B 309 -8.28 -10.09 12.26
C VAL B 309 -8.35 -11.60 12.00
N TYR B 310 -8.16 -12.01 10.75
CA TYR B 310 -8.22 -13.42 10.40
C TYR B 310 -7.14 -14.26 11.09
N TYR B 311 -5.92 -13.75 11.11
CA TYR B 311 -4.80 -14.45 11.72
C TYR B 311 -4.87 -14.45 13.25
N GLY B 312 -5.63 -13.52 13.82
CA GLY B 312 -5.78 -13.45 15.27
C GLY B 312 -5.04 -12.31 15.96
N PHE B 313 -4.61 -11.32 15.19
CA PHE B 313 -3.89 -10.20 15.78
C PHE B 313 -4.79 -9.03 16.18
N TRP B 314 -5.88 -9.34 16.88
CA TRP B 314 -6.80 -8.31 17.33
C TRP B 314 -6.16 -7.40 18.38
N TYR B 315 -5.59 -7.98 19.44
CA TYR B 315 -4.94 -7.18 20.45
C TYR B 315 -3.45 -7.05 20.14
N ALA B 316 -3.16 -6.62 18.92
CA ALA B 316 -1.80 -6.42 18.47
C ALA B 316 -1.70 -4.94 18.14
N PRO B 317 -0.51 -4.35 18.29
CA PRO B 317 -0.37 -2.93 18.00
C PRO B 317 -0.69 -2.50 16.56
N GLU B 318 -0.40 -3.35 15.57
CA GLU B 318 -0.70 -3.02 14.18
C GLU B 318 -2.18 -2.73 14.00
N ARG B 319 -2.98 -3.69 14.44
CA ARG B 319 -4.43 -3.60 14.32
C ARG B 319 -4.95 -2.34 14.99
N GLU B 320 -4.47 -2.07 16.20
CA GLU B 320 -4.94 -0.86 16.90
C GLU B 320 -4.48 0.43 16.21
N ALA B 321 -3.34 0.38 15.50
CA ALA B 321 -2.84 1.56 14.82
C ALA B 321 -3.76 1.82 13.61
N LEU B 322 -4.08 0.75 12.88
CA LEU B 322 -4.98 0.88 11.74
C LEU B 322 -6.34 1.33 12.25
N GLN B 323 -6.75 0.79 13.39
CA GLN B 323 -8.05 1.14 13.96
C GLN B 323 -8.16 2.63 14.23
N ALA B 324 -7.03 3.26 14.53
CA ALA B 324 -7.00 4.69 14.77
C ALA B 324 -7.34 5.42 13.46
N TYR B 325 -6.85 4.88 12.34
CA TYR B 325 -7.12 5.43 11.02
C TYR B 325 -8.60 5.20 10.64
N PHE B 326 -9.02 3.94 10.70
CA PHE B 326 -10.39 3.59 10.35
C PHE B 326 -11.43 4.33 11.19
N ASP B 327 -11.16 4.49 12.49
CA ASP B 327 -12.11 5.20 13.35
C ASP B 327 -12.17 6.68 13.02
N HIS B 328 -11.03 7.25 12.64
CA HIS B 328 -10.99 8.66 12.27
C HIS B 328 -11.93 8.86 11.08
N VAL B 329 -11.80 7.99 10.07
CA VAL B 329 -12.62 8.05 8.86
C VAL B 329 -14.10 7.77 9.10
N ALA B 330 -14.37 6.69 9.82
CA ALA B 330 -15.73 6.26 10.12
C ALA B 330 -16.56 7.30 10.86
N ARG B 331 -15.89 8.19 11.59
CA ARG B 331 -16.60 9.21 12.35
C ARG B 331 -17.50 10.09 11.48
N SER B 332 -17.18 10.18 10.19
CA SER B 332 -17.97 10.99 9.24
C SER B 332 -19.17 10.21 8.69
N VAL B 333 -19.19 8.91 8.91
CA VAL B 333 -20.27 8.08 8.39
C VAL B 333 -21.57 8.22 9.16
N THR B 334 -22.29 9.30 8.87
CA THR B 334 -23.57 9.61 9.50
C THR B 334 -24.60 9.75 8.40
N GLY B 335 -25.66 8.95 8.48
CA GLY B 335 -26.70 9.00 7.47
C GLY B 335 -27.57 7.76 7.53
N VAL B 336 -28.38 7.58 6.49
CA VAL B 336 -29.29 6.45 6.40
C VAL B 336 -29.19 5.77 5.05
N ALA B 337 -29.15 4.44 5.06
CA ALA B 337 -29.09 3.67 3.84
C ALA B 337 -30.41 2.93 3.68
N ARG B 338 -30.90 2.89 2.44
CA ARG B 338 -32.15 2.19 2.14
C ARG B 338 -31.79 1.01 1.25
N LEU B 339 -32.08 -0.19 1.74
CA LEU B 339 -31.77 -1.40 0.98
C LEU B 339 -33.04 -2.20 0.68
N LYS B 340 -32.97 -2.96 -0.40
CA LYS B 340 -34.07 -3.79 -0.84
C LYS B 340 -33.61 -5.25 -0.77
N LEU B 341 -34.36 -6.07 -0.05
CA LEU B 341 -34.01 -7.47 0.10
C LEU B 341 -34.92 -8.36 -0.69
N TYR B 342 -34.34 -9.17 -1.58
CA TYR B 342 -35.13 -10.08 -2.40
C TYR B 342 -34.43 -11.38 -2.76
N LYS B 343 -34.98 -12.48 -2.28
CA LYS B 343 -34.47 -13.82 -2.55
C LYS B 343 -32.95 -13.99 -2.62
N GLY B 344 -32.31 -13.88 -1.46
CA GLY B 344 -30.88 -14.07 -1.35
C GLY B 344 -30.00 -12.87 -1.62
N ASN B 345 -30.57 -11.82 -2.19
CA ASN B 345 -29.77 -10.65 -2.49
C ASN B 345 -30.13 -9.41 -1.69
N VAL B 346 -29.20 -8.47 -1.67
CA VAL B 346 -29.38 -7.20 -0.97
C VAL B 346 -29.10 -6.13 -2.03
N TYR B 347 -30.01 -5.19 -2.19
CA TYR B 347 -29.78 -4.14 -3.18
C TYR B 347 -29.87 -2.77 -2.51
N VAL B 348 -28.87 -1.94 -2.75
CA VAL B 348 -28.88 -0.59 -2.22
C VAL B 348 -29.77 0.17 -3.18
N VAL B 349 -30.86 0.73 -2.67
CA VAL B 349 -31.79 1.47 -3.51
C VAL B 349 -31.86 2.95 -3.16
N GLY B 350 -31.17 3.32 -2.08
CA GLY B 350 -31.15 4.71 -1.65
C GLY B 350 -30.25 4.96 -0.45
N ARG B 351 -29.87 6.22 -0.30
CA ARG B 351 -29.02 6.64 0.81
C ARG B 351 -29.15 8.14 0.93
N LYS B 352 -29.11 8.64 2.15
CA LYS B 352 -29.21 10.07 2.43
C LYS B 352 -28.30 10.39 3.61
N ALA B 353 -27.96 11.66 3.79
CA ALA B 353 -27.09 12.07 4.87
C ALA B 353 -27.17 13.57 5.12
N PRO B 354 -27.05 13.99 6.39
CA PRO B 354 -27.11 15.40 6.76
C PRO B 354 -25.93 16.20 6.19
N LYS B 355 -24.78 15.54 6.13
CA LYS B 355 -23.58 16.19 5.62
C LYS B 355 -23.19 15.55 4.29
N SER B 356 -24.17 15.29 3.45
CA SER B 356 -23.88 14.70 2.15
C SER B 356 -23.01 15.65 1.36
N LEU B 357 -22.00 15.11 0.67
CA LEU B 357 -21.11 15.91 -0.16
C LEU B 357 -21.62 15.86 -1.60
N TYR B 358 -22.82 15.33 -1.78
CA TYR B 358 -23.43 15.21 -3.10
C TYR B 358 -24.41 16.35 -3.37
N ARG B 359 -24.25 17.02 -4.52
CA ARG B 359 -25.12 18.11 -4.96
C ARG B 359 -25.44 17.81 -6.44
N GLN B 360 -26.65 17.33 -6.75
CA GLN B 360 -26.99 16.99 -8.15
C GLN B 360 -26.56 18.06 -9.13
N ASP B 361 -26.15 19.22 -8.61
CA ASP B 361 -25.66 20.36 -9.39
C ASP B 361 -24.91 19.95 -10.68
N GLY B 370 -18.50 24.97 -9.50
CA GLY B 370 -17.15 25.30 -8.91
C GLY B 370 -16.10 25.48 -9.99
N TYR B 371 -16.44 25.11 -11.22
CA TYR B 371 -15.53 25.21 -12.35
C TYR B 371 -16.34 25.35 -13.64
N ASP B 372 -15.68 25.65 -14.73
CA ASP B 372 -16.37 25.77 -16.01
C ASP B 372 -15.65 24.86 -17.00
N GLN B 373 -16.12 24.84 -18.23
CA GLN B 373 -15.53 23.98 -19.25
C GLN B 373 -14.04 24.28 -19.40
N LYS B 374 -13.69 25.56 -19.44
CA LYS B 374 -12.28 25.91 -19.59
C LYS B 374 -11.40 25.31 -18.49
N ASP B 375 -11.92 25.25 -17.28
CA ASP B 375 -11.16 24.67 -16.18
C ASP B 375 -10.83 23.22 -16.53
N ALA B 376 -11.85 22.47 -16.91
CA ALA B 376 -11.69 21.07 -17.29
C ALA B 376 -10.55 20.88 -18.29
N GLU B 377 -10.44 21.77 -19.28
CA GLU B 377 -9.37 21.64 -20.26
C GLU B 377 -7.98 21.82 -19.67
N GLY B 378 -7.81 22.79 -18.79
CA GLY B 378 -6.51 23.02 -18.17
C GLY B 378 -6.08 21.80 -17.37
N PHE B 379 -7.04 21.24 -16.64
CA PHE B 379 -6.86 20.05 -15.82
C PHE B 379 -6.31 18.94 -16.71
N ILE B 380 -6.97 18.71 -17.84
CA ILE B 380 -6.53 17.66 -18.76
C ILE B 380 -5.12 17.91 -19.25
N LYS B 381 -4.83 19.15 -19.63
CA LYS B 381 -3.51 19.52 -20.12
C LYS B 381 -2.41 19.15 -19.13
N ILE B 382 -2.57 19.58 -17.88
CA ILE B 382 -1.57 19.31 -16.86
C ILE B 382 -1.44 17.80 -16.62
N GLN B 383 -2.58 17.13 -16.42
CA GLN B 383 -2.58 15.70 -16.18
C GLN B 383 -1.91 14.95 -17.34
N ALA B 384 -2.06 15.48 -18.54
CA ALA B 384 -1.50 14.83 -19.73
C ALA B 384 -0.05 15.18 -20.05
N LEU B 385 0.46 16.25 -19.47
CA LEU B 385 1.84 16.64 -19.79
C LEU B 385 2.86 15.52 -19.72
N ARG B 386 3.00 14.86 -18.57
CA ARG B 386 3.98 13.79 -18.43
C ARG B 386 3.79 12.69 -19.46
N LEU B 387 2.55 12.45 -19.87
CA LEU B 387 2.28 11.42 -20.86
C LEU B 387 2.77 11.86 -22.24
N ARG B 388 2.57 13.14 -22.56
CA ARG B 388 3.01 13.68 -23.84
C ARG B 388 4.53 13.67 -23.94
N VAL B 389 5.18 14.04 -22.85
CA VAL B 389 6.64 14.06 -22.78
C VAL B 389 7.17 12.63 -23.01
N ARG B 390 6.51 11.67 -22.39
CA ARG B 390 6.91 10.27 -22.52
C ARG B 390 6.87 9.87 -24.00
N ALA B 391 5.78 10.23 -24.67
CA ALA B 391 5.61 9.91 -26.10
C ALA B 391 6.67 10.57 -26.98
N LEU B 392 6.92 11.86 -26.77
CA LEU B 392 7.93 12.54 -27.56
C LEU B 392 9.28 11.87 -27.36
N VAL B 393 9.61 11.52 -26.13
CA VAL B 393 10.89 10.88 -25.86
C VAL B 393 11.00 9.53 -26.56
N GLU B 394 9.93 8.74 -26.50
CA GLU B 394 9.97 7.45 -27.17
C GLU B 394 10.08 7.75 -28.67
N ARG B 395 10.14 9.05 -28.96
CA ARG B 395 10.23 9.61 -30.32
C ARG B 395 9.14 9.03 -31.17
N MET C 1 24.53 -42.47 6.28
CA MET C 1 23.82 -41.47 5.42
C MET C 1 24.77 -40.33 5.04
N LYS C 2 24.34 -39.52 4.08
CA LYS C 2 25.13 -38.39 3.62
C LYS C 2 24.47 -37.10 4.05
N ILE C 3 25.29 -36.12 4.41
CA ILE C 3 24.79 -34.82 4.84
C ILE C 3 25.67 -33.74 4.26
N VAL C 4 25.06 -32.83 3.52
CA VAL C 4 25.79 -31.72 2.91
C VAL C 4 25.83 -30.56 3.89
N LEU C 5 27.03 -30.18 4.31
CA LEU C 5 27.19 -29.11 5.29
C LEU C 5 27.76 -27.81 4.75
N ALA C 6 27.12 -26.70 5.10
CA ALA C 6 27.59 -25.38 4.68
C ALA C 6 28.75 -25.14 5.64
N TYR C 7 29.94 -25.52 5.18
CA TYR C 7 31.16 -25.42 5.95
C TYR C 7 31.99 -24.20 5.54
N SER C 8 32.42 -23.41 6.54
CA SER C 8 33.21 -22.21 6.28
C SER C 8 34.64 -22.28 6.79
N GLY C 9 35.01 -23.38 7.43
CA GLY C 9 36.36 -23.49 7.95
C GLY C 9 36.48 -22.94 9.37
N GLY C 10 35.49 -22.15 9.80
CA GLY C 10 35.51 -21.58 11.13
C GLY C 10 35.43 -22.59 12.26
N LEU C 11 35.59 -22.12 13.50
CA LEU C 11 35.51 -23.01 14.66
C LEU C 11 34.19 -23.73 14.79
N ASP C 12 33.10 -22.97 14.78
CA ASP C 12 31.76 -23.54 14.93
C ASP C 12 31.35 -24.56 13.86
N THR C 13 31.60 -24.25 12.59
CA THR C 13 31.23 -25.21 11.56
C THR C 13 32.14 -26.42 11.61
N SER C 14 33.34 -26.24 12.16
CA SER C 14 34.27 -27.36 12.28
C SER C 14 33.71 -28.25 13.40
N ILE C 15 33.26 -27.61 14.49
CA ILE C 15 32.68 -28.35 15.59
C ILE C 15 31.46 -29.12 15.09
N ILE C 16 30.64 -28.45 14.27
CA ILE C 16 29.44 -29.06 13.72
C ILE C 16 29.77 -30.28 12.88
N LEU C 17 30.77 -30.15 12.02
CA LEU C 17 31.20 -31.25 11.16
C LEU C 17 31.53 -32.50 12.00
N LYS C 18 32.28 -32.31 13.08
CA LYS C 18 32.64 -33.42 13.98
C LYS C 18 31.37 -33.96 14.62
N TRP C 19 30.52 -33.04 15.07
CA TRP C 19 29.25 -33.41 15.70
C TRP C 19 28.36 -34.25 14.78
N LEU C 20 28.34 -33.92 13.49
CA LEU C 20 27.51 -34.67 12.55
C LEU C 20 28.03 -36.09 12.39
N LYS C 21 29.35 -36.26 12.51
CA LYS C 21 29.97 -37.57 12.41
C LYS C 21 29.61 -38.38 13.65
N GLU C 22 29.99 -37.85 14.81
CA GLU C 22 29.73 -38.51 16.10
C GLU C 22 28.25 -38.85 16.33
N THR C 23 27.37 -37.90 16.02
CA THR C 23 25.95 -38.09 16.26
C THR C 23 25.19 -38.93 15.24
N TYR C 24 25.23 -38.52 13.97
CA TYR C 24 24.52 -39.24 12.92
C TYR C 24 25.36 -40.33 12.25
N ARG C 25 26.64 -40.40 12.59
CA ARG C 25 27.52 -41.37 11.97
C ARG C 25 27.25 -41.29 10.48
N ALA C 26 27.26 -40.07 9.96
CA ALA C 26 27.01 -39.86 8.55
C ALA C 26 28.25 -39.43 7.79
N GLU C 27 28.21 -39.70 6.49
CA GLU C 27 29.27 -39.32 5.59
C GLU C 27 28.97 -37.83 5.40
N VAL C 28 29.91 -36.97 5.76
CA VAL C 28 29.69 -35.53 5.65
C VAL C 28 30.36 -34.84 4.45
N ILE C 29 29.53 -34.22 3.60
CA ILE C 29 30.02 -33.51 2.42
C ILE C 29 30.06 -32.01 2.78
N ALA C 30 31.26 -31.47 2.89
CA ALA C 30 31.43 -30.07 3.22
C ALA C 30 31.31 -29.20 1.98
N PHE C 31 30.66 -28.05 2.12
CA PHE C 31 30.51 -27.12 1.01
C PHE C 31 30.90 -25.71 1.42
N THR C 32 31.86 -25.14 0.69
CA THR C 32 32.33 -23.79 0.96
C THR C 32 32.20 -22.99 -0.32
N ALA C 33 31.53 -21.85 -0.22
CA ALA C 33 31.34 -21.00 -1.39
C ALA C 33 32.04 -19.68 -1.16
N ASP C 34 32.73 -19.19 -2.19
CA ASP C 34 33.36 -17.90 -2.07
C ASP C 34 32.39 -16.91 -2.69
N ILE C 35 31.74 -16.14 -1.82
CA ILE C 35 30.80 -15.12 -2.27
C ILE C 35 31.45 -13.80 -1.88
N GLY C 36 32.78 -13.84 -1.76
CA GLY C 36 33.54 -12.65 -1.42
C GLY C 36 33.81 -12.41 0.05
N GLN C 37 33.98 -13.46 0.85
CA GLN C 37 34.27 -13.29 2.28
C GLN C 37 35.70 -12.83 2.53
N GLY C 38 36.55 -12.96 1.51
CA GLY C 38 37.94 -12.57 1.69
C GLY C 38 38.77 -13.68 2.32
N GLU C 39 38.25 -14.90 2.32
CA GLU C 39 38.98 -16.06 2.86
C GLU C 39 39.46 -16.89 1.67
N GLU C 40 40.33 -17.86 1.91
CA GLU C 40 40.81 -18.72 0.82
C GLU C 40 39.98 -19.99 0.93
N VAL C 41 38.79 -19.93 0.36
CA VAL C 41 37.85 -21.04 0.38
C VAL C 41 38.53 -22.38 0.17
N GLU C 42 39.66 -22.38 -0.52
CA GLU C 42 40.38 -23.62 -0.77
C GLU C 42 40.97 -24.15 0.52
N GLU C 43 41.43 -23.25 1.38
CA GLU C 43 41.99 -23.66 2.66
C GLU C 43 40.89 -24.28 3.49
N ALA C 44 39.71 -23.68 3.45
CA ALA C 44 38.57 -24.18 4.20
C ALA C 44 38.26 -25.60 3.68
N ARG C 45 38.33 -25.76 2.36
CA ARG C 45 38.06 -27.05 1.75
C ARG C 45 39.01 -28.13 2.25
N GLU C 46 40.30 -27.80 2.34
CA GLU C 46 41.30 -28.76 2.80
C GLU C 46 41.10 -29.01 4.29
N LYS C 47 40.74 -27.98 5.03
CA LYS C 47 40.51 -28.14 6.46
C LYS C 47 39.37 -29.15 6.67
N ALA C 48 38.31 -29.05 5.87
CA ALA C 48 37.16 -29.96 6.00
C ALA C 48 37.58 -31.42 5.87
N LEU C 49 38.49 -31.70 4.95
CA LEU C 49 38.97 -33.07 4.77
C LEU C 49 39.76 -33.45 6.02
N ARG C 50 40.48 -32.46 6.54
CA ARG C 50 41.29 -32.63 7.73
C ARG C 50 40.41 -32.86 8.96
N THR C 51 39.23 -32.24 8.96
CA THR C 51 38.31 -32.36 10.08
C THR C 51 37.42 -33.61 10.03
N GLY C 52 37.44 -34.32 8.90
CA GLY C 52 36.63 -35.52 8.80
C GLY C 52 35.71 -35.63 7.59
N ALA C 53 35.50 -34.53 6.87
CA ALA C 53 34.63 -34.54 5.69
C ALA C 53 35.03 -35.64 4.72
N SER C 54 34.05 -36.40 4.24
CA SER C 54 34.33 -37.47 3.29
C SER C 54 34.48 -36.88 1.89
N LYS C 55 34.17 -35.60 1.76
CA LYS C 55 34.29 -34.88 0.48
C LYS C 55 34.16 -33.38 0.71
N ALA C 56 34.99 -32.61 0.02
CA ALA C 56 34.96 -31.16 0.18
C ALA C 56 34.84 -30.46 -1.17
N ILE C 57 33.85 -29.59 -1.28
CA ILE C 57 33.57 -28.84 -2.50
C ILE C 57 33.72 -27.36 -2.25
N ALA C 58 34.50 -26.69 -3.10
CA ALA C 58 34.71 -25.25 -2.99
C ALA C 58 34.42 -24.59 -4.34
N LEU C 59 33.45 -23.67 -4.33
CA LEU C 59 33.05 -22.99 -5.56
C LEU C 59 33.18 -21.48 -5.46
N ASP C 60 33.48 -20.87 -6.61
CA ASP C 60 33.58 -19.42 -6.71
C ASP C 60 32.20 -19.02 -7.19
N LEU C 61 31.42 -18.41 -6.32
CA LEU C 61 30.06 -18.00 -6.69
C LEU C 61 29.88 -16.50 -6.70
N LYS C 62 30.99 -15.75 -6.74
CA LYS C 62 30.87 -14.30 -6.73
C LYS C 62 29.92 -13.77 -7.80
N GLU C 63 30.14 -14.19 -9.05
CA GLU C 63 29.31 -13.73 -10.17
C GLU C 63 27.83 -14.08 -10.00
N GLU C 64 27.54 -15.34 -9.71
CA GLU C 64 26.15 -15.77 -9.55
C GLU C 64 25.47 -14.96 -8.44
N PHE C 65 26.21 -14.72 -7.36
CA PHE C 65 25.70 -13.97 -6.22
C PHE C 65 25.26 -12.55 -6.61
N VAL C 66 26.12 -11.82 -7.29
CA VAL C 66 25.80 -10.45 -7.68
C VAL C 66 24.79 -10.34 -8.84
N ARG C 67 24.89 -11.24 -9.82
CA ARG C 67 23.98 -11.17 -10.95
C ARG C 67 22.60 -11.78 -10.70
N ASP C 68 22.52 -12.88 -9.96
CA ASP C 68 21.24 -13.51 -9.72
C ASP C 68 20.57 -13.20 -8.39
N PHE C 69 21.28 -12.51 -7.50
CA PHE C 69 20.70 -12.18 -6.21
C PHE C 69 20.81 -10.71 -5.84
N VAL C 70 22.02 -10.19 -5.80
CA VAL C 70 22.22 -8.79 -5.45
C VAL C 70 21.55 -7.83 -6.43
N PHE C 71 21.82 -7.99 -7.72
CA PHE C 71 21.24 -7.12 -8.75
C PHE C 71 19.71 -7.08 -8.76
N PRO C 72 19.05 -8.26 -8.76
CA PRO C 72 17.58 -8.28 -8.77
C PRO C 72 16.97 -7.53 -7.58
N MET C 73 17.65 -7.62 -6.44
CA MET C 73 17.19 -6.96 -5.22
C MET C 73 17.40 -5.45 -5.28
N MET C 74 18.49 -5.03 -5.91
CA MET C 74 18.78 -3.60 -6.02
C MET C 74 17.76 -2.93 -6.93
N ARG C 75 17.39 -3.62 -8.00
CA ARG C 75 16.39 -3.08 -8.92
C ARG C 75 15.14 -2.67 -8.19
N ALA C 76 14.78 -3.42 -7.15
CA ALA C 76 13.59 -3.13 -6.37
C ALA C 76 13.74 -1.97 -5.39
N GLY C 77 14.96 -1.44 -5.25
CA GLY C 77 15.21 -0.36 -4.31
C GLY C 77 14.98 -0.81 -2.88
N ALA C 78 15.30 -2.08 -2.61
CA ALA C 78 15.12 -2.71 -1.31
C ALA C 78 15.92 -2.16 -0.13
N VAL C 79 15.21 -1.70 0.89
CA VAL C 79 15.85 -1.17 2.09
C VAL C 79 15.03 -1.56 3.31
N TYR C 80 15.59 -2.43 4.14
CA TYR C 80 14.89 -2.88 5.33
C TYR C 80 14.95 -1.83 6.45
N GLU C 81 13.79 -1.43 6.92
CA GLU C 81 13.65 -0.43 7.98
C GLU C 81 14.56 0.80 7.81
N GLY C 82 14.46 1.40 6.63
CA GLY C 82 15.21 2.61 6.34
C GLY C 82 16.72 2.63 6.16
N TYR C 83 17.45 1.60 6.56
CA TYR C 83 18.90 1.63 6.41
C TYR C 83 19.59 0.35 5.98
N TYR C 84 19.04 -0.80 6.35
CA TYR C 84 19.65 -2.07 6.00
C TYR C 84 19.53 -2.48 4.53
N LEU C 85 20.68 -2.64 3.88
CA LEU C 85 20.74 -3.02 2.48
C LEU C 85 20.73 -4.53 2.28
N LEU C 86 20.36 -5.25 3.33
CA LEU C 86 20.21 -6.70 3.24
C LEU C 86 21.44 -7.53 2.79
N GLY C 87 22.63 -7.12 3.22
CA GLY C 87 23.82 -7.86 2.84
C GLY C 87 23.82 -9.34 3.20
N THR C 88 23.37 -9.66 4.41
CA THR C 88 23.34 -11.04 4.85
C THR C 88 22.14 -11.80 4.27
N SER C 89 21.00 -11.13 4.18
CA SER C 89 19.78 -11.75 3.66
C SER C 89 19.85 -12.36 2.26
N ILE C 90 20.24 -11.59 1.24
CA ILE C 90 20.31 -12.12 -0.12
C ILE C 90 21.35 -13.20 -0.36
N ALA C 91 22.29 -13.37 0.57
CA ALA C 91 23.34 -14.38 0.40
C ALA C 91 22.88 -15.79 0.77
N ARG C 92 22.07 -15.89 1.81
CA ARG C 92 21.57 -17.17 2.28
C ARG C 92 20.89 -18.02 1.22
N PRO C 93 19.95 -17.43 0.45
CA PRO C 93 19.26 -18.22 -0.58
C PRO C 93 20.26 -18.95 -1.48
N LEU C 94 21.22 -18.20 -1.97
CA LEU C 94 22.26 -18.74 -2.85
C LEU C 94 22.94 -19.98 -2.29
N ILE C 95 23.24 -19.94 -1.00
CA ILE C 95 23.90 -21.07 -0.35
C ILE C 95 22.97 -22.26 -0.18
N ALA C 96 21.74 -22.02 0.27
CA ALA C 96 20.78 -23.10 0.45
C ALA C 96 20.55 -23.78 -0.90
N LYS C 97 20.49 -22.98 -1.96
CA LYS C 97 20.30 -23.48 -3.32
C LYS C 97 21.34 -24.55 -3.64
N HIS C 98 22.61 -24.21 -3.47
CA HIS C 98 23.70 -25.15 -3.74
C HIS C 98 23.75 -26.35 -2.79
N LEU C 99 23.39 -26.14 -1.52
CA LEU C 99 23.39 -27.25 -0.56
C LEU C 99 22.41 -28.29 -1.09
N VAL C 100 21.21 -27.84 -1.43
CA VAL C 100 20.17 -28.70 -1.96
C VAL C 100 20.62 -29.37 -3.27
N ARG C 101 21.23 -28.59 -4.15
CA ARG C 101 21.67 -29.13 -5.44
C ARG C 101 22.77 -30.20 -5.25
N ILE C 102 23.74 -29.90 -4.38
CA ILE C 102 24.82 -30.83 -4.11
C ILE C 102 24.26 -32.11 -3.48
N ALA C 103 23.27 -31.95 -2.59
CA ALA C 103 22.65 -33.10 -1.94
C ALA C 103 21.99 -34.04 -2.94
N GLU C 104 21.34 -33.49 -3.95
CA GLU C 104 20.70 -34.34 -4.97
C GLU C 104 21.78 -35.06 -5.77
N GLU C 105 22.78 -34.32 -6.25
CA GLU C 105 23.85 -34.92 -7.02
C GLU C 105 24.55 -36.05 -6.26
N GLU C 106 24.77 -35.84 -4.96
CA GLU C 106 25.46 -36.81 -4.12
C GLU C 106 24.58 -37.88 -3.49
N GLY C 107 23.29 -37.87 -3.79
CA GLY C 107 22.40 -38.85 -3.19
C GLY C 107 22.41 -38.74 -1.67
N ALA C 108 22.42 -37.51 -1.17
CA ALA C 108 22.43 -37.25 0.27
C ALA C 108 21.02 -37.00 0.77
N GLU C 109 20.69 -37.59 1.92
CA GLU C 109 19.36 -37.45 2.50
C GLU C 109 19.10 -36.07 3.06
N ALA C 110 20.12 -35.46 3.66
CA ALA C 110 19.95 -34.15 4.26
C ALA C 110 21.09 -33.16 4.11
N ILE C 111 20.81 -31.91 4.49
CA ILE C 111 21.76 -30.82 4.46
C ILE C 111 21.80 -30.23 5.87
N ALA C 112 22.83 -29.48 6.18
CA ALA C 112 22.96 -28.87 7.49
C ALA C 112 23.61 -27.50 7.39
N HIS C 113 23.24 -26.60 8.29
CA HIS C 113 23.80 -25.26 8.31
C HIS C 113 24.27 -24.92 9.72
N GLY C 114 24.99 -23.80 9.86
CA GLY C 114 25.47 -23.42 11.16
C GLY C 114 24.79 -22.20 11.76
N ALA C 115 23.55 -21.93 11.36
CA ALA C 115 22.82 -20.78 11.89
C ALA C 115 22.29 -21.16 13.27
N THR C 116 22.33 -20.22 14.22
CA THR C 116 21.86 -20.51 15.57
C THR C 116 20.34 -20.65 15.65
N GLY C 117 19.85 -20.92 16.86
CA GLY C 117 18.42 -21.08 17.03
C GLY C 117 17.69 -19.78 17.33
N LYS C 118 18.45 -18.69 17.54
CA LYS C 118 17.86 -17.39 17.87
C LYS C 118 17.83 -16.38 16.71
N GLY C 119 18.39 -16.75 15.57
CA GLY C 119 18.43 -15.80 14.48
C GLY C 119 17.43 -16.01 13.36
N ASN C 120 17.69 -15.32 12.26
CA ASN C 120 16.86 -15.38 11.08
C ASN C 120 17.50 -16.25 10.02
N ASP C 121 18.83 -16.42 10.10
CA ASP C 121 19.51 -17.23 9.09
C ASP C 121 18.94 -18.64 9.00
N GLN C 122 18.59 -19.24 10.13
CA GLN C 122 18.04 -20.59 10.11
C GLN C 122 16.78 -20.57 9.25
N VAL C 123 15.96 -19.53 9.42
CA VAL C 123 14.74 -19.40 8.66
C VAL C 123 15.12 -19.25 7.19
N ARG C 124 16.08 -18.38 6.93
CA ARG C 124 16.52 -18.14 5.56
C ARG C 124 17.05 -19.40 4.92
N PHE C 125 17.89 -20.15 5.63
CA PHE C 125 18.44 -21.39 5.08
C PHE C 125 17.34 -22.41 4.79
N GLU C 126 16.47 -22.63 5.77
CA GLU C 126 15.43 -23.62 5.62
C GLU C 126 14.25 -23.31 4.71
N LEU C 127 13.83 -22.05 4.64
CA LEU C 127 12.73 -21.70 3.75
C LEU C 127 13.16 -21.94 2.30
N THR C 128 14.41 -21.58 1.99
CA THR C 128 14.94 -21.80 0.65
C THR C 128 15.04 -23.29 0.36
N ALA C 129 15.61 -24.03 1.30
CA ALA C 129 15.77 -25.48 1.15
C ALA C 129 14.43 -26.19 0.92
N TYR C 130 13.46 -25.92 1.78
CA TYR C 130 12.13 -26.53 1.66
C TYR C 130 11.40 -26.07 0.39
N ALA C 131 11.68 -24.85 -0.05
CA ALA C 131 11.05 -24.32 -1.25
C ALA C 131 11.59 -25.00 -2.52
N LEU C 132 12.87 -25.33 -2.53
CA LEU C 132 13.50 -25.97 -3.69
C LEU C 132 13.38 -27.49 -3.69
N LYS C 133 13.35 -28.10 -2.51
CA LYS C 133 13.27 -29.55 -2.39
C LYS C 133 12.37 -29.81 -1.19
N PRO C 134 11.05 -29.84 -1.39
CA PRO C 134 10.13 -30.07 -0.27
C PRO C 134 10.42 -31.33 0.55
N ASP C 135 11.00 -32.34 -0.10
CA ASP C 135 11.33 -33.62 0.54
C ASP C 135 12.68 -33.63 1.28
N ILE C 136 13.37 -32.49 1.29
CA ILE C 136 14.69 -32.39 1.93
C ILE C 136 14.65 -32.46 3.46
N LYS C 137 15.62 -33.16 4.04
CA LYS C 137 15.70 -33.24 5.49
C LYS C 137 16.75 -32.20 5.89
N VAL C 138 16.45 -31.42 6.92
CA VAL C 138 17.39 -30.41 7.37
C VAL C 138 17.81 -30.62 8.82
N ILE C 139 19.11 -30.50 9.07
CA ILE C 139 19.65 -30.67 10.40
C ILE C 139 20.29 -29.37 10.84
N ALA C 140 19.80 -28.84 11.96
CA ALA C 140 20.33 -27.61 12.53
C ALA C 140 20.97 -27.94 13.89
N PRO C 141 22.26 -28.29 13.88
CA PRO C 141 22.99 -28.63 15.12
C PRO C 141 22.75 -27.69 16.29
N TRP C 142 22.80 -26.38 16.04
CA TRP C 142 22.59 -25.41 17.10
C TRP C 142 21.27 -25.65 17.83
N ARG C 143 20.30 -26.22 17.13
CA ARG C 143 19.00 -26.50 17.75
C ARG C 143 18.97 -27.92 18.30
N GLU C 144 19.79 -28.81 17.74
CA GLU C 144 19.78 -30.20 18.18
C GLU C 144 20.76 -30.61 19.28
N TRP C 145 21.92 -29.95 19.36
CA TRP C 145 22.91 -30.35 20.36
C TRP C 145 22.69 -29.83 21.77
N SER C 146 23.40 -30.43 22.72
CA SER C 146 23.29 -30.08 24.14
C SER C 146 24.27 -29.02 24.67
N PHE C 147 25.25 -28.63 23.87
CA PHE C 147 26.24 -27.63 24.30
C PHE C 147 25.59 -26.38 24.88
N GLN C 148 26.23 -25.82 25.91
CA GLN C 148 25.76 -24.60 26.55
C GLN C 148 26.97 -23.74 26.91
N GLY C 149 27.29 -22.79 26.04
CA GLY C 149 28.42 -21.92 26.30
C GLY C 149 29.57 -22.16 25.34
N ARG C 150 30.43 -21.17 25.23
CA ARG C 150 31.59 -21.24 24.34
C ARG C 150 32.68 -22.05 25.06
N LYS C 151 32.49 -22.24 26.36
CA LYS C 151 33.41 -23.00 27.19
C LYS C 151 33.28 -24.47 26.76
N GLU C 152 32.05 -24.98 26.83
CA GLU C 152 31.76 -26.36 26.44
C GLU C 152 32.14 -26.64 24.99
N MET C 153 31.80 -25.71 24.11
CA MET C 153 32.09 -25.89 22.69
C MET C 153 33.59 -25.99 22.45
N ILE C 154 34.36 -25.11 23.11
CA ILE C 154 35.80 -25.13 22.94
C ILE C 154 36.38 -26.42 23.53
N ALA C 155 35.81 -26.89 24.63
CA ALA C 155 36.29 -28.13 25.24
C ALA C 155 36.15 -29.22 24.20
N TYR C 156 34.91 -29.42 23.77
CA TYR C 156 34.57 -30.42 22.77
C TYR C 156 35.47 -30.29 21.54
N ALA C 157 35.77 -29.06 21.15
CA ALA C 157 36.64 -28.82 19.99
C ALA C 157 38.06 -29.27 20.32
N GLU C 158 38.52 -28.92 21.52
CA GLU C 158 39.86 -29.27 21.99
C GLU C 158 39.91 -30.80 21.99
N ALA C 159 38.90 -31.41 22.61
CA ALA C 159 38.82 -32.86 22.67
C ALA C 159 39.18 -33.45 21.30
N HIS C 160 38.26 -33.32 20.35
CA HIS C 160 38.46 -33.85 19.00
C HIS C 160 39.65 -33.33 18.22
N GLY C 161 40.38 -32.37 18.79
CA GLY C 161 41.56 -31.84 18.10
C GLY C 161 41.33 -30.72 17.12
N ILE C 162 40.16 -30.09 17.18
CA ILE C 162 39.87 -28.99 16.27
C ILE C 162 40.54 -27.71 16.75
N PRO C 163 41.43 -27.14 15.93
CA PRO C 163 42.13 -25.90 16.27
C PRO C 163 41.21 -24.93 16.99
N VAL C 164 41.72 -24.28 18.03
CA VAL C 164 40.92 -23.32 18.80
C VAL C 164 41.59 -21.95 18.83
N PRO C 165 40.82 -20.90 19.20
CA PRO C 165 41.29 -19.50 19.27
C PRO C 165 42.54 -19.30 20.13
N PRO C 171 34.59 -10.43 20.71
CA PRO C 171 34.13 -9.04 21.00
C PRO C 171 32.85 -8.78 20.21
N TYR C 172 32.73 -9.45 19.06
CA TYR C 172 31.55 -9.31 18.21
C TYR C 172 31.51 -10.36 17.09
N SER C 173 30.33 -10.54 16.53
CA SER C 173 30.14 -11.51 15.46
C SER C 173 30.13 -10.84 14.09
N MET C 174 30.73 -11.49 13.11
CA MET C 174 30.83 -10.96 11.75
C MET C 174 30.32 -11.87 10.64
N ASP C 175 29.93 -11.24 9.53
CA ASP C 175 29.46 -11.96 8.35
C ASP C 175 29.82 -11.08 7.15
N ALA C 176 30.58 -11.65 6.21
CA ALA C 176 31.02 -10.88 5.06
C ALA C 176 30.84 -11.53 3.69
N ASN C 177 30.61 -10.67 2.69
CA ASN C 177 30.45 -11.07 1.30
C ASN C 177 30.69 -9.82 0.43
N LEU C 178 30.66 -9.98 -0.89
CA LEU C 178 30.89 -8.86 -1.81
C LEU C 178 30.03 -7.63 -1.55
N LEU C 179 28.85 -7.83 -0.97
CA LEU C 179 27.96 -6.70 -0.72
C LEU C 179 28.28 -5.97 0.58
N HIS C 180 28.58 -6.71 1.64
CA HIS C 180 28.87 -6.04 2.90
C HIS C 180 29.55 -6.92 3.95
N ILE C 181 29.69 -6.34 5.14
CA ILE C 181 30.22 -7.04 6.30
C ILE C 181 29.30 -6.64 7.44
N SER C 182 28.81 -7.65 8.15
CA SER C 182 27.90 -7.46 9.27
C SER C 182 28.62 -7.61 10.62
N TYR C 183 28.22 -6.78 11.58
CA TYR C 183 28.80 -6.83 12.92
C TYR C 183 27.72 -6.80 13.98
N GLU C 184 27.70 -7.80 14.87
CA GLU C 184 26.71 -7.81 15.92
C GLU C 184 27.10 -8.68 17.10
N GLY C 185 26.50 -8.40 18.25
CA GLY C 185 26.78 -9.17 19.45
C GLY C 185 27.90 -8.52 20.25
N GLY C 186 28.28 -9.19 21.34
CA GLY C 186 29.33 -8.68 22.20
C GLY C 186 29.13 -7.24 22.65
N VAL C 187 30.18 -6.44 22.52
CA VAL C 187 30.16 -5.04 22.91
C VAL C 187 29.11 -4.24 22.11
N LEU C 188 28.58 -4.87 21.07
CA LEU C 188 27.58 -4.23 20.23
C LEU C 188 26.15 -4.33 20.76
N GLU C 189 25.92 -5.21 21.74
CA GLU C 189 24.57 -5.41 22.28
C GLU C 189 23.95 -4.22 23.00
N ASP C 190 24.76 -3.32 23.53
CA ASP C 190 24.19 -2.17 24.20
C ASP C 190 23.89 -1.10 23.14
N PRO C 191 22.61 -0.85 22.87
CA PRO C 191 22.16 0.15 21.87
C PRO C 191 22.68 1.56 22.12
N TRP C 192 23.06 1.84 23.37
CA TRP C 192 23.54 3.16 23.71
C TRP C 192 25.06 3.27 23.54
N ALA C 193 25.71 2.17 23.22
CA ALA C 193 27.15 2.15 23.06
C ALA C 193 27.62 2.28 21.62
N GLU C 194 28.45 3.28 21.37
CA GLU C 194 28.99 3.50 20.04
C GLU C 194 29.86 2.31 19.68
N PRO C 195 29.99 2.00 18.39
CA PRO C 195 30.84 0.85 18.05
C PRO C 195 32.30 1.16 18.38
N PRO C 196 33.10 0.14 18.68
CA PRO C 196 34.51 0.29 19.00
C PRO C 196 35.39 0.67 17.82
N LYS C 197 36.26 1.64 18.04
CA LYS C 197 37.19 2.11 17.02
C LYS C 197 37.95 0.89 16.51
N GLY C 198 38.20 0.83 15.21
CA GLY C 198 38.95 -0.30 14.67
C GLY C 198 38.19 -1.58 14.34
N MET C 199 36.86 -1.52 14.37
CA MET C 199 36.05 -2.70 14.06
C MET C 199 35.87 -2.91 12.55
N PHE C 200 35.61 -1.83 11.82
CA PHE C 200 35.39 -1.89 10.39
C PHE C 200 36.57 -2.41 9.60
N ARG C 201 36.29 -3.29 8.65
CA ARG C 201 37.31 -3.93 7.84
C ARG C 201 37.24 -3.62 6.35
N MET C 202 36.03 -3.35 5.84
CA MET C 202 35.84 -3.07 4.42
C MET C 202 35.94 -1.59 4.12
N THR C 203 35.69 -0.76 5.11
CA THR C 203 35.74 0.66 4.89
C THR C 203 36.75 1.41 5.75
N GLN C 204 37.44 2.34 5.10
CA GLN C 204 38.41 3.20 5.73
C GLN C 204 37.57 4.04 6.64
N ASP C 205 38.18 4.57 7.70
CA ASP C 205 37.43 5.39 8.63
C ASP C 205 37.36 6.82 8.12
N PRO C 206 36.18 7.45 8.17
CA PRO C 206 36.01 8.82 7.70
C PRO C 206 37.17 9.74 8.09
N GLU C 207 37.48 9.82 9.39
CA GLU C 207 38.56 10.68 9.83
C GLU C 207 39.86 10.41 9.09
N GLU C 208 39.99 9.23 8.51
CA GLU C 208 41.22 8.90 7.80
C GLU C 208 41.04 8.85 6.28
N ALA C 209 39.85 9.22 5.79
CA ALA C 209 39.60 9.18 4.35
C ALA C 209 40.36 10.30 3.66
N PRO C 210 40.59 10.19 2.34
CA PRO C 210 41.32 11.21 1.60
C PRO C 210 40.81 12.63 1.92
N ASP C 211 41.69 13.63 1.79
CA ASP C 211 41.32 15.01 2.07
C ASP C 211 40.68 15.68 0.85
N ALA C 212 40.87 15.08 -0.31
CA ALA C 212 40.29 15.59 -1.55
C ALA C 212 39.10 14.72 -1.95
N PRO C 213 37.97 15.34 -2.34
CA PRO C 213 36.81 14.54 -2.74
C PRO C 213 37.11 13.83 -4.04
N GLU C 214 36.46 12.69 -4.27
CA GLU C 214 36.67 11.93 -5.48
C GLU C 214 35.35 11.68 -6.23
N TYR C 215 35.38 11.89 -7.55
CA TYR C 215 34.18 11.68 -8.33
C TYR C 215 34.24 10.32 -8.99
N VAL C 216 33.07 9.71 -9.12
CA VAL C 216 32.93 8.40 -9.74
C VAL C 216 31.65 8.40 -10.57
N GLU C 217 31.68 7.71 -11.71
CA GLU C 217 30.50 7.62 -12.55
C GLU C 217 30.08 6.17 -12.70
N VAL C 218 28.77 5.94 -12.70
CA VAL C 218 28.24 4.59 -12.84
C VAL C 218 27.17 4.58 -13.92
N GLU C 219 27.33 3.70 -14.89
CA GLU C 219 26.39 3.55 -16.00
C GLU C 219 25.44 2.38 -15.77
N PHE C 220 24.15 2.62 -15.99
CA PHE C 220 23.14 1.57 -15.85
C PHE C 220 22.56 1.30 -17.22
N PHE C 221 22.49 0.03 -17.62
CA PHE C 221 21.92 -0.25 -18.92
C PHE C 221 20.82 -1.17 -18.41
N GLU C 222 19.57 -0.79 -18.59
CA GLU C 222 18.51 -1.68 -18.10
C GLU C 222 18.14 -2.16 -16.71
N GLY C 223 18.45 -1.30 -15.74
CA GLY C 223 18.19 -1.60 -14.34
C GLY C 223 19.45 -2.11 -13.65
N ASP C 224 20.43 -2.54 -14.43
CA ASP C 224 21.67 -3.07 -13.88
C ASP C 224 22.92 -2.22 -14.15
N PRO C 225 23.79 -2.08 -13.13
CA PRO C 225 25.03 -1.31 -13.28
C PRO C 225 25.90 -2.08 -14.26
N VAL C 226 26.43 -1.41 -15.27
CA VAL C 226 27.26 -2.12 -16.23
C VAL C 226 28.68 -1.59 -16.34
N ALA C 227 28.95 -0.42 -15.78
CA ALA C 227 30.29 0.13 -15.87
C ALA C 227 30.60 1.20 -14.83
N VAL C 228 31.90 1.37 -14.55
CA VAL C 228 32.33 2.37 -13.60
C VAL C 228 33.40 3.23 -14.26
N ASN C 229 33.18 4.53 -14.25
CA ASN C 229 34.10 5.49 -14.84
C ASN C 229 34.44 5.13 -16.29
N GLY C 230 33.45 4.65 -17.03
CA GLY C 230 33.67 4.31 -18.42
C GLY C 230 34.23 2.94 -18.71
N GLU C 231 34.45 2.13 -17.68
CA GLU C 231 34.98 0.79 -17.93
C GLU C 231 33.92 -0.27 -17.67
N ARG C 232 33.59 -1.06 -18.69
CA ARG C 232 32.60 -2.12 -18.54
C ARG C 232 33.15 -3.18 -17.58
N LEU C 233 32.35 -3.59 -16.61
CA LEU C 233 32.76 -4.59 -15.63
C LEU C 233 31.64 -5.57 -15.33
N SER C 234 32.01 -6.84 -15.16
CA SER C 234 31.07 -7.89 -14.82
C SER C 234 30.43 -7.54 -13.46
N PRO C 235 29.22 -8.06 -13.19
CA PRO C 235 28.56 -7.75 -11.92
C PRO C 235 29.46 -7.85 -10.68
N ALA C 236 30.13 -8.97 -10.49
CA ALA C 236 31.01 -9.14 -9.32
C ALA C 236 32.22 -8.18 -9.34
N ALA C 237 32.82 -7.98 -10.51
CA ALA C 237 33.97 -7.09 -10.60
C ALA C 237 33.54 -5.64 -10.41
N LEU C 238 32.31 -5.33 -10.76
CA LEU C 238 31.82 -3.96 -10.61
C LEU C 238 31.55 -3.64 -9.14
N LEU C 239 31.01 -4.60 -8.41
CA LEU C 239 30.72 -4.40 -6.99
C LEU C 239 32.07 -4.30 -6.28
N GLN C 240 33.00 -5.16 -6.69
CA GLN C 240 34.36 -5.17 -6.14
C GLN C 240 34.95 -3.78 -6.33
N ARG C 241 34.96 -3.31 -7.57
CA ARG C 241 35.49 -1.98 -7.89
C ARG C 241 34.86 -0.90 -7.04
N LEU C 242 33.53 -0.92 -6.89
CA LEU C 242 32.89 0.11 -6.10
C LEU C 242 33.13 -0.01 -4.60
N ASN C 243 33.45 -1.21 -4.12
CA ASN C 243 33.75 -1.41 -2.70
C ASN C 243 35.08 -0.70 -2.43
N GLU C 244 36.01 -0.86 -3.36
CA GLU C 244 37.32 -0.24 -3.24
C GLU C 244 37.22 1.29 -3.26
N ILE C 245 36.52 1.83 -4.25
CA ILE C 245 36.35 3.26 -4.38
C ILE C 245 35.61 3.86 -3.20
N GLY C 246 34.46 3.28 -2.86
CA GLY C 246 33.68 3.79 -1.76
C GLY C 246 34.33 3.48 -0.41
N GLY C 247 35.03 2.35 -0.33
CA GLY C 247 35.68 1.98 0.91
C GLY C 247 36.76 2.96 1.38
N ARG C 248 37.65 3.36 0.48
CA ARG C 248 38.72 4.29 0.84
C ARG C 248 38.19 5.60 1.39
N HIS C 249 36.91 5.87 1.15
CA HIS C 249 36.29 7.11 1.62
C HIS C 249 35.38 6.91 2.83
N GLY C 250 35.29 5.66 3.30
CA GLY C 250 34.46 5.36 4.47
C GLY C 250 32.96 5.41 4.25
N VAL C 251 32.56 5.14 3.01
CA VAL C 251 31.16 5.17 2.61
C VAL C 251 30.35 3.92 2.96
N GLY C 252 29.08 4.13 3.31
CA GLY C 252 28.20 3.01 3.61
C GLY C 252 28.18 2.34 4.96
N ARG C 253 28.28 3.12 6.04
CA ARG C 253 28.24 2.55 7.37
C ARG C 253 26.86 2.78 7.98
N VAL C 254 26.25 1.71 8.45
CA VAL C 254 24.95 1.81 9.07
C VAL C 254 24.99 1.21 10.46
N ASP C 255 24.36 1.91 11.40
CA ASP C 255 24.28 1.49 12.80
C ASP C 255 22.82 1.51 13.23
N ILE C 256 22.15 0.36 13.20
CA ILE C 256 20.74 0.33 13.58
C ILE C 256 20.29 -0.83 14.48
N VAL C 257 19.17 -0.61 15.13
CA VAL C 257 18.56 -1.64 15.96
C VAL C 257 17.42 -2.09 15.04
N GLU C 258 17.49 -3.32 14.56
CA GLU C 258 16.49 -3.87 13.66
C GLU C 258 15.56 -4.86 14.31
N ASN C 259 14.39 -5.06 13.70
CA ASN C 259 13.40 -6.01 14.19
C ASN C 259 13.62 -7.33 13.49
N ARG C 260 13.84 -8.39 14.26
CA ARG C 260 14.04 -9.71 13.69
C ARG C 260 12.71 -10.42 13.45
N PHE C 261 12.76 -11.42 12.58
CA PHE C 261 11.61 -12.22 12.22
C PHE C 261 11.35 -13.23 13.35
N VAL C 262 12.43 -13.76 13.91
CA VAL C 262 12.32 -14.75 15.00
C VAL C 262 12.50 -14.16 16.39
N GLY C 263 13.67 -13.59 16.67
CA GLY C 263 13.88 -12.98 17.99
C GLY C 263 13.13 -11.64 18.11
N MET C 264 13.54 -10.81 19.07
CA MET C 264 12.88 -9.51 19.22
C MET C 264 13.70 -8.50 18.41
N LYS C 265 14.30 -7.53 19.07
CA LYS C 265 15.10 -6.55 18.37
C LYS C 265 16.57 -6.94 18.43
N SER C 266 17.39 -6.32 17.58
CA SER C 266 18.80 -6.66 17.51
C SER C 266 19.63 -5.51 16.96
N ARG C 267 20.72 -5.19 17.64
CA ARG C 267 21.61 -4.11 17.23
C ARG C 267 22.59 -4.60 16.18
N GLY C 268 22.58 -3.97 15.01
CA GLY C 268 23.47 -4.37 13.95
C GLY C 268 24.23 -3.20 13.37
N VAL C 269 25.43 -3.48 12.88
CA VAL C 269 26.27 -2.46 12.28
C VAL C 269 26.70 -3.03 10.96
N TYR C 270 26.53 -2.26 9.90
CA TYR C 270 26.85 -2.75 8.58
C TYR C 270 27.65 -1.77 7.74
N GLU C 271 28.49 -2.32 6.87
CA GLU C 271 29.27 -1.50 5.97
C GLU C 271 29.04 -2.08 4.58
N THR C 272 28.50 -1.23 3.70
CA THR C 272 28.18 -1.61 2.34
C THR C 272 28.66 -0.49 1.40
N PRO C 273 29.99 -0.32 1.29
CA PRO C 273 30.55 0.73 0.43
C PRO C 273 30.02 0.76 -1.02
N GLY C 274 30.21 -0.33 -1.76
CA GLY C 274 29.75 -0.38 -3.14
C GLY C 274 28.25 -0.22 -3.24
N GLY C 275 27.52 -1.07 -2.50
CA GLY C 275 26.07 -1.02 -2.52
C GLY C 275 25.50 0.35 -2.21
N THR C 276 26.13 1.08 -1.31
CA THR C 276 25.63 2.40 -0.97
C THR C 276 25.81 3.37 -2.14
N ILE C 277 26.87 3.18 -2.91
CA ILE C 277 27.10 4.03 -4.06
C ILE C 277 26.07 3.67 -5.13
N LEU C 278 25.85 2.37 -5.31
CA LEU C 278 24.90 1.85 -6.28
C LEU C 278 23.46 2.26 -5.97
N TYR C 279 23.14 2.42 -4.69
CA TYR C 279 21.80 2.81 -4.27
C TYR C 279 21.47 4.23 -4.67
N HIS C 280 22.41 5.15 -4.49
CA HIS C 280 22.19 6.55 -4.84
C HIS C 280 22.36 6.82 -6.33
N ALA C 281 23.21 6.01 -6.98
CA ALA C 281 23.45 6.15 -8.41
C ALA C 281 22.18 5.75 -9.15
N ARG C 282 21.64 4.59 -8.79
CA ARG C 282 20.42 4.09 -9.41
C ARG C 282 19.30 5.11 -9.31
N ARG C 283 19.08 5.65 -8.11
CA ARG C 283 18.02 6.64 -7.93
C ARG C 283 18.26 7.93 -8.73
N ALA C 284 19.52 8.23 -9.01
CA ALA C 284 19.88 9.42 -9.79
C ALA C 284 19.49 9.18 -11.25
N VAL C 285 19.71 7.96 -11.74
CA VAL C 285 19.37 7.61 -13.11
C VAL C 285 17.85 7.45 -13.22
N GLU C 286 17.20 7.04 -12.13
CA GLU C 286 15.75 6.87 -12.10
C GLU C 286 15.05 8.23 -12.09
N SER C 287 15.73 9.26 -11.61
CA SER C 287 15.13 10.59 -11.52
C SER C 287 14.95 11.22 -12.89
N LEU C 288 15.56 10.62 -13.89
CA LEU C 288 15.44 11.11 -15.26
C LEU C 288 14.66 10.15 -16.14
N THR C 289 14.77 8.86 -15.86
CA THR C 289 14.14 7.85 -16.69
C THR C 289 12.80 7.24 -16.28
N LEU C 290 12.40 7.44 -15.03
CA LEU C 290 11.14 6.87 -14.58
C LEU C 290 10.06 7.91 -14.43
N ASP C 291 8.83 7.51 -14.73
CA ASP C 291 7.69 8.38 -14.63
C ASP C 291 7.32 8.63 -13.17
N ARG C 292 6.82 9.84 -12.89
CA ARG C 292 6.43 10.21 -11.54
C ARG C 292 5.54 9.20 -10.83
N GLU C 293 4.43 8.81 -11.46
CA GLU C 293 3.49 7.89 -10.85
C GLU C 293 4.03 6.46 -10.72
N VAL C 294 4.95 6.07 -11.59
CA VAL C 294 5.55 4.75 -11.51
C VAL C 294 6.52 4.73 -10.32
N LEU C 295 7.33 5.79 -10.22
CA LEU C 295 8.29 5.91 -9.14
C LEU C 295 7.60 5.90 -7.77
N HIS C 296 6.55 6.70 -7.63
CA HIS C 296 5.83 6.76 -6.35
C HIS C 296 5.24 5.41 -5.98
N GLN C 297 4.82 4.64 -6.97
CA GLN C 297 4.23 3.33 -6.70
C GLN C 297 5.30 2.32 -6.34
N ARG C 298 6.43 2.34 -7.05
CA ARG C 298 7.52 1.42 -6.80
C ARG C 298 8.04 1.63 -5.36
N ASP C 299 8.20 2.88 -4.97
CA ASP C 299 8.69 3.19 -3.65
C ASP C 299 7.73 2.71 -2.55
N MET C 300 6.46 2.58 -2.87
CA MET C 300 5.53 2.13 -1.87
C MET C 300 5.54 0.61 -1.72
N LEU C 301 6.16 -0.07 -2.69
CA LEU C 301 6.25 -1.53 -2.66
C LEU C 301 7.63 -2.03 -2.20
N SER C 302 8.65 -1.19 -2.33
CA SER C 302 10.01 -1.52 -1.90
C SER C 302 10.10 -2.10 -0.48
N PRO C 303 9.50 -1.42 0.50
CA PRO C 303 9.52 -1.89 1.89
C PRO C 303 9.00 -3.31 2.08
N LYS C 304 7.99 -3.69 1.31
CA LYS C 304 7.43 -5.03 1.41
C LYS C 304 8.41 -6.04 0.82
N TYR C 305 9.02 -5.67 -0.30
CA TYR C 305 9.98 -6.53 -0.96
C TYR C 305 11.14 -6.71 0.01
N ALA C 306 11.49 -5.63 0.70
CA ALA C 306 12.59 -5.65 1.66
C ALA C 306 12.37 -6.65 2.80
N GLU C 307 11.19 -6.64 3.41
CA GLU C 307 10.98 -7.60 4.49
C GLU C 307 10.88 -9.01 3.96
N LEU C 308 10.47 -9.16 2.71
CA LEU C 308 10.40 -10.49 2.13
C LEU C 308 11.81 -11.05 2.06
N VAL C 309 12.75 -10.22 1.57
CA VAL C 309 14.14 -10.65 1.48
C VAL C 309 14.70 -10.91 2.89
N TYR C 310 14.46 -9.97 3.79
CA TYR C 310 14.91 -10.07 5.18
C TYR C 310 14.40 -11.30 5.92
N TYR C 311 13.15 -11.68 5.68
CA TYR C 311 12.56 -12.84 6.33
C TYR C 311 12.98 -14.17 5.71
N GLY C 312 13.55 -14.14 4.51
CA GLY C 312 13.99 -15.38 3.88
C GLY C 312 13.10 -15.90 2.76
N PHE C 313 12.09 -15.13 2.38
CA PHE C 313 11.20 -15.57 1.32
C PHE C 313 11.68 -15.18 -0.07
N TRP C 314 12.91 -15.56 -0.41
CA TRP C 314 13.45 -15.22 -1.73
C TRP C 314 12.84 -16.08 -2.83
N TYR C 315 12.78 -17.39 -2.59
CA TYR C 315 12.19 -18.30 -3.56
C TYR C 315 10.75 -18.57 -3.20
N ALA C 316 10.03 -17.51 -2.92
CA ALA C 316 8.63 -17.59 -2.57
C ALA C 316 7.86 -16.84 -3.66
N PRO C 317 6.66 -17.32 -3.99
CA PRO C 317 5.83 -16.70 -5.03
C PRO C 317 5.57 -15.19 -4.92
N GLU C 318 5.43 -14.66 -3.70
CA GLU C 318 5.17 -13.23 -3.53
C GLU C 318 6.34 -12.37 -3.99
N ARG C 319 7.55 -12.85 -3.72
CA ARG C 319 8.73 -12.10 -4.10
C ARG C 319 8.95 -12.18 -5.60
N GLU C 320 8.67 -13.33 -6.20
CA GLU C 320 8.84 -13.47 -7.64
C GLU C 320 7.82 -12.60 -8.39
N ALA C 321 6.64 -12.43 -7.78
CA ALA C 321 5.58 -11.62 -8.37
C ALA C 321 5.97 -10.14 -8.33
N LEU C 322 6.44 -9.67 -7.18
CA LEU C 322 6.86 -8.29 -7.05
C LEU C 322 8.08 -8.07 -7.95
N GLN C 323 8.89 -9.11 -8.10
CA GLN C 323 10.09 -9.04 -8.94
C GLN C 323 9.69 -8.70 -10.39
N ALA C 324 8.54 -9.19 -10.82
CA ALA C 324 8.04 -8.93 -12.16
C ALA C 324 7.72 -7.43 -12.29
N TYR C 325 7.11 -6.87 -11.26
CA TYR C 325 6.80 -5.44 -11.27
C TYR C 325 8.08 -4.60 -11.28
N PHE C 326 9.03 -4.93 -10.41
CA PHE C 326 10.29 -4.20 -10.32
C PHE C 326 11.17 -4.34 -11.56
N ASP C 327 11.22 -5.54 -12.14
CA ASP C 327 12.02 -5.77 -13.35
C ASP C 327 11.43 -5.00 -14.53
N HIS C 328 10.10 -4.89 -14.56
CA HIS C 328 9.41 -4.15 -15.61
C HIS C 328 9.81 -2.67 -15.54
N VAL C 329 9.80 -2.12 -14.33
CA VAL C 329 10.16 -0.71 -14.11
C VAL C 329 11.64 -0.43 -14.32
N ALA C 330 12.49 -1.37 -13.92
CA ALA C 330 13.92 -1.19 -14.04
C ALA C 330 14.42 -1.18 -15.47
N ARG C 331 13.69 -1.85 -16.36
CA ARG C 331 14.10 -1.92 -17.76
C ARG C 331 14.32 -0.53 -18.34
N SER C 332 13.66 0.48 -17.77
CA SER C 332 13.80 1.86 -18.25
C SER C 332 15.02 2.58 -17.69
N VAL C 333 15.53 2.13 -16.56
CA VAL C 333 16.67 2.79 -15.93
C VAL C 333 17.98 2.63 -16.71
N THR C 334 18.22 3.55 -17.65
CA THR C 334 19.42 3.56 -18.48
C THR C 334 20.02 4.94 -18.41
N GLY C 335 21.30 5.03 -18.10
CA GLY C 335 21.94 6.33 -18.00
C GLY C 335 23.18 6.28 -17.13
N VAL C 336 23.67 7.45 -16.75
CA VAL C 336 24.87 7.54 -15.94
C VAL C 336 24.69 8.47 -14.76
N ALA C 337 25.17 8.04 -13.60
CA ALA C 337 25.10 8.87 -12.41
C ALA C 337 26.53 9.34 -12.08
N ARG C 338 26.66 10.57 -11.57
CA ARG C 338 27.97 11.09 -11.20
C ARG C 338 27.93 11.44 -9.71
N LEU C 339 28.77 10.78 -8.93
CA LEU C 339 28.79 11.04 -7.50
C LEU C 339 30.14 11.54 -6.96
N LYS C 340 30.05 12.34 -5.92
CA LYS C 340 31.21 12.91 -5.26
C LYS C 340 31.33 12.20 -3.91
N LEU C 341 32.39 11.40 -3.76
CA LEU C 341 32.62 10.69 -2.51
C LEU C 341 33.50 11.58 -1.64
N TYR C 342 33.14 11.69 -0.37
CA TYR C 342 33.93 12.50 0.53
C TYR C 342 33.69 12.21 2.01
N LYS C 343 34.75 11.71 2.65
CA LYS C 343 34.74 11.38 4.08
C LYS C 343 33.46 10.77 4.62
N GLY C 344 33.22 9.53 4.25
CA GLY C 344 32.05 8.79 4.70
C GLY C 344 30.75 9.11 3.98
N ASN C 345 30.76 10.11 3.11
CA ASN C 345 29.53 10.47 2.42
C ASN C 345 29.51 10.23 0.90
N VAL C 346 28.30 10.12 0.36
CA VAL C 346 28.08 9.90 -1.06
C VAL C 346 27.14 10.98 -1.53
N TYR C 347 27.63 11.89 -2.38
CA TYR C 347 26.80 12.97 -2.90
C TYR C 347 26.54 12.82 -4.39
N VAL C 348 25.27 12.94 -4.77
CA VAL C 348 24.92 12.88 -6.19
C VAL C 348 25.16 14.30 -6.69
N VAL C 349 25.98 14.45 -7.72
CA VAL C 349 26.26 15.77 -8.27
C VAL C 349 25.84 15.92 -9.73
N GLY C 350 25.47 14.81 -10.35
CA GLY C 350 25.04 14.82 -11.73
C GLY C 350 24.43 13.52 -12.20
N ARG C 351 23.69 13.60 -13.30
CA ARG C 351 23.07 12.42 -13.90
C ARG C 351 22.64 12.76 -15.30
N LYS C 352 22.64 11.76 -16.18
CA LYS C 352 22.24 11.93 -17.56
C LYS C 352 21.71 10.61 -18.09
N ALA C 353 20.82 10.67 -19.08
CA ALA C 353 20.25 9.46 -19.65
C ALA C 353 19.89 9.64 -21.11
N PRO C 354 20.11 8.60 -21.92
CA PRO C 354 19.80 8.68 -23.34
C PRO C 354 18.30 8.96 -23.57
N LYS C 355 17.44 8.39 -22.74
CA LYS C 355 15.99 8.62 -22.85
C LYS C 355 15.45 9.41 -21.67
N SER C 356 16.16 10.45 -21.30
CA SER C 356 15.75 11.30 -20.19
C SER C 356 14.38 11.95 -20.39
N LEU C 357 13.58 12.00 -19.34
CA LEU C 357 12.26 12.61 -19.42
C LEU C 357 12.32 14.07 -18.97
N TYR C 358 13.54 14.55 -18.71
CA TYR C 358 13.72 15.92 -18.27
C TYR C 358 13.79 16.89 -19.45
N ARG C 359 13.05 18.00 -19.34
CA ARG C 359 13.04 19.03 -20.38
C ARG C 359 13.23 20.39 -19.70
N GLN C 360 14.35 21.04 -19.96
CA GLN C 360 14.59 22.35 -19.36
C GLN C 360 13.58 23.36 -19.88
N ASP C 361 13.21 23.20 -21.14
CA ASP C 361 12.24 24.08 -21.81
C ASP C 361 10.95 24.24 -21.02
N LEU C 362 10.56 23.20 -20.28
CA LEU C 362 9.33 23.22 -19.49
C LEU C 362 9.47 23.93 -18.14
N VAL C 363 10.71 24.05 -17.66
CA VAL C 363 10.96 24.69 -16.38
C VAL C 363 11.50 26.11 -16.53
N SER C 364 12.33 26.32 -17.54
CA SER C 364 12.95 27.62 -17.79
C SER C 364 11.97 28.75 -18.09
N PHE C 365 12.47 29.98 -18.02
CA PHE C 365 11.68 31.18 -18.31
C PHE C 365 12.40 31.99 -19.37
N GLY C 370 5.35 23.76 -24.72
CA GLY C 370 4.26 22.75 -24.56
C GLY C 370 3.54 22.97 -23.23
N TYR C 371 3.93 24.03 -22.55
CA TYR C 371 3.33 24.37 -21.24
C TYR C 371 2.65 25.73 -21.22
N ASP C 372 1.35 25.75 -20.91
CA ASP C 372 0.65 27.03 -20.82
C ASP C 372 0.26 27.34 -19.37
N GLN C 373 0.80 28.42 -18.84
CA GLN C 373 0.55 28.83 -17.46
C GLN C 373 -0.92 28.81 -17.05
N LYS C 374 -1.80 29.28 -17.92
CA LYS C 374 -3.22 29.31 -17.57
C LYS C 374 -3.85 27.91 -17.41
N ASP C 375 -3.21 26.89 -17.96
CA ASP C 375 -3.72 25.53 -17.81
C ASP C 375 -3.68 25.15 -16.32
N ALA C 376 -2.66 25.64 -15.62
CA ALA C 376 -2.50 25.36 -14.19
C ALA C 376 -3.68 25.84 -13.36
N GLU C 377 -4.27 26.97 -13.74
CA GLU C 377 -5.41 27.49 -13.01
C GLU C 377 -6.60 26.53 -13.03
N GLY C 378 -6.87 25.95 -14.19
CA GLY C 378 -7.96 25.01 -14.32
C GLY C 378 -7.64 23.72 -13.56
N PHE C 379 -6.38 23.34 -13.60
CA PHE C 379 -5.90 22.14 -12.92
C PHE C 379 -6.20 22.35 -11.42
N ILE C 380 -5.81 23.51 -10.92
CA ILE C 380 -6.00 23.89 -9.52
C ILE C 380 -7.47 23.93 -9.10
N LYS C 381 -8.31 24.53 -9.93
CA LYS C 381 -9.74 24.62 -9.58
C LYS C 381 -10.41 23.25 -9.53
N ILE C 382 -10.07 22.37 -10.48
CA ILE C 382 -10.64 21.03 -10.49
C ILE C 382 -10.17 20.28 -9.24
N GLN C 383 -8.87 20.37 -8.94
CA GLN C 383 -8.30 19.71 -7.77
C GLN C 383 -8.92 20.23 -6.47
N ALA C 384 -9.22 21.53 -6.44
CA ALA C 384 -9.77 22.16 -5.26
C ALA C 384 -11.24 21.94 -5.01
N LEU C 385 -11.96 21.50 -6.02
CA LEU C 385 -13.39 21.29 -5.90
C LEU C 385 -13.87 20.51 -4.67
N ARG C 386 -13.43 19.26 -4.52
CA ARG C 386 -13.88 18.46 -3.37
C ARG C 386 -13.58 19.15 -2.05
N LEU C 387 -12.46 19.87 -1.99
CA LEU C 387 -12.09 20.59 -0.77
C LEU C 387 -13.05 21.74 -0.50
N ARG C 388 -13.46 22.47 -1.54
CA ARG C 388 -14.37 23.58 -1.35
C ARG C 388 -15.76 23.07 -0.94
N VAL C 389 -16.17 21.96 -1.53
CA VAL C 389 -17.47 21.38 -1.19
C VAL C 389 -17.45 20.97 0.27
N ARG C 390 -16.35 20.37 0.71
CA ARG C 390 -16.22 19.94 2.09
C ARG C 390 -16.42 21.10 3.05
N ALA C 391 -15.70 22.20 2.81
CA ALA C 391 -15.81 23.38 3.66
C ALA C 391 -17.24 23.90 3.66
N LEU C 392 -17.83 24.03 2.47
CA LEU C 392 -19.19 24.52 2.35
C LEU C 392 -20.18 23.67 3.16
N VAL C 393 -20.02 22.35 3.10
CA VAL C 393 -20.93 21.49 3.86
C VAL C 393 -20.72 21.69 5.36
N GLU C 394 -19.48 21.91 5.78
CA GLU C 394 -19.25 22.15 7.20
C GLU C 394 -19.84 23.55 7.45
N ARG C 395 -20.16 24.20 6.34
CA ARG C 395 -20.72 25.54 6.32
C ARG C 395 -19.62 26.52 6.60
N MET D 1 -12.43 47.15 -3.50
CA MET D 1 -11.83 45.79 -3.53
C MET D 1 -10.52 45.79 -2.75
N LYS D 2 -10.30 44.74 -1.98
CA LYS D 2 -9.07 44.64 -1.22
C LYS D 2 -8.39 43.33 -1.56
N ILE D 3 -7.08 43.36 -1.67
CA ILE D 3 -6.32 42.16 -1.96
C ILE D 3 -5.24 42.00 -0.90
N VAL D 4 -5.11 40.78 -0.38
CA VAL D 4 -4.08 40.50 0.62
C VAL D 4 -2.96 39.78 -0.11
N LEU D 5 -1.81 40.43 -0.19
CA LEU D 5 -0.66 39.88 -0.88
C LEU D 5 0.41 39.29 0.04
N ALA D 6 0.90 38.11 -0.32
CA ALA D 6 1.96 37.48 0.45
C ALA D 6 3.15 38.27 -0.06
N TYR D 7 3.55 39.29 0.69
CA TYR D 7 4.67 40.17 0.34
C TYR D 7 5.96 39.70 1.02
N SER D 8 7.04 39.62 0.25
CA SER D 8 8.31 39.18 0.79
C SER D 8 9.30 40.34 0.86
N GLY D 9 9.06 41.39 0.07
CA GLY D 9 9.95 42.53 0.08
C GLY D 9 10.91 42.55 -1.11
N GLY D 10 11.05 41.40 -1.76
CA GLY D 10 11.93 41.30 -2.91
C GLY D 10 11.41 42.03 -4.14
N LEU D 11 12.18 42.00 -5.23
CA LEU D 11 11.82 42.68 -6.47
C LEU D 11 10.46 42.25 -7.03
N ASP D 12 10.28 40.95 -7.20
CA ASP D 12 9.04 40.41 -7.77
C ASP D 12 7.75 40.69 -7.02
N THR D 13 7.70 40.43 -5.71
CA THR D 13 6.46 40.71 -4.99
C THR D 13 6.23 42.21 -4.88
N SER D 14 7.30 42.98 -5.10
CA SER D 14 7.19 44.44 -5.08
C SER D 14 6.52 44.86 -6.40
N ILE D 15 7.01 44.29 -7.50
CA ILE D 15 6.45 44.55 -8.82
C ILE D 15 4.99 44.12 -8.76
N ILE D 16 4.76 42.96 -8.15
CA ILE D 16 3.41 42.43 -8.02
C ILE D 16 2.49 43.38 -7.27
N LEU D 17 3.02 44.04 -6.24
CA LEU D 17 2.20 44.96 -5.46
C LEU D 17 1.73 46.15 -6.32
N LYS D 18 2.61 46.65 -7.19
CA LYS D 18 2.26 47.76 -8.08
C LYS D 18 1.28 47.30 -9.15
N TRP D 19 1.50 46.09 -9.65
CA TRP D 19 0.68 45.50 -10.68
C TRP D 19 -0.76 45.27 -10.22
N LEU D 20 -0.94 44.84 -8.97
CA LEU D 20 -2.28 44.61 -8.44
C LEU D 20 -3.07 45.90 -8.35
N LYS D 21 -2.37 47.00 -8.07
CA LYS D 21 -3.01 48.29 -7.94
C LYS D 21 -3.48 48.84 -9.29
N GLU D 22 -2.61 48.76 -10.29
CA GLU D 22 -2.96 49.29 -11.62
C GLU D 22 -3.98 48.40 -12.31
N THR D 23 -3.79 47.09 -12.21
CA THR D 23 -4.68 46.13 -12.86
C THR D 23 -6.04 45.99 -12.19
N TYR D 24 -6.08 45.96 -10.86
CA TYR D 24 -7.36 45.83 -10.15
C TYR D 24 -7.80 47.10 -9.47
N ARG D 25 -6.91 48.09 -9.39
CA ARG D 25 -7.25 49.35 -8.75
C ARG D 25 -7.83 49.11 -7.37
N ALA D 26 -7.30 48.12 -6.66
CA ALA D 26 -7.79 47.82 -5.32
C ALA D 26 -6.73 48.16 -4.26
N GLU D 27 -7.15 48.12 -3.00
CA GLU D 27 -6.21 48.36 -1.89
C GLU D 27 -5.47 47.03 -1.69
N VAL D 28 -4.15 47.09 -1.61
CA VAL D 28 -3.37 45.88 -1.42
C VAL D 28 -2.77 45.77 -0.02
N ILE D 29 -3.33 44.90 0.80
CA ILE D 29 -2.82 44.69 2.16
C ILE D 29 -1.65 43.71 2.04
N ALA D 30 -0.44 44.18 2.33
CA ALA D 30 0.74 43.32 2.24
C ALA D 30 0.93 42.53 3.54
N PHE D 31 1.35 41.28 3.42
CA PHE D 31 1.56 40.42 4.59
C PHE D 31 2.89 39.69 4.46
N THR D 32 3.76 39.94 5.43
CA THR D 32 5.07 39.32 5.45
C THR D 32 5.18 38.48 6.72
N ALA D 33 5.71 37.28 6.59
CA ALA D 33 5.83 36.39 7.73
C ALA D 33 7.26 35.94 7.98
N ASP D 34 7.65 36.01 9.24
CA ASP D 34 8.98 35.55 9.64
C ASP D 34 8.80 34.08 9.98
N ILE D 35 9.41 33.23 9.17
CA ILE D 35 9.37 31.79 9.39
C ILE D 35 10.80 31.27 9.33
N GLY D 36 11.75 32.16 9.62
CA GLY D 36 13.15 31.77 9.64
C GLY D 36 13.98 32.03 8.40
N GLN D 37 13.64 33.06 7.63
CA GLN D 37 14.42 33.34 6.42
C GLN D 37 15.69 34.13 6.73
N GLY D 38 15.80 34.63 7.95
CA GLY D 38 16.96 35.43 8.31
C GLY D 38 16.79 36.77 7.61
N GLU D 39 15.70 37.43 7.93
CA GLU D 39 15.36 38.71 7.32
C GLU D 39 14.58 39.54 8.32
N GLU D 40 14.69 40.85 8.21
CA GLU D 40 13.95 41.71 9.12
C GLU D 40 12.62 42.01 8.40
N VAL D 41 11.58 41.29 8.81
CA VAL D 41 10.27 41.45 8.21
C VAL D 41 9.72 42.88 8.31
N GLU D 42 10.13 43.60 9.35
CA GLU D 42 9.65 44.97 9.48
C GLU D 42 10.23 45.85 8.38
N GLU D 43 11.33 45.41 7.79
CA GLU D 43 11.93 46.17 6.70
C GLU D 43 11.07 45.93 5.46
N ALA D 44 10.54 44.71 5.34
CA ALA D 44 9.68 44.41 4.19
C ALA D 44 8.33 45.08 4.40
N ARG D 45 7.87 45.12 5.65
CA ARG D 45 6.58 45.74 5.95
C ARG D 45 6.61 47.22 5.60
N GLU D 46 7.71 47.89 5.95
CA GLU D 46 7.86 49.32 5.68
C GLU D 46 8.02 49.56 4.19
N LYS D 47 8.81 48.71 3.53
CA LYS D 47 8.99 48.86 2.09
C LYS D 47 7.63 48.63 1.41
N ALA D 48 6.80 47.76 2.00
CA ALA D 48 5.49 47.49 1.45
C ALA D 48 4.66 48.77 1.48
N LEU D 49 4.68 49.45 2.61
CA LEU D 49 3.93 50.70 2.77
C LEU D 49 4.38 51.77 1.79
N ARG D 50 5.65 51.74 1.42
CA ARG D 50 6.21 52.69 0.47
C ARG D 50 5.88 52.32 -0.96
N THR D 51 5.82 51.01 -1.24
CA THR D 51 5.51 50.55 -2.58
C THR D 51 4.04 50.77 -2.90
N GLY D 52 3.27 51.22 -1.91
CA GLY D 52 1.88 51.50 -2.16
C GLY D 52 0.83 50.77 -1.35
N ALA D 53 1.22 49.77 -0.56
CA ALA D 53 0.25 49.03 0.23
C ALA D 53 -0.60 49.98 1.09
N SER D 54 -1.86 49.61 1.33
CA SER D 54 -2.74 50.45 2.15
C SER D 54 -2.53 50.06 3.61
N LYS D 55 -2.00 48.87 3.80
CA LYS D 55 -1.72 48.32 5.12
C LYS D 55 -0.69 47.21 4.96
N ALA D 56 0.16 47.02 5.97
CA ALA D 56 1.19 46.00 5.90
C ALA D 56 1.36 45.33 7.25
N ILE D 57 1.19 44.01 7.27
CA ILE D 57 1.32 43.22 8.47
C ILE D 57 2.58 42.39 8.44
N ALA D 58 3.23 42.24 9.59
CA ALA D 58 4.44 41.43 9.71
C ALA D 58 4.29 40.62 11.00
N LEU D 59 4.21 39.31 10.86
CA LEU D 59 4.04 38.45 12.02
C LEU D 59 5.23 37.52 12.21
N ASP D 60 5.49 37.15 13.45
CA ASP D 60 6.56 36.22 13.80
C ASP D 60 5.87 34.85 13.84
N LEU D 61 6.14 33.99 12.88
CA LEU D 61 5.47 32.70 12.87
C LEU D 61 6.38 31.49 13.03
N LYS D 62 7.60 31.69 13.51
CA LYS D 62 8.52 30.58 13.68
C LYS D 62 7.96 29.43 14.52
N GLU D 63 7.43 29.74 15.69
CA GLU D 63 6.88 28.72 16.57
C GLU D 63 5.71 27.98 15.93
N GLU D 64 4.75 28.72 15.37
CA GLU D 64 3.60 28.07 14.73
C GLU D 64 4.07 27.18 13.58
N PHE D 65 4.98 27.70 12.75
CA PHE D 65 5.50 26.93 11.64
C PHE D 65 6.00 25.57 12.12
N VAL D 66 7.00 25.58 13.00
CA VAL D 66 7.57 24.35 13.53
C VAL D 66 6.59 23.49 14.30
N ARG D 67 5.85 24.09 15.22
CA ARG D 67 4.91 23.35 16.06
C ARG D 67 3.74 22.72 15.31
N ASP D 68 3.02 23.52 14.52
CA ASP D 68 1.85 23.03 13.80
C ASP D 68 2.07 22.49 12.40
N PHE D 69 3.29 22.60 11.88
CA PHE D 69 3.53 22.12 10.53
C PHE D 69 4.71 21.18 10.39
N VAL D 70 5.90 21.67 10.71
CA VAL D 70 7.09 20.84 10.61
C VAL D 70 6.99 19.56 11.46
N PHE D 71 6.67 19.72 12.74
CA PHE D 71 6.56 18.58 13.65
C PHE D 71 5.50 17.54 13.25
N PRO D 72 4.26 17.98 12.99
CA PRO D 72 3.24 17.01 12.59
C PRO D 72 3.72 16.21 11.37
N MET D 73 4.36 16.90 10.44
CA MET D 73 4.87 16.26 9.24
C MET D 73 6.02 15.30 9.54
N MET D 74 6.89 15.67 10.46
CA MET D 74 8.03 14.82 10.80
C MET D 74 7.62 13.51 11.45
N ARG D 75 6.57 13.53 12.27
CA ARG D 75 6.09 12.33 12.95
C ARG D 75 5.72 11.26 11.95
N ALA D 76 5.35 11.69 10.74
CA ALA D 76 4.97 10.77 9.69
C ALA D 76 6.17 10.16 8.99
N GLY D 77 7.35 10.74 9.23
CA GLY D 77 8.56 10.26 8.60
C GLY D 77 8.50 10.57 7.12
N ALA D 78 7.92 11.72 6.78
CA ALA D 78 7.74 12.14 5.39
C ALA D 78 9.00 12.53 4.62
N VAL D 79 9.20 11.89 3.48
CA VAL D 79 10.33 12.17 2.61
C VAL D 79 9.86 11.96 1.17
N TYR D 80 9.97 13.02 0.36
CA TYR D 80 9.53 12.92 -1.02
C TYR D 80 10.60 12.34 -1.91
N GLU D 81 10.23 11.32 -2.68
CA GLU D 81 11.09 10.65 -3.63
C GLU D 81 12.52 10.38 -3.16
N GLY D 82 12.65 9.74 -2.02
CA GLY D 82 13.96 9.39 -1.51
C GLY D 82 14.78 10.39 -0.72
N TYR D 83 14.74 11.68 -1.06
CA TYR D 83 15.57 12.64 -0.35
C TYR D 83 14.99 14.00 0.03
N TYR D 84 13.85 14.40 -0.52
CA TYR D 84 13.34 15.72 -0.20
C TYR D 84 12.57 15.80 1.11
N LEU D 85 13.05 16.62 2.03
CA LEU D 85 12.43 16.77 3.33
C LEU D 85 11.31 17.79 3.39
N LEU D 86 10.81 18.16 2.21
CA LEU D 86 9.67 19.07 2.08
C LEU D 86 9.76 20.42 2.77
N GLY D 87 10.95 21.00 2.78
CA GLY D 87 11.14 22.31 3.40
C GLY D 87 10.22 23.41 2.91
N THR D 88 10.01 23.50 1.61
CA THR D 88 9.15 24.53 1.05
C THR D 88 7.68 24.12 1.13
N SER D 89 7.40 22.84 0.96
CA SER D 89 6.03 22.35 0.98
C SER D 89 5.22 22.62 2.27
N ILE D 90 5.76 22.31 3.44
CA ILE D 90 5.01 22.56 4.67
C ILE D 90 4.87 24.02 5.03
N ALA D 91 5.67 24.88 4.41
CA ALA D 91 5.61 26.32 4.70
C ALA D 91 4.39 27.02 4.08
N ARG D 92 4.16 26.78 2.80
CA ARG D 92 3.05 27.39 2.06
C ARG D 92 1.69 27.33 2.74
N PRO D 93 1.29 26.16 3.27
CA PRO D 93 -0.02 26.04 3.95
C PRO D 93 -0.21 27.09 5.04
N LEU D 94 0.82 27.26 5.86
CA LEU D 94 0.81 28.21 6.98
C LEU D 94 0.54 29.64 6.50
N ILE D 95 1.24 30.04 5.45
CA ILE D 95 1.10 31.36 4.88
C ILE D 95 -0.29 31.59 4.27
N ALA D 96 -0.79 30.62 3.52
CA ALA D 96 -2.09 30.75 2.91
C ALA D 96 -3.14 30.87 4.01
N LYS D 97 -2.93 30.12 5.09
CA LYS D 97 -3.83 30.15 6.23
C LYS D 97 -3.95 31.57 6.74
N HIS D 98 -2.82 32.26 6.82
CA HIS D 98 -2.81 33.62 7.30
C HIS D 98 -3.37 34.64 6.29
N LEU D 99 -3.11 34.45 5.00
CA LEU D 99 -3.64 35.36 3.99
C LEU D 99 -5.15 35.38 4.06
N VAL D 100 -5.73 34.19 4.22
CA VAL D 100 -7.18 34.04 4.27
C VAL D 100 -7.78 34.59 5.57
N ARG D 101 -7.05 34.45 6.67
CA ARG D 101 -7.53 34.95 7.96
C ARG D 101 -7.52 36.47 7.91
N ILE D 102 -6.45 37.02 7.34
CA ILE D 102 -6.30 38.46 7.20
C ILE D 102 -7.40 39.06 6.32
N ALA D 103 -7.60 38.46 5.15
CA ALA D 103 -8.63 38.91 4.22
C ALA D 103 -9.97 38.89 4.92
N GLU D 104 -10.19 37.85 5.69
CA GLU D 104 -11.43 37.65 6.44
C GLU D 104 -11.59 38.83 7.39
N GLU D 105 -10.51 39.19 8.05
CA GLU D 105 -10.52 40.27 9.02
C GLU D 105 -10.58 41.65 8.39
N GLU D 106 -9.91 41.80 7.25
CA GLU D 106 -9.89 43.08 6.54
C GLU D 106 -11.08 43.28 5.62
N GLY D 107 -11.88 42.23 5.43
CA GLY D 107 -13.00 42.34 4.52
C GLY D 107 -12.49 42.38 3.09
N ALA D 108 -11.49 41.54 2.80
CA ALA D 108 -10.91 41.47 1.47
C ALA D 108 -11.50 40.26 0.77
N GLU D 109 -11.81 40.40 -0.51
CA GLU D 109 -12.39 39.28 -1.23
C GLU D 109 -11.31 38.43 -1.88
N ALA D 110 -10.13 39.02 -2.06
CA ALA D 110 -9.05 38.28 -2.70
C ALA D 110 -7.71 38.29 -1.98
N ILE D 111 -6.90 37.29 -2.31
CA ILE D 111 -5.57 37.17 -1.77
C ILE D 111 -4.70 36.94 -3.00
N ALA D 112 -3.43 37.29 -2.91
CA ALA D 112 -2.52 37.12 -4.03
C ALA D 112 -1.18 36.54 -3.56
N HIS D 113 -0.49 35.88 -4.47
CA HIS D 113 0.81 35.29 -4.17
C HIS D 113 1.70 35.45 -5.39
N GLY D 114 3.01 35.40 -5.18
CA GLY D 114 3.94 35.56 -6.28
C GLY D 114 4.53 34.28 -6.82
N ALA D 115 3.82 33.17 -6.71
CA ALA D 115 4.33 31.89 -7.22
C ALA D 115 4.02 31.82 -8.72
N THR D 116 4.95 31.31 -9.52
CA THR D 116 4.74 31.22 -10.97
C THR D 116 3.73 30.15 -11.39
N GLY D 117 3.43 30.13 -12.69
CA GLY D 117 2.48 29.17 -13.22
C GLY D 117 3.06 27.78 -13.46
N LYS D 118 4.38 27.68 -13.43
CA LYS D 118 5.04 26.39 -13.68
C LYS D 118 5.42 25.59 -12.43
N GLY D 119 5.10 26.10 -11.24
CA GLY D 119 5.50 25.40 -10.04
C GLY D 119 4.42 24.77 -9.17
N ASN D 120 4.86 24.20 -8.05
CA ASN D 120 3.99 23.55 -7.09
C ASN D 120 3.40 24.57 -6.14
N ASP D 121 4.16 25.64 -5.84
CA ASP D 121 3.70 26.65 -4.90
C ASP D 121 2.34 27.28 -5.17
N GLN D 122 2.01 27.53 -6.44
CA GLN D 122 0.72 28.11 -6.79
C GLN D 122 -0.39 27.18 -6.27
N VAL D 123 -0.20 25.89 -6.53
CA VAL D 123 -1.14 24.86 -6.11
C VAL D 123 -1.20 24.78 -4.59
N ARG D 124 -0.04 24.86 -3.95
CA ARG D 124 -0.01 24.80 -2.49
C ARG D 124 -0.74 26.00 -1.89
N PHE D 125 -0.44 27.21 -2.34
CA PHE D 125 -1.12 28.41 -1.84
C PHE D 125 -2.62 28.28 -2.03
N GLU D 126 -3.02 28.04 -3.27
CA GLU D 126 -4.41 27.96 -3.66
C GLU D 126 -5.22 26.80 -3.09
N LEU D 127 -4.69 25.58 -3.13
CA LEU D 127 -5.42 24.46 -2.56
C LEU D 127 -5.74 24.72 -1.10
N THR D 128 -4.82 25.31 -0.34
CA THR D 128 -5.14 25.59 1.05
C THR D 128 -6.05 26.81 1.18
N ALA D 129 -5.91 27.79 0.27
CA ALA D 129 -6.79 28.96 0.34
C ALA D 129 -8.25 28.54 0.14
N TYR D 130 -8.53 27.81 -0.94
CA TYR D 130 -9.89 27.35 -1.22
C TYR D 130 -10.41 26.38 -0.16
N ALA D 131 -9.52 25.58 0.42
CA ALA D 131 -9.93 24.62 1.44
C ALA D 131 -10.37 25.31 2.73
N LEU D 132 -9.75 26.44 3.05
CA LEU D 132 -10.10 27.17 4.26
C LEU D 132 -11.24 28.15 4.05
N LYS D 133 -11.26 28.82 2.90
CA LYS D 133 -12.32 29.78 2.58
C LYS D 133 -12.72 29.50 1.13
N PRO D 134 -13.72 28.66 0.92
CA PRO D 134 -14.22 28.28 -0.41
C PRO D 134 -14.63 29.40 -1.38
N ASP D 135 -15.11 30.53 -0.87
CA ASP D 135 -15.52 31.61 -1.76
C ASP D 135 -14.46 32.67 -2.00
N ILE D 136 -13.26 32.45 -1.46
CA ILE D 136 -12.17 33.39 -1.62
C ILE D 136 -11.73 33.46 -3.09
N LYS D 137 -11.34 34.63 -3.54
CA LYS D 137 -10.86 34.79 -4.91
C LYS D 137 -9.34 34.81 -4.83
N VAL D 138 -8.67 34.18 -5.79
CA VAL D 138 -7.23 34.13 -5.81
C VAL D 138 -6.62 34.73 -7.06
N ILE D 139 -5.71 35.68 -6.89
CA ILE D 139 -5.05 36.31 -8.01
C ILE D 139 -3.62 35.84 -8.06
N ALA D 140 -3.20 35.34 -9.23
CA ALA D 140 -1.83 34.87 -9.39
C ALA D 140 -1.23 35.68 -10.52
N PRO D 141 -0.70 36.87 -10.18
CA PRO D 141 -0.09 37.76 -11.17
C PRO D 141 0.79 37.08 -12.22
N TRP D 142 1.58 36.09 -11.82
CA TRP D 142 2.45 35.41 -12.79
C TRP D 142 1.69 34.72 -13.92
N ARG D 143 0.48 34.26 -13.66
CA ARG D 143 -0.30 33.60 -14.69
C ARG D 143 -1.16 34.59 -15.49
N GLU D 144 -1.29 35.83 -15.01
CA GLU D 144 -2.11 36.82 -15.69
C GLU D 144 -1.41 37.90 -16.52
N TRP D 145 -0.23 38.34 -16.09
CA TRP D 145 0.45 39.42 -16.79
C TRP D 145 1.14 39.18 -18.13
N SER D 146 1.61 40.27 -18.74
CA SER D 146 2.25 40.24 -20.04
C SER D 146 3.78 40.30 -20.11
N PHE D 147 4.43 40.63 -19.00
CA PHE D 147 5.88 40.69 -19.02
C PHE D 147 6.38 39.48 -19.77
N GLN D 148 7.24 39.68 -20.76
CA GLN D 148 7.80 38.56 -21.51
C GLN D 148 9.29 38.54 -21.23
N GLY D 149 9.66 38.34 -19.98
CA GLY D 149 11.07 38.31 -19.64
C GLY D 149 11.50 39.33 -18.60
N ARG D 150 12.65 39.04 -17.98
CA ARG D 150 13.24 39.89 -16.94
C ARG D 150 13.32 41.36 -17.32
N LYS D 151 14.02 41.63 -18.43
CA LYS D 151 14.21 43.00 -18.93
C LYS D 151 12.96 43.87 -18.80
N GLU D 152 11.83 43.38 -19.32
CA GLU D 152 10.56 44.11 -19.25
C GLU D 152 10.20 44.42 -17.81
N MET D 153 10.42 43.45 -16.93
CA MET D 153 10.11 43.60 -15.51
C MET D 153 10.97 44.64 -14.79
N ILE D 154 12.27 44.69 -15.12
CA ILE D 154 13.14 45.68 -14.48
C ILE D 154 12.61 47.07 -14.85
N ALA D 155 12.30 47.24 -16.13
CA ALA D 155 11.79 48.50 -16.68
C ALA D 155 10.52 48.95 -16.00
N TYR D 156 9.59 48.02 -15.82
CA TYR D 156 8.32 48.32 -15.16
C TYR D 156 8.59 48.79 -13.73
N ALA D 157 9.63 48.21 -13.13
CA ALA D 157 10.02 48.56 -11.76
C ALA D 157 10.50 50.02 -11.76
N GLU D 158 11.53 50.28 -12.56
CA GLU D 158 12.08 51.64 -12.67
C GLU D 158 10.93 52.58 -13.00
N ALA D 159 10.13 52.23 -14.01
CA ALA D 159 8.99 53.08 -14.38
C ALA D 159 8.19 53.44 -13.14
N HIS D 160 8.09 52.50 -12.19
CA HIS D 160 7.33 52.74 -10.97
C HIS D 160 8.25 53.07 -9.80
N GLY D 161 9.52 53.33 -10.11
CA GLY D 161 10.48 53.67 -9.10
C GLY D 161 10.57 52.64 -8.00
N ILE D 162 11.04 51.45 -8.33
CA ILE D 162 11.19 50.36 -7.37
C ILE D 162 12.64 49.90 -7.32
N PRO D 163 13.23 49.87 -6.11
CA PRO D 163 14.62 49.45 -5.91
C PRO D 163 14.96 48.21 -6.74
N VAL D 164 16.15 48.20 -7.36
CA VAL D 164 16.57 47.08 -8.21
C VAL D 164 18.07 46.77 -8.10
N PRO D 165 18.45 45.48 -8.09
CA PRO D 165 19.83 44.98 -8.00
C PRO D 165 20.82 45.62 -8.99
N PRO D 171 21.23 33.75 -11.51
CA PRO D 171 22.16 32.61 -11.22
C PRO D 171 21.32 31.38 -10.85
N TYR D 172 20.37 31.60 -9.94
CA TYR D 172 19.43 30.58 -9.46
C TYR D 172 18.59 31.29 -8.40
N SER D 173 17.38 30.78 -8.16
CA SER D 173 16.52 31.39 -7.15
C SER D 173 16.46 30.50 -5.92
N MET D 174 16.03 31.05 -4.79
CA MET D 174 16.00 30.27 -3.58
C MET D 174 14.89 30.60 -2.63
N ASP D 175 14.51 29.61 -1.84
CA ASP D 175 13.46 29.76 -0.85
C ASP D 175 14.07 29.33 0.49
N ALA D 176 13.82 30.11 1.54
CA ALA D 176 14.40 29.80 2.85
C ALA D 176 13.45 29.94 4.02
N ASN D 177 13.64 29.10 5.02
CA ASN D 177 12.85 29.15 6.24
C ASN D 177 13.58 28.30 7.30
N LEU D 178 13.05 28.27 8.52
CA LEU D 178 13.68 27.52 9.59
C LEU D 178 14.07 26.08 9.24
N LEU D 179 13.33 25.46 8.33
CA LEU D 179 13.60 24.07 7.94
C LEU D 179 14.67 23.89 6.88
N HIS D 180 14.81 24.83 5.97
CA HIS D 180 15.80 24.67 4.92
C HIS D 180 15.91 25.85 3.95
N ILE D 181 16.77 25.67 2.98
CA ILE D 181 16.96 26.62 1.92
C ILE D 181 16.97 25.77 0.65
N SER D 182 16.22 26.18 -0.36
CA SER D 182 16.18 25.44 -1.62
C SER D 182 16.78 26.32 -2.69
N TYR D 183 17.46 25.70 -3.65
CA TYR D 183 18.07 26.42 -4.75
C TYR D 183 17.62 25.75 -6.05
N GLU D 184 17.13 26.57 -6.98
CA GLU D 184 16.63 26.06 -8.25
C GLU D 184 16.82 27.10 -9.36
N GLY D 185 16.78 26.63 -10.60
CA GLY D 185 16.93 27.52 -11.74
C GLY D 185 18.39 27.84 -12.07
N GLY D 186 18.58 28.75 -13.01
CA GLY D 186 19.93 29.14 -13.39
C GLY D 186 20.79 27.95 -13.77
N VAL D 187 22.07 28.00 -13.43
CA VAL D 187 23.01 26.91 -13.75
C VAL D 187 22.54 25.55 -13.25
N LEU D 188 21.61 25.55 -12.31
CA LEU D 188 21.09 24.32 -11.74
C LEU D 188 20.19 23.50 -12.69
N GLU D 189 19.69 24.13 -13.75
CA GLU D 189 18.79 23.44 -14.69
C GLU D 189 19.46 22.32 -15.49
N ASP D 190 20.80 22.28 -15.50
CA ASP D 190 21.51 21.22 -16.20
C ASP D 190 21.80 20.11 -15.18
N PRO D 191 20.95 19.07 -15.16
CA PRO D 191 21.11 17.95 -14.22
C PRO D 191 22.47 17.26 -14.20
N TRP D 192 23.30 17.56 -15.18
CA TRP D 192 24.62 16.95 -15.23
C TRP D 192 25.63 17.92 -14.64
N ALA D 193 25.16 19.11 -14.28
CA ALA D 193 25.99 20.15 -13.72
C ALA D 193 25.88 20.20 -12.19
N GLU D 194 27.04 20.19 -11.54
CA GLU D 194 27.13 20.23 -10.08
C GLU D 194 26.89 21.63 -9.53
N PRO D 195 26.17 21.76 -8.40
CA PRO D 195 25.91 23.07 -7.83
C PRO D 195 27.23 23.82 -7.67
N PRO D 196 27.26 25.09 -8.12
CA PRO D 196 28.47 25.91 -8.03
C PRO D 196 29.06 26.07 -6.63
N LYS D 197 30.37 26.30 -6.58
CA LYS D 197 31.07 26.47 -5.31
C LYS D 197 30.53 27.68 -4.55
N GLY D 198 30.30 27.52 -3.26
CA GLY D 198 29.81 28.65 -2.46
C GLY D 198 28.37 29.05 -2.62
N MET D 199 27.54 28.14 -3.13
CA MET D 199 26.12 28.43 -3.31
C MET D 199 25.39 28.34 -1.97
N PHE D 200 25.73 27.32 -1.18
CA PHE D 200 25.09 27.09 0.11
C PHE D 200 25.27 28.21 1.12
N ARG D 201 24.21 28.45 1.87
CA ARG D 201 24.21 29.51 2.86
C ARG D 201 23.90 29.02 4.28
N MET D 202 23.04 28.01 4.40
CA MET D 202 22.67 27.51 5.73
C MET D 202 23.68 26.55 6.33
N THR D 203 24.33 25.76 5.49
CA THR D 203 25.32 24.82 6.00
C THR D 203 26.71 25.22 5.54
N GLN D 204 27.71 24.88 6.34
CA GLN D 204 29.07 25.19 5.99
C GLN D 204 29.56 24.11 5.05
N ASP D 205 30.61 24.43 4.30
CA ASP D 205 31.18 23.49 3.37
C ASP D 205 31.87 22.35 4.09
N PRO D 206 31.42 21.10 3.88
CA PRO D 206 32.05 19.97 4.55
C PRO D 206 33.58 20.06 4.53
N GLU D 207 34.14 20.48 3.40
CA GLU D 207 35.59 20.61 3.25
C GLU D 207 36.17 21.61 4.26
N GLU D 208 35.30 22.44 4.83
CA GLU D 208 35.71 23.45 5.79
C GLU D 208 35.07 23.14 7.14
N ALA D 209 34.56 21.93 7.31
CA ALA D 209 33.94 21.55 8.57
C ALA D 209 35.00 21.11 9.57
N PRO D 210 34.69 21.22 10.87
CA PRO D 210 35.59 20.84 11.96
C PRO D 210 36.23 19.46 11.78
N ASP D 211 37.50 19.33 12.18
CA ASP D 211 38.24 18.07 12.06
C ASP D 211 37.91 17.08 13.16
N ALA D 212 37.17 17.53 14.17
CA ALA D 212 36.77 16.66 15.25
C ALA D 212 35.26 16.46 15.21
N PRO D 213 34.80 15.21 15.24
CA PRO D 213 33.36 14.95 15.22
C PRO D 213 32.74 15.61 16.43
N GLU D 214 31.45 15.93 16.33
CA GLU D 214 30.74 16.51 17.46
C GLU D 214 29.55 15.60 17.69
N TYR D 215 29.28 15.28 18.95
CA TYR D 215 28.16 14.43 19.28
C TYR D 215 27.00 15.29 19.73
N VAL D 216 25.79 14.83 19.44
CA VAL D 216 24.61 15.55 19.83
C VAL D 216 23.57 14.53 20.24
N GLU D 217 22.71 14.94 21.18
CA GLU D 217 21.67 14.08 21.68
C GLU D 217 20.36 14.83 21.60
N VAL D 218 19.33 14.13 21.11
CA VAL D 218 18.02 14.72 20.98
C VAL D 218 17.05 13.82 21.72
N GLU D 219 16.21 14.43 22.54
CA GLU D 219 15.21 13.70 23.30
C GLU D 219 13.86 13.88 22.62
N PHE D 220 13.10 12.79 22.54
CA PHE D 220 11.77 12.87 21.95
C PHE D 220 10.83 12.49 23.06
N PHE D 221 9.75 13.24 23.22
CA PHE D 221 8.81 12.89 24.27
C PHE D 221 7.58 12.86 23.37
N GLU D 222 6.92 11.72 23.23
CA GLU D 222 5.73 11.75 22.37
C GLU D 222 5.61 11.93 20.88
N GLY D 223 6.73 11.76 20.19
CA GLY D 223 6.76 11.91 18.75
C GLY D 223 7.48 13.20 18.35
N ASP D 224 7.63 14.12 19.30
CA ASP D 224 8.30 15.39 19.02
C ASP D 224 9.57 15.63 19.82
N PRO D 225 10.57 16.26 19.19
CA PRO D 225 11.84 16.55 19.87
C PRO D 225 11.60 17.67 20.89
N VAL D 226 11.97 17.43 22.14
CA VAL D 226 11.74 18.41 23.20
C VAL D 226 13.01 19.02 23.82
N ALA D 227 14.16 18.38 23.62
CA ALA D 227 15.41 18.88 24.18
C ALA D 227 16.61 18.48 23.35
N VAL D 228 17.67 19.29 23.41
CA VAL D 228 18.92 19.03 22.70
C VAL D 228 20.08 19.10 23.70
N ASN D 229 20.80 17.98 23.85
CA ASN D 229 21.91 17.88 24.78
C ASN D 229 21.47 18.26 26.19
N GLY D 230 20.28 17.79 26.58
CA GLY D 230 19.79 18.08 27.92
C GLY D 230 19.01 19.37 28.11
N GLU D 231 19.24 20.36 27.25
CA GLU D 231 18.52 21.61 27.37
C GLU D 231 17.17 21.56 26.67
N ARG D 232 16.10 21.76 27.42
CA ARG D 232 14.75 21.75 26.88
C ARG D 232 14.59 23.00 26.02
N LEU D 233 14.13 22.80 24.78
CA LEU D 233 13.94 23.92 23.85
C LEU D 233 12.57 23.88 23.20
N SER D 234 12.02 25.07 22.93
CA SER D 234 10.72 25.15 22.27
C SER D 234 10.92 24.68 20.83
N PRO D 235 9.84 24.26 20.17
CA PRO D 235 9.94 23.78 18.79
C PRO D 235 10.80 24.64 17.84
N ALA D 236 10.50 25.92 17.72
CA ALA D 236 11.28 26.77 16.83
C ALA D 236 12.71 26.96 17.36
N ALA D 237 12.84 27.01 18.69
CA ALA D 237 14.15 27.17 19.33
C ALA D 237 14.98 25.89 19.10
N LEU D 238 14.33 24.74 19.22
CA LEU D 238 15.03 23.47 19.04
C LEU D 238 15.50 23.28 17.59
N LEU D 239 14.69 23.66 16.61
CA LEU D 239 15.09 23.52 15.21
C LEU D 239 16.27 24.46 14.94
N GLN D 240 16.18 25.67 15.47
CA GLN D 240 17.24 26.66 15.30
C GLN D 240 18.57 26.08 15.81
N ARG D 241 18.56 25.56 17.04
CA ARG D 241 19.77 24.98 17.64
C ARG D 241 20.36 23.89 16.75
N LEU D 242 19.55 22.95 16.31
CA LEU D 242 20.03 21.88 15.45
C LEU D 242 20.51 22.36 14.07
N ASN D 243 20.08 23.55 13.65
CA ASN D 243 20.54 24.10 12.38
C ASN D 243 21.98 24.59 12.62
N GLU D 244 22.18 25.24 13.76
CA GLU D 244 23.52 25.74 14.12
C GLU D 244 24.51 24.60 14.22
N ILE D 245 24.19 23.61 15.05
CA ILE D 245 25.07 22.47 15.24
C ILE D 245 25.33 21.70 13.94
N GLY D 246 24.27 21.43 13.19
CA GLY D 246 24.43 20.70 11.95
C GLY D 246 25.05 21.50 10.84
N GLY D 247 24.61 22.75 10.72
CA GLY D 247 25.14 23.62 9.68
C GLY D 247 26.64 23.72 9.78
N ARG D 248 27.12 23.91 11.00
CA ARG D 248 28.56 24.01 11.25
C ARG D 248 29.29 22.82 10.67
N HIS D 249 28.65 21.66 10.66
CA HIS D 249 29.30 20.46 10.11
C HIS D 249 28.93 20.17 8.67
N GLY D 250 28.15 21.07 8.07
CA GLY D 250 27.75 20.92 6.67
C GLY D 250 26.80 19.76 6.39
N VAL D 251 25.95 19.46 7.37
CA VAL D 251 25.00 18.36 7.25
C VAL D 251 23.69 18.72 6.53
N GLY D 252 23.11 17.73 5.87
CA GLY D 252 21.83 17.90 5.20
C GLY D 252 21.73 18.45 3.79
N ARG D 253 22.66 18.06 2.93
CA ARG D 253 22.66 18.53 1.56
C ARG D 253 22.09 17.50 0.60
N VAL D 254 21.10 17.92 -0.19
CA VAL D 254 20.44 17.05 -1.14
C VAL D 254 20.42 17.69 -2.53
N ASP D 255 20.70 16.88 -3.55
CA ASP D 255 20.73 17.32 -4.95
C ASP D 255 19.85 16.34 -5.74
N ILE D 256 18.64 16.76 -6.07
CA ILE D 256 17.70 15.87 -6.76
C ILE D 256 16.92 16.43 -7.96
N VAL D 257 16.53 15.54 -8.86
CA VAL D 257 15.68 15.92 -9.98
C VAL D 257 14.33 15.40 -9.50
N GLU D 258 13.42 16.30 -9.17
CA GLU D 258 12.11 15.90 -8.67
C GLU D 258 10.98 16.00 -9.68
N ASN D 259 9.87 15.32 -9.41
CA ASN D 259 8.69 15.36 -10.26
C ASN D 259 7.70 16.34 -9.70
N ARG D 260 7.44 17.44 -10.42
CA ARG D 260 6.47 18.42 -9.95
C ARG D 260 5.04 17.88 -10.14
N PHE D 261 4.12 18.39 -9.35
CA PHE D 261 2.72 17.97 -9.43
C PHE D 261 2.11 18.42 -10.75
N VAL D 262 2.65 19.51 -11.27
CA VAL D 262 2.17 20.10 -12.49
C VAL D 262 2.59 19.36 -13.76
N GLY D 263 3.29 18.24 -13.60
CA GLY D 263 3.65 17.47 -14.77
C GLY D 263 5.09 17.30 -15.21
N MET D 264 6.00 18.22 -14.87
CA MET D 264 7.39 18.05 -15.31
C MET D 264 8.46 17.88 -14.25
N LYS D 265 9.63 17.46 -14.70
CA LYS D 265 10.78 17.24 -13.84
C LYS D 265 11.57 18.53 -13.60
N SER D 266 12.09 18.68 -12.37
CA SER D 266 12.85 19.86 -11.98
C SER D 266 14.07 19.51 -11.12
N ARG D 267 15.20 20.15 -11.41
CA ARG D 267 16.44 19.91 -10.67
C ARG D 267 16.53 20.80 -9.43
N GLY D 268 16.51 20.17 -8.26
CA GLY D 268 16.58 20.93 -7.02
C GLY D 268 17.72 20.56 -6.09
N VAL D 269 18.16 21.55 -5.32
CA VAL D 269 19.24 21.36 -4.36
C VAL D 269 18.72 21.88 -3.04
N TYR D 270 18.82 21.07 -1.99
CA TYR D 270 18.33 21.48 -0.70
C TYR D 270 19.33 21.25 0.44
N GLU D 271 19.25 22.11 1.46
CA GLU D 271 20.11 21.97 2.63
C GLU D 271 19.17 22.07 3.84
N THR D 272 19.10 20.96 4.58
CA THR D 272 18.24 20.84 5.75
C THR D 272 19.01 20.24 6.92
N PRO D 273 19.96 21.01 7.49
CA PRO D 273 20.80 20.58 8.62
C PRO D 273 20.05 20.04 9.83
N GLY D 274 19.29 20.88 10.51
CA GLY D 274 18.54 20.43 11.66
C GLY D 274 17.51 19.36 11.32
N GLY D 275 16.86 19.51 10.17
CA GLY D 275 15.85 18.56 9.76
C GLY D 275 16.44 17.18 9.51
N THR D 276 17.65 17.13 8.99
CA THR D 276 18.30 15.86 8.70
C THR D 276 18.76 15.15 9.97
N ILE D 277 19.07 15.94 11.00
CA ILE D 277 19.48 15.36 12.28
C ILE D 277 18.21 14.81 12.95
N LEU D 278 17.14 15.61 12.91
CA LEU D 278 15.87 15.19 13.49
C LEU D 278 15.33 13.94 12.80
N TYR D 279 15.57 13.83 11.51
CA TYR D 279 15.09 12.67 10.76
C TYR D 279 15.69 11.39 11.32
N HIS D 280 17.01 11.34 11.35
CA HIS D 280 17.71 10.16 11.86
C HIS D 280 17.51 9.95 13.37
N ALA D 281 17.48 11.04 14.13
CA ALA D 281 17.29 10.93 15.58
C ALA D 281 15.95 10.26 15.87
N ARG D 282 14.92 10.65 15.14
CA ARG D 282 13.59 10.09 15.30
C ARG D 282 13.55 8.58 15.04
N ARG D 283 14.14 8.15 13.92
CA ARG D 283 14.14 6.74 13.59
C ARG D 283 14.94 5.92 14.59
N ALA D 284 16.00 6.51 15.14
CA ALA D 284 16.83 5.84 16.12
C ALA D 284 15.99 5.52 17.35
N VAL D 285 15.21 6.49 17.80
CA VAL D 285 14.34 6.29 18.94
C VAL D 285 13.21 5.29 18.60
N GLU D 286 12.74 5.31 17.36
CA GLU D 286 11.68 4.41 16.94
C GLU D 286 12.18 2.96 16.89
N SER D 287 13.49 2.80 16.66
CA SER D 287 14.05 1.45 16.59
C SER D 287 13.92 0.71 17.91
N LEU D 288 13.70 1.45 19.00
CA LEU D 288 13.55 0.83 20.30
C LEU D 288 12.10 0.90 20.81
N THR D 289 11.36 1.92 20.37
CA THR D 289 10.01 2.11 20.87
C THR D 289 8.83 1.58 20.05
N LEU D 290 9.04 1.36 18.75
CA LEU D 290 7.95 0.88 17.90
C LEU D 290 7.98 -0.61 17.61
N ASP D 291 6.79 -1.21 17.55
CA ASP D 291 6.66 -2.60 17.23
C ASP D 291 6.98 -2.80 15.75
N ARG D 292 7.60 -3.93 15.43
CA ARG D 292 7.99 -4.28 14.08
C ARG D 292 6.90 -4.07 13.02
N GLU D 293 5.74 -4.71 13.22
CA GLU D 293 4.65 -4.58 12.25
C GLU D 293 4.12 -3.15 12.12
N VAL D 294 4.03 -2.43 13.22
CA VAL D 294 3.56 -1.06 13.16
C VAL D 294 4.52 -0.25 12.30
N LEU D 295 5.82 -0.39 12.58
CA LEU D 295 6.86 0.31 11.84
C LEU D 295 6.81 -0.02 10.35
N HIS D 296 6.66 -1.29 10.03
CA HIS D 296 6.60 -1.70 8.63
C HIS D 296 5.39 -1.09 7.89
N GLN D 297 4.27 -0.98 8.58
CA GLN D 297 3.06 -0.41 7.99
C GLN D 297 3.20 1.10 7.85
N ARG D 298 3.71 1.75 8.89
CA ARG D 298 3.90 3.19 8.89
C ARG D 298 4.81 3.59 7.73
N ASP D 299 5.89 2.83 7.54
CA ASP D 299 6.85 3.12 6.48
C ASP D 299 6.27 3.01 5.07
N MET D 300 5.29 2.13 4.88
CA MET D 300 4.66 1.98 3.58
C MET D 300 3.66 3.09 3.28
N LEU D 301 3.24 3.80 4.32
CA LEU D 301 2.31 4.91 4.16
C LEU D 301 3.04 6.26 4.11
N SER D 302 4.28 6.29 4.59
CA SER D 302 5.06 7.53 4.58
C SER D 302 5.17 8.17 3.20
N PRO D 303 5.48 7.36 2.16
CA PRO D 303 5.59 7.89 0.80
C PRO D 303 4.35 8.67 0.33
N LYS D 304 3.17 8.12 0.62
CA LYS D 304 1.90 8.73 0.24
C LYS D 304 1.71 10.06 0.95
N TYR D 305 1.94 10.06 2.27
CA TYR D 305 1.82 11.28 3.06
C TYR D 305 2.76 12.32 2.47
N ALA D 306 3.95 11.86 2.06
CA ALA D 306 4.96 12.73 1.50
C ALA D 306 4.48 13.44 0.24
N GLU D 307 3.84 12.72 -0.69
CA GLU D 307 3.37 13.38 -1.89
C GLU D 307 2.16 14.26 -1.58
N LEU D 308 1.39 13.91 -0.55
CA LEU D 308 0.24 14.72 -0.19
C LEU D 308 0.74 16.13 0.15
N VAL D 309 1.77 16.18 1.00
CA VAL D 309 2.39 17.43 1.41
C VAL D 309 3.04 18.16 0.22
N TYR D 310 3.80 17.43 -0.58
CA TYR D 310 4.49 18.00 -1.73
C TYR D 310 3.53 18.67 -2.69
N TYR D 311 2.43 17.98 -3.00
CA TYR D 311 1.43 18.50 -3.92
C TYR D 311 0.60 19.66 -3.39
N GLY D 312 0.56 19.83 -2.07
CA GLY D 312 -0.19 20.91 -1.49
C GLY D 312 -1.47 20.52 -0.76
N PHE D 313 -1.68 19.23 -0.52
CA PHE D 313 -2.89 18.79 0.18
C PHE D 313 -2.75 18.70 1.71
N TRP D 314 -2.29 19.79 2.33
CA TRP D 314 -2.13 19.82 3.79
C TRP D 314 -3.49 19.86 4.46
N TYR D 315 -4.34 20.79 4.04
CA TYR D 315 -5.67 20.89 4.62
C TYR D 315 -6.66 20.07 3.80
N ALA D 316 -6.27 18.83 3.51
CA ALA D 316 -7.08 17.92 2.74
C ALA D 316 -7.43 16.78 3.69
N PRO D 317 -8.65 16.26 3.60
CA PRO D 317 -9.06 15.16 4.48
C PRO D 317 -8.17 13.91 4.45
N GLU D 318 -7.49 13.66 3.34
CA GLU D 318 -6.62 12.48 3.20
C GLU D 318 -5.43 12.55 4.12
N ARG D 319 -4.79 13.72 4.14
CA ARG D 319 -3.62 13.94 4.96
C ARG D 319 -4.01 13.93 6.43
N GLU D 320 -5.10 14.61 6.78
CA GLU D 320 -5.56 14.66 8.16
C GLU D 320 -5.97 13.26 8.64
N ALA D 321 -6.36 12.40 7.70
CA ALA D 321 -6.75 11.03 8.04
C ALA D 321 -5.48 10.26 8.35
N LEU D 322 -4.52 10.32 7.43
CA LEU D 322 -3.26 9.65 7.61
C LEU D 322 -2.57 10.17 8.87
N GLN D 323 -2.74 11.47 9.13
CA GLN D 323 -2.12 12.10 10.29
C GLN D 323 -2.60 11.46 11.59
N ALA D 324 -3.85 11.02 11.61
CA ALA D 324 -4.42 10.38 12.79
C ALA D 324 -3.67 9.06 13.04
N TYR D 325 -3.29 8.40 11.96
CA TYR D 325 -2.56 7.16 12.04
C TYR D 325 -1.12 7.42 12.53
N PHE D 326 -0.41 8.32 11.84
CA PHE D 326 0.96 8.62 12.21
C PHE D 326 1.08 9.14 13.64
N ASP D 327 0.15 9.98 14.06
CA ASP D 327 0.17 10.53 15.42
C ASP D 327 -0.01 9.42 16.45
N HIS D 328 -0.90 8.47 16.16
CA HIS D 328 -1.15 7.35 17.06
C HIS D 328 0.15 6.57 17.31
N VAL D 329 0.88 6.30 16.24
CA VAL D 329 2.15 5.59 16.30
C VAL D 329 3.24 6.44 16.96
N ALA D 330 3.34 7.71 16.54
CA ALA D 330 4.35 8.64 17.03
C ALA D 330 4.24 8.89 18.53
N ARG D 331 3.07 8.59 19.10
CA ARG D 331 2.84 8.81 20.50
C ARG D 331 3.81 7.99 21.38
N SER D 332 4.28 6.86 20.85
CA SER D 332 5.20 5.98 21.58
C SER D 332 6.67 6.34 21.40
N VAL D 333 6.96 7.33 20.56
CA VAL D 333 8.36 7.69 20.31
C VAL D 333 8.87 8.60 21.40
N THR D 334 9.31 7.96 22.48
CA THR D 334 9.84 8.62 23.66
C THR D 334 11.22 8.03 24.00
N GLY D 335 12.25 8.87 23.98
CA GLY D 335 13.58 8.38 24.27
C GLY D 335 14.62 9.36 23.80
N VAL D 336 15.88 8.93 23.76
CA VAL D 336 16.96 9.79 23.32
C VAL D 336 17.83 9.17 22.25
N ALA D 337 18.20 9.99 21.29
CA ALA D 337 19.07 9.55 20.20
C ALA D 337 20.43 10.22 20.36
N ARG D 338 21.50 9.50 20.09
CA ARG D 338 22.84 10.06 20.18
C ARG D 338 23.42 9.99 18.78
N LEU D 339 23.75 11.16 18.24
CA LEU D 339 24.29 11.21 16.89
C LEU D 339 25.67 11.84 16.84
N LYS D 340 26.44 11.41 15.86
CA LYS D 340 27.80 11.91 15.66
C LYS D 340 27.91 12.62 14.31
N LEU D 341 28.07 13.94 14.36
CA LEU D 341 28.20 14.77 13.17
C LEU D 341 29.66 14.96 12.74
N TYR D 342 29.95 14.66 11.49
CA TYR D 342 31.30 14.79 10.97
C TYR D 342 31.38 15.00 9.44
N LYS D 343 31.85 16.19 9.06
CA LYS D 343 32.04 16.57 7.67
C LYS D 343 30.93 16.18 6.69
N GLY D 344 29.81 16.89 6.82
CA GLY D 344 28.66 16.66 5.95
C GLY D 344 27.87 15.42 6.23
N ASN D 345 28.21 14.69 7.30
CA ASN D 345 27.48 13.47 7.60
C ASN D 345 26.92 13.38 9.01
N VAL D 346 25.89 12.55 9.16
CA VAL D 346 25.25 12.32 10.44
C VAL D 346 25.28 10.82 10.70
N TYR D 347 25.83 10.42 11.83
CA TYR D 347 25.91 9.00 12.16
C TYR D 347 25.21 8.72 13.47
N VAL D 348 24.25 7.79 13.45
CA VAL D 348 23.55 7.39 14.66
C VAL D 348 24.55 6.48 15.37
N VAL D 349 24.88 6.81 16.62
CA VAL D 349 25.84 6.00 17.38
C VAL D 349 25.25 5.36 18.62
N GLY D 350 24.03 5.74 18.96
CA GLY D 350 23.38 5.18 20.13
C GLY D 350 22.00 5.77 20.36
N ARG D 351 21.16 5.01 21.05
CA ARG D 351 19.81 5.46 21.37
C ARG D 351 19.31 4.69 22.59
N LYS D 352 18.44 5.34 23.36
CA LYS D 352 17.87 4.72 24.54
C LYS D 352 16.44 5.19 24.72
N ALA D 353 15.64 4.40 25.43
CA ALA D 353 14.24 4.76 25.65
C ALA D 353 13.65 4.12 26.90
N PRO D 354 12.87 4.90 27.66
CA PRO D 354 12.21 4.48 28.90
C PRO D 354 11.45 3.17 28.73
N LYS D 355 10.72 3.04 27.62
CA LYS D 355 9.96 1.84 27.38
C LYS D 355 10.43 1.10 26.15
N SER D 356 11.76 1.01 26.03
CA SER D 356 12.37 0.30 24.92
C SER D 356 11.89 -1.14 24.90
N LEU D 357 11.76 -1.70 23.71
CA LEU D 357 11.31 -3.08 23.55
C LEU D 357 12.51 -3.97 23.36
N TYR D 358 13.70 -3.38 23.46
CA TYR D 358 14.95 -4.11 23.30
C TYR D 358 15.40 -4.80 24.58
N ARG D 359 15.95 -6.00 24.43
CA ARG D 359 16.46 -6.78 25.54
C ARG D 359 17.54 -7.73 25.02
N GLN D 360 18.79 -7.46 25.40
CA GLN D 360 19.89 -8.31 24.93
C GLN D 360 19.80 -9.75 25.42
N ASP D 361 18.73 -10.10 26.15
CA ASP D 361 18.58 -11.48 26.65
C ASP D 361 17.92 -12.40 25.61
N LEU D 362 17.08 -11.84 24.75
CA LEU D 362 16.42 -12.64 23.70
C LEU D 362 17.49 -12.91 22.64
N VAL D 363 18.55 -12.11 22.67
CA VAL D 363 19.67 -12.23 21.74
C VAL D 363 20.94 -12.69 22.48
N SER D 364 20.88 -12.70 23.82
CA SER D 364 22.01 -13.12 24.65
C SER D 364 22.29 -14.61 24.44
N GLY D 370 11.32 -15.19 26.09
CA GLY D 370 10.46 -16.39 26.36
C GLY D 370 10.21 -17.22 25.10
N TYR D 371 11.18 -18.02 24.72
CA TYR D 371 11.07 -18.88 23.54
C TYR D 371 12.36 -19.68 23.45
N ASP D 372 12.29 -20.91 22.95
CA ASP D 372 13.49 -21.73 22.83
C ASP D 372 13.71 -22.33 21.44
N GLN D 373 14.80 -23.07 21.29
CA GLN D 373 15.17 -23.68 20.03
C GLN D 373 14.01 -24.34 19.30
N LYS D 374 13.47 -25.40 19.90
CA LYS D 374 12.34 -26.15 19.34
C LYS D 374 11.25 -25.24 18.74
N ASP D 375 10.95 -24.13 19.41
CA ASP D 375 9.92 -23.21 18.93
C ASP D 375 10.25 -22.71 17.52
N ALA D 376 11.50 -22.28 17.34
CA ALA D 376 11.95 -21.79 16.05
C ALA D 376 11.71 -22.81 14.95
N GLU D 377 11.87 -24.09 15.30
CA GLU D 377 11.68 -25.17 14.34
C GLU D 377 10.23 -25.24 13.85
N GLY D 378 9.28 -25.26 14.78
CA GLY D 378 7.88 -25.31 14.42
C GLY D 378 7.47 -24.12 13.58
N PHE D 379 7.99 -22.94 13.93
CA PHE D 379 7.71 -21.71 13.21
C PHE D 379 8.12 -21.89 11.76
N ILE D 380 9.32 -22.42 11.55
CA ILE D 380 9.84 -22.65 10.21
C ILE D 380 8.97 -23.64 9.41
N LYS D 381 8.55 -24.71 10.06
CA LYS D 381 7.72 -25.72 9.42
C LYS D 381 6.42 -25.13 8.91
N ILE D 382 5.72 -24.43 9.79
CA ILE D 382 4.44 -23.80 9.47
C ILE D 382 4.63 -22.79 8.33
N GLN D 383 5.72 -22.04 8.37
CA GLN D 383 5.97 -21.02 7.37
C GLN D 383 6.36 -21.62 6.01
N ALA D 384 6.98 -22.79 6.04
CA ALA D 384 7.43 -23.44 4.83
C ALA D 384 6.37 -24.29 4.13
N LEU D 385 5.31 -24.64 4.84
CA LEU D 385 4.26 -25.46 4.27
C LEU D 385 3.77 -25.05 2.88
N ARG D 386 3.29 -23.80 2.75
CA ARG D 386 2.78 -23.36 1.46
C ARG D 386 3.82 -23.41 0.36
N LEU D 387 5.09 -23.23 0.71
CA LEU D 387 6.14 -23.27 -0.31
C LEU D 387 6.39 -24.71 -0.75
N ARG D 388 6.29 -25.65 0.19
CA ARG D 388 6.51 -27.06 -0.11
C ARG D 388 5.35 -27.60 -0.94
N VAL D 389 4.13 -27.22 -0.58
CA VAL D 389 2.97 -27.67 -1.33
C VAL D 389 3.10 -27.15 -2.77
N ARG D 390 3.64 -25.94 -2.91
CA ARG D 390 3.84 -25.33 -4.22
C ARG D 390 4.82 -26.16 -5.04
N ALA D 391 5.98 -26.45 -4.45
CA ALA D 391 7.01 -27.24 -5.12
C ALA D 391 6.44 -28.60 -5.50
N LEU D 392 5.65 -29.18 -4.62
CA LEU D 392 5.06 -30.48 -4.88
C LEU D 392 4.06 -30.42 -6.02
N VAL D 393 3.21 -29.39 -6.02
CA VAL D 393 2.21 -29.24 -7.05
C VAL D 393 2.85 -28.92 -8.39
N GLU D 394 3.93 -28.13 -8.37
CA GLU D 394 4.63 -27.81 -9.60
C GLU D 394 5.13 -29.17 -10.06
N ARG D 395 4.67 -30.17 -9.32
CA ARG D 395 4.91 -31.59 -9.55
C ARG D 395 6.34 -31.92 -9.83
#